data_7QQR
#
_entry.id   7QQR
#
_cell.length_a   178.637
_cell.length_b   67.027
_cell.length_c   187.803
_cell.angle_alpha   90.000
_cell.angle_beta   111.345
_cell.angle_gamma   90.000
#
_symmetry.space_group_name_H-M   'C 1 2 1'
#
loop_
_entity.id
_entity.type
_entity.pdbx_description
1 polymer 'AAVS1 sgRNA'
2 polymer 'CRISPR-associated endonuclease Cas9/Csn1'
3 polymer 'AAVS1 off-target5 target strand'
4 polymer 'AAVS1 off-target5 non-target strand'
5 non-polymer 'MAGNESIUM ION'
6 non-polymer 'POTASSIUM ION'
7 non-polymer 1,2-ETHANEDIOL
8 water water
#
loop_
_entity_poly.entity_id
_entity_poly.type
_entity_poly.pdbx_seq_one_letter_code
_entity_poly.pdbx_strand_id
1 'polyribonucleotide'
;GGGGGGCCACUAGGGACAGGAUGUUUUAGAGCUAGAAAUAGCAAGUUAAAAUAAGGCUAGUCCGUUAUCAACUUGAAAAA
GUGC
;
A
2 'polypeptide(L)'
;MDKKYSIGLAIGTNSVGWAVITDEYKVPSKKFKVLGNTDRHSIKKNLIGALLFDSGETAEATRLKRTARRRYTRRKNRIC
YLQEIFSNEMAKVDDSFFHRLEESFLVEEDKKHERHPIFGNIVDEVAYHEKYPTIYHLRKKLVDSTDKADLRLIYLALAH
MIKFRGHFLIEGDLNPDNSDVDKLFIQLVQTYNQLFEENPINASGVDAKAILSARLSKSRRLENLIAQLPGEKKNGLFGN
LIALSLGLTPNFKSNFDLAEDAKLQLSKDTYDDDLDNLLAQIGDQYADLFLAAKNLSDAILLSDILRVNTEITKAPLSAS
MIKRYDEHHQDLTLLKALVRQQLPEKYKEIFFDQSKNGYAGYIDGGASQEEFYKFIKPILEKMDGTEELLVKLNREDLLR
KQRTFDNGSIPHQIHLGELHAILRRQEDFYPFLKDNREKIEKILTFRIPYYVGPLARGNSRFAWMTRKSEETITPWNFEE
VVDKGASAQSFIERMTNFDKNLPNEKVLPKHSLLYEYFTVYNELTKVKYVTEGMRKPAFLSGEQKKAIVDLLFKTNRKVT
VKQLKEDYFKKIECFDSVEISGVEDRFNASLGTYHDLLKIIKDKDFLDNEENEDILEDIVLTLTLFEDREMIEERLKTYA
HLFDDKVMKQLKRRRYTGWGRLSRKLINGIRDKQSGKTILDFLKSDGFANRNFMQLIHDDSLTFKEDIQKAQVSGQGDSL
HEHIANLAGSPAIKKGILQTVKVVDELVKVMGRHKPENIVIEMARENQTTQKGQKNSRERMKRIEEGIKELGSQILKEHP
VENTQLQNEKLYLYYLQNGRDMYVDQELDINRLSDYDVDAIVPQSFLKDDSIDNKVLTRSDKNRGKSDNVPSEEVVKKMK
NYWRQLLNAKLITQRKFDNLTKAERGGLSELDKAGFIKRQLVETRQITKHVAQILDSRMNTKYDENDKLIREVKVITLKS
KLVSDFRKDFQFYKVREINNYHHAHDAYLNAVVGTALIKKYPKLESEFVYGDYKVYDVRKMIAKSEQEIGKATAKYFFYS
NIMNFFKTEITLANGEIRKRPLIETNGETGEIVWDKGRDFATVRKVLSMPQVNIVKKTEVQTGGFSKESILPKRNSDKLI
ARKKDWDPKKYGGFDSPTVAYSVLVVAKVEKGKSKKLKSVKELLGITIMERSSFEKNPIDFLEAKGYKEVKKDLIIKLPK
YSLFELENGRKRMLASAGELQKGNELALPSKYVNFLYLASHYEKLKGSPEDNEQKQLFVEQHKHYLDEIIEQISEFSKRV
ILADANLDKVLSAYNKHRDKPIREQAENIIHLFTLTNLGAPAAFKYFDTTIDRKRYTSTKEVLDATLIHQSITGLYETRI
DLSQLGGD
;
B
3 'polydeoxyribonucleotide'
;(DC)(DA)(DA)(DT)(DA)(DC)(DC)(DA)(DG)(DG)(DC)(DC)(DT)(DG)(DT)(DC)(DC)(DC)(DC)(DA)
(DG)(DT)(DG)(DG)(DT)(DC)(DC)(DC)
;
C
4 'polydeoxyribonucleotide' (DG)(DG)(DC)(DC)(DT)(DG)(DG)(DT)(DA)(DT)(DT)(DG) D
#
loop_
_chem_comp.id
_chem_comp.type
_chem_comp.name
_chem_comp.formula
A RNA linking ADENOSINE-5'-MONOPHOSPHATE 'C10 H14 N5 O7 P'
C RNA linking CYTIDINE-5'-MONOPHOSPHATE 'C9 H14 N3 O8 P'
DA DNA linking 2'-DEOXYADENOSINE-5'-MONOPHOSPHATE 'C10 H14 N5 O6 P'
DC DNA linking 2'-DEOXYCYTIDINE-5'-MONOPHOSPHATE 'C9 H14 N3 O7 P'
DG DNA linking 2'-DEOXYGUANOSINE-5'-MONOPHOSPHATE 'C10 H14 N5 O7 P'
DT DNA linking THYMIDINE-5'-MONOPHOSPHATE 'C10 H15 N2 O8 P'
EDO non-polymer 1,2-ETHANEDIOL 'C2 H6 O2'
G RNA linking GUANOSINE-5'-MONOPHOSPHATE 'C10 H14 N5 O8 P'
K non-polymer 'POTASSIUM ION' 'K 1'
MG non-polymer 'MAGNESIUM ION' 'Mg 2'
U RNA linking URIDINE-5'-MONOPHOSPHATE 'C9 H13 N2 O9 P'
#
# COMPACT_ATOMS: atom_id res chain seq x y z
N LYS B 3 -23.28 7.23 42.78
CA LYS B 3 -22.21 6.40 42.25
C LYS B 3 -21.63 6.99 40.96
N LYS B 4 -20.43 7.56 41.09
CA LYS B 4 -19.72 8.18 39.99
C LYS B 4 -18.52 7.32 39.61
N TYR B 5 -18.19 7.33 38.31
CA TYR B 5 -17.11 6.51 37.80
C TYR B 5 -16.64 7.10 36.47
N SER B 6 -15.43 6.70 36.08
CA SER B 6 -14.88 7.03 34.76
C SER B 6 -14.43 5.74 34.09
N ILE B 7 -14.27 5.82 32.76
CA ILE B 7 -13.81 4.70 31.96
C ILE B 7 -12.48 5.07 31.31
N GLY B 8 -11.55 4.13 31.29
CA GLY B 8 -10.33 4.24 30.50
C GLY B 8 -10.35 3.24 29.37
N LEU B 9 -9.92 3.71 28.18
CA LEU B 9 -9.87 2.89 26.97
C LEU B 9 -8.51 2.97 26.32
N ALA B 10 -8.06 1.85 25.77
CA ALA B 10 -6.82 1.73 25.00
C ALA B 10 -7.17 1.04 23.69
N ILE B 11 -7.27 1.81 22.61
CA ILE B 11 -7.72 1.34 21.31
C ILE B 11 -6.51 0.94 20.47
N GLY B 12 -6.48 -0.32 20.05
CA GLY B 12 -5.40 -0.81 19.20
C GLY B 12 -5.93 -1.55 17.98
N THR B 13 -4.99 -2.08 17.19
CA THR B 13 -5.34 -2.77 15.96
C THR B 13 -5.73 -4.23 16.19
N ASN B 14 -5.42 -4.77 17.37
CA ASN B 14 -5.81 -6.13 17.71
C ASN B 14 -6.34 -6.23 19.14
N SER B 15 -6.65 -5.11 19.79
CA SER B 15 -7.09 -5.15 21.17
C SER B 15 -7.79 -3.84 21.53
N VAL B 16 -8.73 -3.94 22.45
CA VAL B 16 -9.34 -2.77 23.10
C VAL B 16 -9.29 -3.03 24.59
N GLY B 17 -8.43 -2.32 25.30
CA GLY B 17 -8.37 -2.40 26.75
C GLY B 17 -9.36 -1.44 27.38
N TRP B 18 -10.00 -1.88 28.46
CA TRP B 18 -11.03 -1.09 29.12
C TRP B 18 -10.90 -1.25 30.62
N ALA B 19 -11.29 -0.20 31.34
CA ALA B 19 -11.24 -0.19 32.80
C ALA B 19 -12.24 0.80 33.35
N VAL B 20 -12.82 0.47 34.51
CA VAL B 20 -13.75 1.34 35.20
C VAL B 20 -13.13 1.75 36.53
N ILE B 21 -13.03 3.06 36.77
CA ILE B 21 -12.45 3.57 38.00
C ILE B 21 -13.49 4.41 38.74
N THR B 22 -13.25 4.59 40.04
CA THR B 22 -14.09 5.37 40.94
C THR B 22 -13.40 6.70 41.27
N ASP B 23 -13.90 7.38 42.31
CA ASP B 23 -13.31 8.66 42.72
C ASP B 23 -11.91 8.47 43.26
N GLU B 24 -11.67 7.39 44.00
CA GLU B 24 -10.37 7.09 44.58
C GLU B 24 -9.46 6.33 43.62
N TYR B 25 -9.76 6.33 42.33
CA TYR B 25 -8.98 5.61 41.32
C TYR B 25 -8.97 4.10 41.58
N LYS B 26 -10.01 3.62 42.26
CA LYS B 26 -10.19 2.20 42.50
C LYS B 26 -11.05 1.58 41.40
N VAL B 27 -10.81 0.31 41.14
CA VAL B 27 -11.58 -0.46 40.17
C VAL B 27 -12.65 -1.25 40.93
N PRO B 28 -13.93 -1.08 40.63
CA PRO B 28 -14.97 -1.82 41.34
C PRO B 28 -14.90 -3.31 41.01
N SER B 29 -15.72 -4.07 41.76
CA SER B 29 -15.95 -5.47 41.50
C SER B 29 -17.42 -5.76 41.80
N LYS B 30 -18.03 -6.60 40.97
CA LYS B 30 -19.46 -6.87 41.06
C LYS B 30 -19.72 -8.37 40.97
N LYS B 31 -20.87 -8.77 41.49
CA LYS B 31 -21.41 -10.09 41.20
C LYS B 31 -22.24 -10.01 39.94
N PHE B 32 -21.95 -10.89 38.99
CA PHE B 32 -22.66 -10.96 37.73
C PHE B 32 -23.38 -12.31 37.63
N LYS B 33 -24.61 -12.27 37.15
CA LYS B 33 -25.40 -13.47 36.93
C LYS B 33 -24.72 -14.37 35.90
N VAL B 34 -24.84 -15.68 36.12
CA VAL B 34 -24.30 -16.70 35.23
C VAL B 34 -25.46 -17.56 34.73
N LEU B 35 -25.81 -17.41 33.46
CA LEU B 35 -26.84 -18.23 32.83
C LEU B 35 -26.27 -19.60 32.43
N GLY B 36 -27.16 -20.50 32.03
CA GLY B 36 -26.77 -21.78 31.46
C GLY B 36 -27.39 -22.95 32.21
N ASN B 37 -26.62 -24.04 32.34
CA ASN B 37 -27.13 -25.25 32.97
C ASN B 37 -26.13 -25.88 33.94
N THR B 38 -25.18 -25.11 34.47
CA THR B 38 -24.29 -25.59 35.50
C THR B 38 -24.83 -25.21 36.87
N ASP B 39 -24.09 -25.57 37.92
CA ASP B 39 -24.47 -25.23 39.28
C ASP B 39 -24.13 -23.79 39.64
N ARG B 40 -23.33 -23.10 38.83
CA ARG B 40 -22.88 -21.75 39.17
C ARG B 40 -23.92 -20.74 38.70
N HIS B 41 -24.42 -19.92 39.63
CA HIS B 41 -25.45 -18.94 39.32
C HIS B 41 -24.92 -17.52 39.22
N SER B 42 -23.72 -17.26 39.72
CA SER B 42 -23.15 -15.92 39.71
C SER B 42 -21.64 -16.05 39.75
N ILE B 43 -20.96 -14.91 39.61
CA ILE B 43 -19.49 -14.89 39.63
C ILE B 43 -19.02 -13.48 39.94
N LYS B 44 -17.90 -13.39 40.65
CA LYS B 44 -17.28 -12.09 40.92
C LYS B 44 -16.42 -11.67 39.75
N LYS B 45 -16.53 -10.39 39.35
CA LYS B 45 -15.75 -9.85 38.25
C LYS B 45 -15.21 -8.49 38.63
N ASN B 46 -13.93 -8.26 38.32
CA ASN B 46 -13.35 -6.91 38.38
C ASN B 46 -13.66 -6.19 37.08
N LEU B 47 -14.00 -4.90 37.17
CA LEU B 47 -14.37 -4.12 35.99
C LEU B 47 -13.13 -3.60 35.26
N ILE B 48 -12.35 -4.54 34.75
CA ILE B 48 -11.14 -4.23 33.98
C ILE B 48 -10.84 -5.42 33.08
N GLY B 49 -10.49 -5.13 31.83
CA GLY B 49 -10.23 -6.22 30.92
C GLY B 49 -9.77 -5.72 29.57
N ALA B 50 -9.80 -6.64 28.60
CA ALA B 50 -9.34 -6.34 27.26
C ALA B 50 -10.01 -7.28 26.29
N LEU B 51 -10.53 -6.73 25.19
CA LEU B 51 -11.08 -7.53 24.11
C LEU B 51 -9.99 -7.74 23.06
N LEU B 52 -9.77 -8.99 22.67
CA LEU B 52 -8.78 -9.33 21.65
C LEU B 52 -9.47 -9.80 20.37
N PHE B 53 -8.87 -9.46 19.23
CA PHE B 53 -9.47 -9.83 17.95
C PHE B 53 -8.41 -9.88 16.86
N ASP B 54 -8.64 -10.76 15.88
CA ASP B 54 -7.81 -10.84 14.70
C ASP B 54 -7.92 -9.56 13.88
N SER B 55 -6.83 -9.19 13.22
CA SER B 55 -6.76 -7.92 12.50
C SER B 55 -7.85 -7.82 11.45
N GLY B 56 -8.44 -6.63 11.34
CA GLY B 56 -9.28 -6.33 10.20
C GLY B 56 -8.44 -6.28 8.92
N GLU B 57 -9.00 -6.81 7.85
CA GLU B 57 -8.30 -6.92 6.58
C GLU B 57 -8.82 -5.90 5.58
N THR B 58 -7.93 -5.47 4.68
CA THR B 58 -8.32 -4.56 3.62
C THR B 58 -9.06 -5.31 2.53
N ALA B 59 -9.60 -4.54 1.59
CA ALA B 59 -10.38 -5.09 0.49
C ALA B 59 -9.53 -5.34 -0.76
N GLU B 60 -8.21 -5.09 -0.69
CA GLU B 60 -7.32 -5.23 -1.83
C GLU B 60 -7.33 -6.65 -2.41
N ALA B 61 -7.16 -7.67 -1.55
CA ALA B 61 -7.06 -9.03 -2.06
C ALA B 61 -8.36 -9.46 -2.74
N THR B 62 -9.49 -9.18 -2.09
CA THR B 62 -10.79 -9.39 -2.71
C THR B 62 -10.85 -8.75 -4.09
N ARG B 63 -10.35 -7.52 -4.21
CA ARG B 63 -10.41 -6.81 -5.48
C ARG B 63 -9.57 -7.48 -6.55
N LEU B 64 -8.33 -7.87 -6.21
CA LEU B 64 -7.47 -8.52 -7.18
C LEU B 64 -8.08 -9.84 -7.66
N LYS B 65 -8.66 -10.60 -6.75
CA LYS B 65 -9.28 -11.86 -7.16
C LYS B 65 -10.52 -11.61 -8.02
N ARG B 66 -11.31 -10.58 -7.68
CA ARG B 66 -12.49 -10.25 -8.48
C ARG B 66 -12.11 -9.83 -9.89
N THR B 67 -11.08 -9.01 -10.02
CA THR B 67 -10.65 -8.57 -11.34
C THR B 67 -10.07 -9.72 -12.15
N ALA B 68 -9.29 -10.59 -11.52
CA ALA B 68 -8.78 -11.75 -12.25
C ALA B 68 -9.92 -12.63 -12.72
N ARG B 69 -10.97 -12.79 -11.90
CA ARG B 69 -12.16 -13.52 -12.30
C ARG B 69 -12.75 -12.95 -13.59
N ARG B 70 -12.99 -11.64 -13.60
CA ARG B 70 -13.56 -11.00 -14.79
C ARG B 70 -12.68 -11.23 -16.01
N ARG B 71 -11.36 -11.12 -15.84
CA ARG B 71 -10.44 -11.35 -16.95
C ARG B 71 -10.55 -12.78 -17.48
N TYR B 72 -10.60 -13.79 -16.61
CA TYR B 72 -10.74 -15.16 -17.09
C TYR B 72 -12.03 -15.33 -17.88
N THR B 73 -13.12 -14.74 -17.36
CA THR B 73 -14.41 -14.83 -18.05
C THR B 73 -14.33 -14.22 -19.45
N ARG B 74 -13.69 -13.05 -19.57
CA ARG B 74 -13.66 -12.37 -20.87
C ARG B 74 -12.69 -13.03 -21.84
N ARG B 75 -11.59 -13.62 -21.35
CA ARG B 75 -10.74 -14.40 -22.24
C ARG B 75 -11.51 -15.60 -22.80
N LYS B 76 -12.27 -16.29 -21.94
CA LYS B 76 -13.16 -17.33 -22.44
C LYS B 76 -14.12 -16.78 -23.49
N ASN B 77 -14.67 -15.59 -23.24
CA ASN B 77 -15.62 -15.01 -24.19
C ASN B 77 -14.97 -14.72 -25.54
N ARG B 78 -13.72 -14.24 -25.52
CA ARG B 78 -13.00 -14.01 -26.78
C ARG B 78 -12.90 -15.31 -27.58
N ILE B 79 -12.43 -16.37 -26.92
CA ILE B 79 -12.35 -17.67 -27.59
C ILE B 79 -13.71 -18.08 -28.13
N CYS B 80 -14.78 -17.81 -27.37
CA CYS B 80 -16.10 -18.23 -27.81
C CYS B 80 -16.55 -17.45 -29.04
N TYR B 81 -16.25 -16.16 -29.09
CA TYR B 81 -16.53 -15.38 -30.29
C TYR B 81 -15.82 -15.99 -31.49
N LEU B 82 -14.53 -16.27 -31.34
CA LEU B 82 -13.76 -16.83 -32.45
C LEU B 82 -14.37 -18.14 -32.92
N GLN B 83 -14.69 -19.04 -31.98
CA GLN B 83 -15.29 -20.31 -32.38
C GLN B 83 -16.65 -20.10 -33.04
N GLU B 84 -17.41 -19.09 -32.60
CA GLU B 84 -18.69 -18.81 -33.25
C GLU B 84 -18.49 -18.40 -34.70
N ILE B 85 -17.41 -17.67 -34.99
CA ILE B 85 -17.16 -17.30 -36.37
C ILE B 85 -16.80 -18.51 -37.23
N PHE B 86 -16.10 -19.49 -36.64
CA PHE B 86 -15.60 -20.65 -37.38
C PHE B 86 -16.61 -21.79 -37.49
N SER B 87 -17.82 -21.62 -36.96
CA SER B 87 -18.66 -22.77 -36.62
C SER B 87 -19.04 -23.58 -37.86
N ASN B 88 -19.62 -22.93 -38.87
CA ASN B 88 -20.20 -23.67 -40.00
C ASN B 88 -19.13 -24.33 -40.87
N GLU B 89 -18.13 -23.56 -41.28
CA GLU B 89 -17.12 -24.13 -42.17
C GLU B 89 -16.31 -25.19 -41.46
N MET B 90 -16.03 -24.99 -40.16
CA MET B 90 -15.37 -26.04 -39.40
C MET B 90 -16.23 -27.29 -39.33
N ALA B 91 -17.54 -27.12 -39.17
CA ALA B 91 -18.44 -28.27 -39.20
C ALA B 91 -18.37 -29.00 -40.54
N LYS B 92 -18.17 -28.26 -41.64
CA LYS B 92 -17.98 -28.91 -42.93
C LYS B 92 -16.67 -29.70 -42.96
N VAL B 93 -15.63 -29.20 -42.30
CA VAL B 93 -14.32 -29.86 -42.37
C VAL B 93 -14.21 -30.99 -41.34
N ASP B 94 -14.64 -30.73 -40.10
CA ASP B 94 -14.46 -31.71 -39.02
C ASP B 94 -15.47 -31.36 -37.92
N ASP B 95 -16.56 -32.12 -37.87
CA ASP B 95 -17.73 -31.81 -37.06
C ASP B 95 -17.54 -32.10 -35.56
N SER B 96 -16.33 -32.44 -35.12
CA SER B 96 -16.08 -32.65 -33.69
C SER B 96 -14.78 -32.00 -33.22
N PHE B 97 -14.14 -31.17 -34.04
CA PHE B 97 -12.87 -30.56 -33.66
C PHE B 97 -13.02 -29.75 -32.37
N PHE B 98 -14.01 -28.86 -32.30
CA PHE B 98 -14.21 -28.10 -31.08
C PHE B 98 -14.64 -28.98 -29.91
N HIS B 99 -15.34 -30.09 -30.18
CA HIS B 99 -15.67 -31.04 -29.11
C HIS B 99 -14.42 -31.71 -28.57
N ARG B 100 -13.45 -32.00 -29.45
CA ARG B 100 -12.21 -32.56 -28.94
C ARG B 100 -11.40 -31.52 -28.17
N LEU B 101 -11.44 -30.26 -28.58
CA LEU B 101 -10.75 -29.24 -27.80
C LEU B 101 -11.38 -29.09 -26.42
N GLU B 102 -12.72 -29.05 -26.36
CA GLU B 102 -13.39 -28.77 -25.09
C GLU B 102 -13.20 -29.88 -24.07
N GLU B 103 -12.92 -31.10 -24.51
CA GLU B 103 -12.73 -32.24 -23.60
C GLU B 103 -11.28 -32.71 -23.56
N SER B 104 -10.34 -31.85 -23.96
CA SER B 104 -8.94 -32.28 -24.02
C SER B 104 -8.40 -32.63 -22.64
N PHE B 105 -8.96 -32.03 -21.60
CA PHE B 105 -8.52 -32.27 -20.23
C PHE B 105 -8.93 -33.64 -19.70
N LEU B 106 -9.98 -34.24 -20.26
CA LEU B 106 -10.55 -35.46 -19.70
C LEU B 106 -9.66 -36.67 -19.98
N VAL B 107 -9.76 -37.67 -19.11
CA VAL B 107 -9.08 -38.94 -19.37
C VAL B 107 -9.82 -39.69 -20.45
N GLU B 108 -9.08 -40.51 -21.21
CA GLU B 108 -9.66 -41.22 -22.35
C GLU B 108 -10.88 -42.04 -21.94
N GLU B 109 -10.90 -42.52 -20.70
CA GLU B 109 -12.08 -43.21 -20.18
C GLU B 109 -13.31 -42.30 -20.22
N ASP B 110 -13.13 -41.03 -19.88
CA ASP B 110 -14.24 -40.08 -19.82
C ASP B 110 -14.47 -39.33 -21.13
N LYS B 111 -13.58 -39.50 -22.11
CA LYS B 111 -13.72 -38.81 -23.39
C LYS B 111 -14.81 -39.47 -24.22
N LYS B 112 -15.58 -38.65 -24.93
CA LYS B 112 -16.61 -39.19 -25.81
C LYS B 112 -16.12 -39.36 -27.24
N HIS B 113 -15.09 -38.61 -27.65
CA HIS B 113 -14.51 -38.68 -28.98
C HIS B 113 -13.10 -39.26 -28.92
N GLU B 114 -12.40 -39.22 -30.05
CA GLU B 114 -11.04 -39.74 -30.13
C GLU B 114 -10.07 -38.81 -29.39
N ARG B 115 -9.00 -39.40 -28.88
CA ARG B 115 -8.18 -38.71 -27.88
C ARG B 115 -7.16 -37.76 -28.46
N HIS B 116 -6.92 -37.79 -29.78
CA HIS B 116 -5.98 -36.87 -30.41
C HIS B 116 -6.73 -35.61 -30.86
N PRO B 117 -6.46 -34.44 -30.28
CA PRO B 117 -7.35 -33.28 -30.44
C PRO B 117 -7.46 -32.76 -31.86
N ILE B 118 -6.31 -32.44 -32.46
CA ILE B 118 -6.31 -31.65 -33.69
C ILE B 118 -6.95 -32.41 -34.84
N PHE B 119 -6.50 -33.64 -35.09
CA PHE B 119 -6.92 -34.39 -36.28
C PHE B 119 -7.72 -35.66 -36.01
N GLY B 120 -7.70 -36.20 -34.79
CA GLY B 120 -8.54 -37.34 -34.49
C GLY B 120 -7.95 -38.71 -34.84
N ASN B 121 -6.70 -38.79 -35.27
CA ASN B 121 -6.04 -40.07 -35.47
C ASN B 121 -4.56 -39.90 -35.24
N ILE B 122 -3.90 -40.99 -34.85
CA ILE B 122 -2.55 -40.89 -34.30
C ILE B 122 -1.54 -40.51 -35.40
N VAL B 123 -1.74 -40.99 -36.63
CA VAL B 123 -0.77 -40.72 -37.68
C VAL B 123 -0.70 -39.22 -37.98
N ASP B 124 -1.86 -38.59 -38.17
CA ASP B 124 -1.88 -37.16 -38.48
C ASP B 124 -1.37 -36.33 -37.31
N GLU B 125 -1.72 -36.71 -36.08
CA GLU B 125 -1.25 -35.98 -34.90
C GLU B 125 0.27 -36.02 -34.80
N VAL B 126 0.84 -37.22 -34.96
CA VAL B 126 2.30 -37.35 -34.86
C VAL B 126 2.97 -36.58 -35.99
N ALA B 127 2.39 -36.64 -37.19
CA ALA B 127 2.92 -35.88 -38.31
C ALA B 127 2.91 -34.38 -38.03
N TYR B 128 1.80 -33.87 -37.48
CA TYR B 128 1.71 -32.45 -37.15
C TYR B 128 2.82 -32.06 -36.18
N HIS B 129 2.93 -32.78 -35.07
CA HIS B 129 3.93 -32.42 -34.06
C HIS B 129 5.35 -32.53 -34.60
N GLU B 130 5.61 -33.51 -35.47
CA GLU B 130 6.93 -33.58 -36.09
C GLU B 130 7.19 -32.39 -36.99
N LYS B 131 6.15 -31.89 -37.68
CA LYS B 131 6.34 -30.76 -38.57
C LYS B 131 6.34 -29.42 -37.84
N TYR B 132 5.55 -29.29 -36.77
CA TYR B 132 5.46 -28.04 -36.01
C TYR B 132 5.66 -28.37 -34.54
N PRO B 133 6.90 -28.49 -34.09
CA PRO B 133 7.14 -28.83 -32.68
C PRO B 133 6.63 -27.78 -31.71
N THR B 134 6.54 -26.51 -32.12
CA THR B 134 5.92 -25.47 -31.31
C THR B 134 4.90 -24.71 -32.13
N ILE B 135 3.95 -24.08 -31.43
CA ILE B 135 2.90 -23.33 -32.09
C ILE B 135 3.48 -22.21 -32.95
N TYR B 136 4.65 -21.68 -32.57
CA TYR B 136 5.25 -20.57 -33.31
C TYR B 136 5.78 -21.01 -34.68
N HIS B 137 6.17 -22.29 -34.83
CA HIS B 137 6.44 -22.80 -36.17
C HIS B 137 5.21 -22.66 -37.06
N LEU B 138 4.05 -23.14 -36.58
CA LEU B 138 2.84 -23.07 -37.38
C LEU B 138 2.42 -21.63 -37.63
N ARG B 139 2.62 -20.75 -36.64
CA ARG B 139 2.29 -19.35 -36.84
C ARG B 139 3.14 -18.76 -37.97
N LYS B 140 4.45 -18.95 -37.92
CA LYS B 140 5.31 -18.44 -38.97
C LYS B 140 4.94 -19.04 -40.32
N LYS B 141 4.62 -20.34 -40.34
CA LYS B 141 4.27 -20.99 -41.60
C LYS B 141 3.02 -20.37 -42.20
N LEU B 142 1.97 -20.21 -41.39
CA LEU B 142 0.74 -19.61 -41.92
C LEU B 142 0.95 -18.15 -42.32
N VAL B 143 1.92 -17.46 -41.71
CA VAL B 143 2.19 -16.07 -42.11
C VAL B 143 2.93 -16.02 -43.43
N ASP B 144 3.92 -16.88 -43.63
CA ASP B 144 4.80 -16.77 -44.80
C ASP B 144 4.31 -17.55 -46.00
N SER B 145 3.67 -18.71 -45.80
CA SER B 145 3.28 -19.55 -46.91
C SER B 145 2.13 -18.93 -47.70
N THR B 146 1.94 -19.41 -48.93
CA THR B 146 0.87 -18.95 -49.80
C THR B 146 -0.12 -20.05 -50.14
N ASP B 147 0.06 -21.25 -49.60
CA ASP B 147 -0.76 -22.39 -49.93
C ASP B 147 -1.99 -22.42 -49.03
N LYS B 148 -3.09 -22.95 -49.58
CA LYS B 148 -4.26 -23.18 -48.74
C LYS B 148 -3.87 -24.08 -47.58
N ALA B 149 -4.30 -23.72 -46.37
CA ALA B 149 -3.99 -24.48 -45.17
C ALA B 149 -5.25 -25.10 -44.58
N ASP B 150 -5.04 -26.11 -43.74
CA ASP B 150 -6.15 -26.73 -43.03
C ASP B 150 -6.82 -25.74 -42.10
N LEU B 151 -8.15 -25.73 -42.12
CA LEU B 151 -8.93 -24.82 -41.29
C LEU B 151 -8.64 -24.98 -39.81
N ARG B 152 -8.40 -26.20 -39.33
CA ARG B 152 -8.14 -26.41 -37.92
C ARG B 152 -6.82 -25.76 -37.51
N LEU B 153 -5.82 -25.81 -38.37
CA LEU B 153 -4.54 -25.18 -38.01
C LEU B 153 -4.69 -23.65 -37.99
N ILE B 154 -5.42 -23.10 -38.95
CA ILE B 154 -5.69 -21.67 -38.95
C ILE B 154 -6.38 -21.27 -37.66
N TYR B 155 -7.40 -22.02 -37.26
CA TYR B 155 -8.05 -21.71 -36.00
C TYR B 155 -7.07 -21.76 -34.84
N LEU B 156 -6.23 -22.80 -34.79
CA LEU B 156 -5.31 -22.91 -33.65
C LEU B 156 -4.35 -21.73 -33.58
N ALA B 157 -3.89 -21.25 -34.74
CA ALA B 157 -2.95 -20.13 -34.74
C ALA B 157 -3.64 -18.85 -34.27
N LEU B 158 -4.81 -18.56 -34.84
CA LEU B 158 -5.53 -17.35 -34.45
C LEU B 158 -5.96 -17.41 -32.97
N ALA B 159 -6.37 -18.58 -32.51
CA ALA B 159 -6.78 -18.73 -31.12
C ALA B 159 -5.62 -18.54 -30.17
N HIS B 160 -4.44 -19.05 -30.54
CA HIS B 160 -3.27 -18.82 -29.69
C HIS B 160 -2.95 -17.33 -29.62
N MET B 161 -3.09 -16.62 -30.74
CA MET B 161 -2.82 -15.19 -30.73
C MET B 161 -3.83 -14.44 -29.87
N ILE B 162 -5.10 -14.83 -29.96
CA ILE B 162 -6.15 -14.08 -29.26
C ILE B 162 -6.16 -14.42 -27.77
N LYS B 163 -5.85 -15.67 -27.42
CA LYS B 163 -5.90 -16.08 -26.02
C LYS B 163 -4.75 -15.47 -25.22
N PHE B 164 -3.60 -15.27 -25.87
CA PHE B 164 -2.42 -14.66 -25.25
C PHE B 164 -2.00 -13.53 -26.19
N ARG B 165 -2.59 -12.35 -26.01
CA ARG B 165 -2.53 -11.30 -27.02
C ARG B 165 -1.57 -10.17 -26.68
N GLY B 166 -0.91 -10.19 -25.52
CA GLY B 166 0.10 -9.19 -25.21
C GLY B 166 -0.49 -7.86 -24.75
N HIS B 167 0.40 -6.96 -24.35
CA HIS B 167 -0.01 -5.81 -23.55
C HIS B 167 -0.55 -4.68 -24.43
N PHE B 168 -1.03 -3.63 -23.75
CA PHE B 168 -1.64 -2.45 -24.36
C PHE B 168 -1.02 -1.17 -23.85
N LEU B 169 0.29 -1.18 -23.61
CA LEU B 169 0.98 0.00 -23.08
C LEU B 169 1.36 1.01 -24.16
N ILE B 170 1.27 0.64 -25.43
CA ILE B 170 1.67 1.51 -26.53
C ILE B 170 0.42 1.86 -27.34
N GLU B 171 0.14 3.15 -27.47
CA GLU B 171 -0.97 3.58 -28.30
C GLU B 171 -0.54 3.67 -29.76
N GLY B 172 -1.52 3.59 -30.65
CA GLY B 172 -1.20 3.66 -32.07
C GLY B 172 -0.77 2.32 -32.63
N ASP B 173 -0.19 2.39 -33.83
CA ASP B 173 0.24 1.20 -34.55
C ASP B 173 1.76 1.04 -34.43
N LEU B 174 2.24 -0.14 -34.82
CA LEU B 174 3.65 -0.48 -34.69
C LEU B 174 4.25 -0.86 -36.04
N ASN B 175 5.54 -1.17 -36.00
CA ASN B 175 6.38 -1.34 -37.18
C ASN B 175 6.21 -0.21 -38.20
N PRO B 176 6.30 1.10 -37.74
CA PRO B 176 6.14 2.23 -38.65
C PRO B 176 7.49 2.70 -39.22
N ASP B 177 8.24 1.76 -39.78
CA ASP B 177 9.63 1.92 -40.21
C ASP B 177 10.56 2.29 -39.06
N ASN B 178 10.08 2.20 -37.81
CA ASN B 178 10.91 2.35 -36.63
C ASN B 178 11.39 0.96 -36.21
N SER B 179 11.43 0.05 -37.17
CA SER B 179 11.84 -1.33 -36.91
C SER B 179 13.36 -1.50 -36.92
N ASP B 180 14.06 -0.76 -37.77
CA ASP B 180 15.49 -0.94 -37.93
C ASP B 180 16.25 0.01 -37.00
N VAL B 181 17.20 -0.54 -36.24
CA VAL B 181 18.01 0.29 -35.35
C VAL B 181 19.11 1.01 -36.13
N ASP B 182 19.69 0.34 -37.13
CA ASP B 182 20.73 0.98 -37.93
C ASP B 182 20.20 2.22 -38.64
N LYS B 183 18.98 2.14 -39.18
CA LYS B 183 18.46 3.25 -39.98
C LYS B 183 18.10 4.45 -39.10
N LEU B 184 17.55 4.21 -37.91
CA LEU B 184 17.22 5.31 -37.01
C LEU B 184 18.46 5.88 -36.34
N PHE B 185 19.48 5.05 -36.09
CA PHE B 185 20.77 5.57 -35.66
C PHE B 185 21.39 6.46 -36.74
N ILE B 186 21.31 6.04 -38.00
CA ILE B 186 21.86 6.82 -39.10
C ILE B 186 21.12 8.15 -39.22
N GLN B 187 19.79 8.13 -39.04
CA GLN B 187 19.03 9.36 -39.16
C GLN B 187 19.29 10.30 -37.99
N LEU B 188 19.53 9.75 -36.79
CA LEU B 188 19.96 10.57 -35.67
C LEU B 188 21.31 11.23 -35.94
N VAL B 189 22.27 10.47 -36.49
CA VAL B 189 23.57 11.05 -36.83
C VAL B 189 23.41 12.11 -37.91
N GLN B 190 22.48 11.90 -38.85
CA GLN B 190 22.27 12.89 -39.90
C GLN B 190 21.66 14.18 -39.35
N THR B 191 20.65 14.07 -38.48
CA THR B 191 20.09 15.25 -37.82
C THR B 191 21.15 15.99 -37.03
N TYR B 192 21.97 15.26 -36.26
CA TYR B 192 23.01 15.88 -35.46
C TYR B 192 24.02 16.62 -36.34
N ASN B 193 24.53 15.96 -37.38
CA ASN B 193 25.47 16.61 -38.28
C ASN B 193 24.83 17.74 -39.07
N GLN B 194 23.50 17.73 -39.19
CA GLN B 194 22.79 18.87 -39.77
C GLN B 194 22.83 20.07 -38.83
N LEU B 195 22.65 19.82 -37.52
CA LEU B 195 22.67 20.94 -36.56
C LEU B 195 24.09 21.42 -36.25
N PHE B 196 25.10 20.55 -36.30
CA PHE B 196 26.48 20.89 -35.91
C PHE B 196 27.43 20.59 -37.07
N GLU B 197 27.48 21.51 -38.04
CA GLU B 197 28.29 21.24 -39.23
C GLU B 197 29.78 21.28 -38.92
N GLU B 198 30.20 22.09 -37.94
CA GLU B 198 31.62 22.23 -37.64
C GLU B 198 32.17 21.06 -36.83
N ASN B 199 31.32 20.34 -36.10
CA ASN B 199 31.73 19.21 -35.26
C ASN B 199 30.93 17.97 -35.69
N PRO B 200 31.35 17.30 -36.75
CA PRO B 200 30.63 16.13 -37.23
C PRO B 200 31.14 14.82 -36.64
N ILE B 201 30.25 13.84 -36.58
CA ILE B 201 30.54 12.52 -36.02
C ILE B 201 30.72 11.52 -37.15
N ASN B 202 31.82 10.79 -37.13
CA ASN B 202 32.12 9.77 -38.13
C ASN B 202 31.55 8.44 -37.66
N ALA B 203 30.45 8.01 -38.27
CA ALA B 203 29.75 6.81 -37.84
C ALA B 203 29.97 5.62 -38.76
N SER B 204 30.94 5.72 -39.69
CA SER B 204 31.23 4.61 -40.59
C SER B 204 31.98 3.51 -39.85
N GLY B 205 31.64 2.26 -40.16
CA GLY B 205 32.22 1.12 -39.49
C GLY B 205 31.68 0.85 -38.10
N VAL B 206 30.67 1.60 -37.66
CA VAL B 206 30.05 1.42 -36.35
C VAL B 206 28.84 0.51 -36.53
N ASP B 207 28.89 -0.69 -35.96
CA ASP B 207 27.79 -1.65 -36.04
C ASP B 207 26.76 -1.31 -34.96
N ALA B 208 25.91 -0.33 -35.27
CA ALA B 208 24.95 0.14 -34.28
C ALA B 208 23.94 -0.94 -33.91
N LYS B 209 23.58 -1.79 -34.87
CA LYS B 209 22.63 -2.86 -34.61
C LYS B 209 23.10 -3.75 -33.47
N ALA B 210 24.27 -4.37 -33.62
CA ALA B 210 24.73 -5.33 -32.61
C ALA B 210 25.04 -4.64 -31.30
N ILE B 211 25.54 -3.40 -31.34
CA ILE B 211 25.94 -2.71 -30.12
C ILE B 211 24.73 -2.31 -29.30
N LEU B 212 23.72 -1.74 -29.94
CA LEU B 212 22.56 -1.22 -29.21
C LEU B 212 21.52 -2.29 -28.90
N SER B 213 21.42 -3.33 -29.74
CA SER B 213 20.48 -4.41 -29.47
C SER B 213 21.07 -5.53 -28.64
N ALA B 214 22.31 -5.39 -28.18
CA ALA B 214 22.95 -6.46 -27.42
C ALA B 214 22.25 -6.69 -26.09
N ARG B 215 22.37 -7.92 -25.58
CA ARG B 215 21.80 -8.29 -24.28
C ARG B 215 22.73 -7.80 -23.18
N LEU B 216 22.65 -6.50 -22.90
CA LEU B 216 23.50 -5.86 -21.92
C LEU B 216 22.74 -4.71 -21.29
N SER B 217 23.30 -4.19 -20.20
CA SER B 217 22.69 -3.06 -19.51
C SER B 217 22.73 -1.81 -20.39
N LYS B 218 21.94 -0.82 -19.99
CA LYS B 218 21.89 0.43 -20.74
C LYS B 218 23.25 1.12 -20.76
N SER B 219 23.85 1.31 -19.58
CA SER B 219 25.13 2.01 -19.50
C SER B 219 26.23 1.25 -20.22
N ARG B 220 26.18 -0.09 -20.21
CA ARG B 220 27.22 -0.86 -20.90
C ARG B 220 27.12 -0.68 -22.41
N ARG B 221 25.92 -0.75 -22.97
CA ARG B 221 25.75 -0.51 -24.41
C ARG B 221 26.15 0.92 -24.77
N LEU B 222 25.81 1.88 -23.92
CA LEU B 222 26.24 3.26 -24.15
C LEU B 222 27.75 3.35 -24.22
N GLU B 223 28.45 2.74 -23.26
CA GLU B 223 29.90 2.77 -23.26
C GLU B 223 30.46 2.09 -24.51
N ASN B 224 29.87 0.96 -24.91
CA ASN B 224 30.35 0.26 -26.10
C ASN B 224 30.20 1.12 -27.34
N LEU B 225 29.06 1.80 -27.48
CA LEU B 225 28.85 2.62 -28.67
C LEU B 225 29.78 3.83 -28.66
N ILE B 226 29.92 4.49 -27.51
CA ILE B 226 30.78 5.68 -27.42
C ILE B 226 32.23 5.29 -27.68
N ALA B 227 32.64 4.08 -27.28
CA ALA B 227 34.01 3.64 -27.53
C ALA B 227 34.34 3.53 -29.00
N GLN B 228 33.34 3.38 -29.87
CA GLN B 228 33.58 3.32 -31.31
C GLN B 228 33.60 4.69 -31.96
N LEU B 229 33.56 5.76 -31.17
CA LEU B 229 33.52 7.12 -31.70
C LEU B 229 34.62 7.94 -31.03
N PRO B 230 35.78 8.07 -31.66
CA PRO B 230 36.89 8.81 -31.03
C PRO B 230 36.55 10.29 -30.90
N GLY B 231 37.12 10.91 -29.89
CA GLY B 231 36.85 12.31 -29.64
C GLY B 231 35.41 12.60 -29.25
N GLU B 232 34.73 11.62 -28.65
CA GLU B 232 33.36 11.77 -28.20
C GLU B 232 33.22 11.05 -26.87
N LYS B 233 32.65 11.71 -25.88
CA LYS B 233 32.53 11.15 -24.53
C LYS B 233 31.06 10.89 -24.20
N LYS B 234 30.85 9.94 -23.28
CA LYS B 234 29.49 9.46 -23.00
C LYS B 234 28.59 10.56 -22.46
N ASN B 235 29.16 11.62 -21.89
CA ASN B 235 28.38 12.72 -21.33
C ASN B 235 28.31 13.93 -22.27
N GLY B 236 28.81 13.80 -23.49
CA GLY B 236 28.60 14.81 -24.51
C GLY B 236 27.17 14.78 -25.00
N LEU B 237 26.89 15.67 -25.97
CA LEU B 237 25.53 15.81 -26.48
C LEU B 237 25.05 14.53 -27.14
N PHE B 238 25.82 14.03 -28.11
CA PHE B 238 25.45 12.77 -28.77
C PHE B 238 25.38 11.63 -27.76
N GLY B 239 26.32 11.59 -26.82
CA GLY B 239 26.28 10.56 -25.79
C GLY B 239 25.00 10.62 -24.97
N ASN B 240 24.59 11.82 -24.58
CA ASN B 240 23.34 11.96 -23.83
C ASN B 240 22.13 11.60 -24.69
N LEU B 241 22.17 11.87 -25.99
CA LEU B 241 21.07 11.46 -26.87
C LEU B 241 20.98 9.94 -26.93
N ILE B 242 22.11 9.26 -27.10
CA ILE B 242 22.12 7.80 -27.10
C ILE B 242 21.65 7.26 -25.75
N ALA B 243 22.04 7.93 -24.67
CA ALA B 243 21.61 7.50 -23.34
C ALA B 243 20.11 7.66 -23.17
N LEU B 244 19.54 8.72 -23.74
CA LEU B 244 18.10 8.91 -23.73
C LEU B 244 17.40 7.83 -24.56
N SER B 245 18.01 7.43 -25.68
CA SER B 245 17.45 6.36 -26.50
C SER B 245 17.51 5.01 -25.81
N LEU B 246 18.54 4.77 -25.01
CA LEU B 246 18.69 3.51 -24.30
C LEU B 246 17.85 3.44 -23.04
N GLY B 247 17.24 4.54 -22.61
CA GLY B 247 16.35 4.54 -21.47
C GLY B 247 16.90 5.13 -20.18
N LEU B 248 18.11 5.68 -20.20
CA LEU B 248 18.69 6.29 -19.01
C LEU B 248 18.10 7.68 -18.79
N THR B 249 18.64 8.43 -17.84
CA THR B 249 18.14 9.76 -17.48
C THR B 249 19.26 10.77 -17.63
N PRO B 250 19.60 11.17 -18.86
CA PRO B 250 20.68 12.12 -19.07
C PRO B 250 20.28 13.53 -18.68
N ASN B 251 21.29 14.36 -18.43
CA ASN B 251 21.10 15.76 -18.04
C ASN B 251 21.66 16.64 -19.14
N PHE B 252 20.77 17.19 -19.98
CA PHE B 252 21.18 18.00 -21.11
C PHE B 252 21.58 19.42 -20.71
N LYS B 253 21.82 19.67 -19.43
CA LYS B 253 22.19 21.00 -18.96
C LYS B 253 23.54 21.42 -19.54
N SER B 254 24.61 20.71 -19.19
CA SER B 254 25.94 21.12 -19.62
C SER B 254 26.07 21.10 -21.15
N ASN B 255 25.27 20.28 -21.83
CA ASN B 255 25.36 20.21 -23.29
C ASN B 255 25.05 21.56 -23.91
N PHE B 256 24.12 22.30 -23.32
CA PHE B 256 23.66 23.57 -23.88
C PHE B 256 23.95 24.75 -22.97
N ASP B 257 24.86 24.57 -22.01
CA ASP B 257 25.34 25.65 -21.14
C ASP B 257 24.20 26.26 -20.32
N LEU B 258 23.17 25.47 -20.05
CA LEU B 258 22.05 25.93 -19.24
C LEU B 258 22.50 26.22 -17.82
N ALA B 259 21.86 27.22 -17.20
CA ALA B 259 22.05 27.44 -15.77
C ALA B 259 21.16 26.52 -14.94
N GLU B 260 20.00 26.15 -15.47
CA GLU B 260 19.08 25.20 -14.85
C GLU B 260 19.39 23.78 -15.31
N ASP B 261 18.86 22.81 -14.56
CA ASP B 261 19.02 21.41 -14.90
C ASP B 261 17.91 20.96 -15.85
N ALA B 262 18.30 20.20 -16.88
CA ALA B 262 17.37 19.68 -17.89
C ALA B 262 17.57 18.16 -17.96
N LYS B 263 16.93 17.45 -17.02
CA LYS B 263 16.95 16.00 -17.02
C LYS B 263 15.77 15.46 -17.80
N LEU B 264 16.04 14.44 -18.62
CA LEU B 264 15.04 13.86 -19.51
C LEU B 264 15.07 12.35 -19.38
N GLN B 265 13.89 11.75 -19.21
CA GLN B 265 13.72 10.31 -19.39
C GLN B 265 12.45 10.09 -20.20
N LEU B 266 12.56 9.24 -21.23
CA LEU B 266 11.44 8.99 -22.12
C LEU B 266 10.29 8.26 -21.45
N SER B 267 10.50 7.70 -20.25
CA SER B 267 9.47 6.95 -19.55
C SER B 267 8.68 7.78 -18.54
N LYS B 268 9.19 8.95 -18.15
CA LYS B 268 8.49 9.78 -17.17
C LYS B 268 7.27 10.45 -17.81
N ASP B 269 6.26 10.73 -16.97
CA ASP B 269 5.05 11.39 -17.45
C ASP B 269 5.32 12.82 -17.88
N THR B 270 6.34 13.46 -17.31
CA THR B 270 6.64 14.86 -17.56
C THR B 270 7.52 15.09 -18.78
N TYR B 271 7.83 14.03 -19.55
CA TYR B 271 8.80 14.18 -20.63
C TYR B 271 8.31 15.14 -21.70
N ASP B 272 7.01 15.13 -22.00
CA ASP B 272 6.49 16.08 -22.98
C ASP B 272 6.74 17.52 -22.53
N ASP B 273 6.33 17.84 -21.29
CA ASP B 273 6.53 19.18 -20.77
C ASP B 273 8.01 19.48 -20.50
N ASP B 274 8.79 18.47 -20.13
CA ASP B 274 10.22 18.68 -19.93
C ASP B 274 10.92 19.04 -21.23
N LEU B 275 10.58 18.34 -22.32
CA LEU B 275 11.16 18.64 -23.61
C LEU B 275 10.69 20.00 -24.12
N ASP B 276 9.42 20.35 -23.89
CA ASP B 276 8.95 21.66 -24.31
C ASP B 276 9.64 22.78 -23.52
N ASN B 277 9.86 22.55 -22.21
CA ASN B 277 10.65 23.48 -21.41
C ASN B 277 12.05 23.65 -21.98
N LEU B 278 12.74 22.54 -22.24
CA LEU B 278 14.10 22.61 -22.76
C LEU B 278 14.14 23.33 -24.10
N LEU B 279 13.20 23.02 -25.00
CA LEU B 279 13.14 23.68 -26.29
C LEU B 279 12.77 25.15 -26.19
N ALA B 280 12.07 25.54 -25.12
CA ALA B 280 11.78 26.96 -24.91
C ALA B 280 13.05 27.78 -24.74
N GLN B 281 14.18 27.15 -24.40
CA GLN B 281 15.41 27.90 -24.14
C GLN B 281 16.31 27.90 -25.36
N ILE B 282 16.79 26.72 -25.77
CA ILE B 282 17.73 26.62 -26.88
C ILE B 282 17.05 26.78 -28.23
N GLY B 283 15.72 26.81 -28.27
CA GLY B 283 15.01 27.01 -29.50
C GLY B 283 14.33 25.75 -30.00
N ASP B 284 13.74 25.86 -31.17
CA ASP B 284 13.00 24.77 -31.79
C ASP B 284 13.78 24.02 -32.85
N GLN B 285 14.97 24.52 -33.24
CA GLN B 285 15.79 23.80 -34.20
C GLN B 285 16.24 22.44 -33.67
N TYR B 286 16.28 22.28 -32.35
CA TYR B 286 16.74 21.05 -31.72
C TYR B 286 15.62 20.04 -31.48
N ALA B 287 14.37 20.39 -31.80
CA ALA B 287 13.27 19.46 -31.60
C ALA B 287 13.40 18.24 -32.50
N ASP B 288 13.76 18.46 -33.77
CA ASP B 288 13.97 17.35 -34.70
C ASP B 288 14.97 16.34 -34.14
N LEU B 289 16.01 16.83 -33.45
CA LEU B 289 17.03 15.95 -32.90
C LEU B 289 16.46 15.04 -31.82
N PHE B 290 15.79 15.63 -30.81
CA PHE B 290 15.23 14.83 -29.72
C PHE B 290 14.14 13.89 -30.21
N LEU B 291 13.40 14.28 -31.25
CA LEU B 291 12.39 13.37 -31.79
C LEU B 291 13.03 12.20 -32.53
N ALA B 292 14.13 12.44 -33.26
CA ALA B 292 14.87 11.35 -33.87
C ALA B 292 15.42 10.40 -32.81
N ALA B 293 15.87 10.95 -31.67
CA ALA B 293 16.32 10.13 -30.57
C ALA B 293 15.19 9.27 -30.01
N LYS B 294 13.98 9.85 -29.88
CA LYS B 294 12.84 9.06 -29.42
C LYS B 294 12.53 7.91 -30.38
N ASN B 295 12.60 8.18 -31.69
CA ASN B 295 12.38 7.11 -32.67
C ASN B 295 13.41 5.98 -32.49
N LEU B 296 14.69 6.35 -32.34
CA LEU B 296 15.71 5.33 -32.09
C LEU B 296 15.41 4.53 -30.83
N SER B 297 14.86 5.19 -29.81
CA SER B 297 14.50 4.49 -28.58
C SER B 297 13.41 3.45 -28.84
N ASP B 298 12.38 3.83 -29.58
CA ASP B 298 11.35 2.89 -29.99
C ASP B 298 11.95 1.69 -30.72
N ALA B 299 12.89 1.95 -31.62
CA ALA B 299 13.51 0.86 -32.36
C ALA B 299 14.28 -0.08 -31.45
N ILE B 300 15.00 0.47 -30.46
CA ILE B 300 15.77 -0.39 -29.57
C ILE B 300 14.85 -1.23 -28.70
N LEU B 301 13.79 -0.62 -28.19
CA LEU B 301 12.80 -1.38 -27.40
C LEU B 301 12.16 -2.49 -28.23
N LEU B 302 11.96 -2.25 -29.53
CA LEU B 302 11.43 -3.32 -30.37
C LEU B 302 12.47 -4.41 -30.61
N SER B 303 13.73 -4.02 -30.86
CA SER B 303 14.78 -5.00 -31.09
C SER B 303 15.04 -5.86 -29.88
N ASP B 304 14.65 -5.40 -28.69
CA ASP B 304 14.70 -6.25 -27.51
C ASP B 304 13.82 -7.49 -27.66
N ILE B 305 12.70 -7.36 -28.37
CA ILE B 305 11.73 -8.44 -28.52
C ILE B 305 11.94 -9.20 -29.83
N LEU B 306 12.15 -8.49 -30.93
CA LEU B 306 12.30 -9.12 -32.25
C LEU B 306 13.78 -9.30 -32.51
N ARG B 307 14.30 -10.48 -32.14
CA ARG B 307 15.73 -10.78 -32.25
C ARG B 307 16.08 -11.47 -33.55
N VAL B 308 15.35 -11.18 -34.64
CA VAL B 308 15.59 -11.80 -35.93
C VAL B 308 15.41 -10.74 -37.02
N ASN B 309 16.03 -10.99 -38.16
CA ASN B 309 15.93 -10.05 -39.28
C ASN B 309 14.48 -10.00 -39.78
N THR B 310 13.94 -8.78 -39.83
CA THR B 310 12.54 -8.56 -40.18
C THR B 310 12.28 -8.52 -41.68
N GLU B 311 13.26 -8.92 -42.50
CA GLU B 311 13.09 -8.93 -43.94
C GLU B 311 13.08 -10.33 -44.54
N ILE B 312 13.34 -11.36 -43.73
CA ILE B 312 13.20 -12.73 -44.20
C ILE B 312 11.82 -13.30 -43.91
N THR B 313 11.01 -12.61 -43.11
CA THR B 313 9.72 -13.12 -42.71
C THR B 313 8.89 -11.97 -42.17
N LYS B 314 7.57 -12.11 -42.28
CA LYS B 314 6.63 -11.17 -41.69
C LYS B 314 6.16 -11.61 -40.31
N ALA B 315 6.86 -12.57 -39.69
CA ALA B 315 6.51 -13.05 -38.35
C ALA B 315 7.76 -13.03 -37.47
N PRO B 316 8.31 -11.84 -37.22
CA PRO B 316 9.58 -11.78 -36.46
C PRO B 316 9.47 -12.34 -35.06
N LEU B 317 8.33 -12.22 -34.41
CA LEU B 317 8.18 -12.78 -33.07
C LEU B 317 8.21 -14.30 -33.11
N SER B 318 7.42 -14.90 -34.00
CA SER B 318 7.45 -16.34 -34.14
C SER B 318 8.83 -16.81 -34.61
N ALA B 319 9.49 -16.02 -35.46
CA ALA B 319 10.83 -16.40 -35.87
C ALA B 319 11.80 -16.38 -34.69
N SER B 320 11.65 -15.41 -33.79
CA SER B 320 12.52 -15.35 -32.62
C SER B 320 12.26 -16.52 -31.68
N MET B 321 10.99 -16.91 -31.52
CA MET B 321 10.66 -18.09 -30.72
C MET B 321 11.25 -19.35 -31.35
N ILE B 322 11.22 -19.44 -32.68
CA ILE B 322 11.84 -20.59 -33.35
C ILE B 322 13.35 -20.57 -33.17
N LYS B 323 13.95 -19.38 -33.17
CA LYS B 323 15.38 -19.27 -32.90
C LYS B 323 15.71 -19.78 -31.50
N ARG B 324 14.90 -19.39 -30.51
CA ARG B 324 14.99 -19.96 -29.16
C ARG B 324 14.97 -21.49 -29.20
N TYR B 325 14.00 -22.05 -29.92
CA TYR B 325 13.88 -23.51 -29.99
C TYR B 325 15.10 -24.15 -30.63
N ASP B 326 15.59 -23.58 -31.73
CA ASP B 326 16.72 -24.17 -32.43
C ASP B 326 17.99 -24.11 -31.58
N GLU B 327 18.25 -22.97 -30.95
CA GLU B 327 19.42 -22.87 -30.08
C GLU B 327 19.28 -23.80 -28.88
N HIS B 328 18.07 -23.94 -28.33
CA HIS B 328 17.85 -24.93 -27.27
C HIS B 328 18.23 -26.32 -27.76
N HIS B 329 17.80 -26.69 -28.97
CA HIS B 329 18.11 -28.02 -29.48
C HIS B 329 19.60 -28.21 -29.64
N GLN B 330 20.27 -27.24 -30.26
CA GLN B 330 21.70 -27.38 -30.52
C GLN B 330 22.49 -27.43 -29.21
N ASP B 331 22.17 -26.53 -28.28
CA ASP B 331 22.89 -26.48 -27.01
C ASP B 331 22.60 -27.70 -26.14
N LEU B 332 21.38 -28.24 -26.21
CA LEU B 332 21.08 -29.47 -25.49
C LEU B 332 21.86 -30.65 -26.05
N THR B 333 21.94 -30.76 -27.38
CA THR B 333 22.74 -31.82 -27.99
C THR B 333 24.20 -31.70 -27.58
N LEU B 334 24.75 -30.48 -27.68
CA LEU B 334 26.14 -30.26 -27.30
C LEU B 334 26.39 -30.63 -25.85
N LEU B 335 25.51 -30.17 -24.95
CA LEU B 335 25.68 -30.43 -23.52
C LEU B 335 25.57 -31.92 -23.21
N LYS B 336 24.61 -32.61 -23.82
CA LYS B 336 24.50 -34.05 -23.63
C LYS B 336 25.80 -34.74 -24.02
N ALA B 337 26.34 -34.41 -25.20
CA ALA B 337 27.58 -35.03 -25.63
C ALA B 337 28.73 -34.73 -24.68
N LEU B 338 28.87 -33.45 -24.28
CA LEU B 338 29.93 -33.06 -23.36
C LEU B 338 29.84 -33.84 -22.06
N VAL B 339 28.64 -33.96 -21.49
CA VAL B 339 28.50 -34.67 -20.21
C VAL B 339 28.76 -36.16 -20.40
N ARG B 340 28.31 -36.74 -21.51
CA ARG B 340 28.64 -38.13 -21.81
C ARG B 340 30.14 -38.34 -21.80
N GLN B 341 30.88 -37.41 -22.40
CA GLN B 341 32.32 -37.62 -22.56
C GLN B 341 33.10 -37.33 -21.28
N GLN B 342 32.78 -36.24 -20.58
CA GLN B 342 33.61 -35.74 -19.50
C GLN B 342 33.12 -36.15 -18.11
N LEU B 343 31.80 -36.15 -17.88
CA LEU B 343 31.23 -36.47 -16.57
C LEU B 343 30.11 -37.49 -16.73
N PRO B 344 30.46 -38.74 -17.05
CA PRO B 344 29.40 -39.74 -17.35
C PRO B 344 28.60 -40.16 -16.13
N GLU B 345 29.11 -39.95 -14.92
CA GLU B 345 28.38 -40.35 -13.72
C GLU B 345 27.32 -39.33 -13.31
N LYS B 346 27.40 -38.09 -13.81
CA LYS B 346 26.40 -37.08 -13.49
C LYS B 346 25.28 -36.99 -14.52
N TYR B 347 25.33 -37.80 -15.58
CA TYR B 347 24.32 -37.67 -16.64
C TYR B 347 22.92 -38.01 -16.13
N LYS B 348 22.80 -39.08 -15.34
CA LYS B 348 21.49 -39.47 -14.85
C LYS B 348 20.93 -38.40 -13.90
N GLU B 349 21.80 -37.76 -13.13
CA GLU B 349 21.34 -36.70 -12.24
C GLU B 349 20.86 -35.48 -13.01
N ILE B 350 21.50 -35.18 -14.13
CA ILE B 350 21.18 -33.96 -14.86
C ILE B 350 19.97 -34.15 -15.77
N PHE B 351 19.82 -35.34 -16.36
CA PHE B 351 18.80 -35.54 -17.38
C PHE B 351 17.69 -36.50 -16.97
N PHE B 352 17.68 -37.01 -15.75
CA PHE B 352 16.64 -37.95 -15.37
C PHE B 352 15.99 -37.62 -14.04
N ASP B 353 16.72 -36.96 -13.13
CA ASP B 353 16.25 -36.73 -11.77
C ASP B 353 15.43 -35.45 -11.72
N GLN B 354 14.11 -35.59 -11.61
CA GLN B 354 13.22 -34.44 -11.50
C GLN B 354 13.39 -33.70 -10.18
N SER B 355 13.87 -34.39 -9.13
CA SER B 355 14.05 -33.72 -7.86
C SER B 355 15.22 -32.73 -7.89
N LYS B 356 16.25 -33.04 -8.68
CA LYS B 356 17.38 -32.14 -8.82
C LYS B 356 17.05 -31.04 -9.83
N ASN B 357 17.73 -29.89 -9.69
CA ASN B 357 17.44 -28.74 -10.51
C ASN B 357 18.22 -28.80 -11.83
N GLY B 358 18.49 -30.01 -12.30
CA GLY B 358 19.09 -30.21 -13.60
C GLY B 358 18.10 -30.03 -14.71
N TYR B 359 18.44 -30.55 -15.89
CA TYR B 359 17.56 -30.41 -17.03
C TYR B 359 16.25 -31.16 -16.85
N ALA B 360 16.28 -32.30 -16.16
CA ALA B 360 15.05 -33.05 -15.90
C ALA B 360 14.10 -32.25 -15.02
N GLY B 361 14.59 -31.74 -13.88
CA GLY B 361 13.78 -30.87 -13.06
C GLY B 361 13.41 -29.57 -13.74
N TYR B 362 14.18 -29.15 -14.74
CA TYR B 362 13.88 -27.92 -15.45
C TYR B 362 12.76 -28.10 -16.45
N ILE B 363 12.66 -29.27 -17.07
CA ILE B 363 11.62 -29.55 -18.04
C ILE B 363 10.43 -30.25 -17.40
N ASP B 364 10.66 -31.16 -16.46
CA ASP B 364 9.59 -31.96 -15.89
C ASP B 364 9.29 -31.67 -14.44
N GLY B 365 10.26 -31.20 -13.67
CA GLY B 365 10.06 -30.86 -12.27
C GLY B 365 9.62 -29.43 -12.09
N GLY B 366 9.87 -28.92 -10.88
CA GLY B 366 9.50 -27.55 -10.53
C GLY B 366 10.62 -26.54 -10.63
N ALA B 367 11.74 -26.89 -11.26
CA ALA B 367 12.88 -26.00 -11.33
C ALA B 367 12.62 -24.88 -12.33
N SER B 368 12.86 -23.65 -11.91
CA SER B 368 12.73 -22.49 -12.77
C SER B 368 14.01 -22.29 -13.58
N GLN B 369 13.95 -21.37 -14.54
CA GLN B 369 15.12 -21.07 -15.35
C GLN B 369 16.28 -20.60 -14.50
N GLU B 370 15.98 -19.80 -13.47
CA GLU B 370 17.01 -19.28 -12.58
C GLU B 370 17.64 -20.38 -11.74
N GLU B 371 16.80 -21.24 -11.15
CA GLU B 371 17.31 -22.37 -10.39
C GLU B 371 18.12 -23.30 -11.26
N PHE B 372 17.68 -23.50 -12.51
CA PHE B 372 18.44 -24.37 -13.42
C PHE B 372 19.81 -23.78 -13.74
N TYR B 373 19.85 -22.47 -14.02
CA TYR B 373 21.13 -21.82 -14.27
C TYR B 373 22.05 -21.91 -13.06
N LYS B 374 21.50 -21.73 -11.86
CA LYS B 374 22.30 -21.85 -10.64
C LYS B 374 22.82 -23.27 -10.46
N PHE B 375 22.01 -24.27 -10.81
CA PHE B 375 22.43 -25.66 -10.64
C PHE B 375 23.52 -26.02 -11.64
N ILE B 376 23.44 -25.48 -12.86
CA ILE B 376 24.31 -25.97 -13.93
C ILE B 376 25.52 -25.08 -14.20
N LYS B 377 25.58 -23.88 -13.62
CA LYS B 377 26.75 -23.02 -13.84
C LYS B 377 28.05 -23.69 -13.39
N PRO B 378 28.19 -24.22 -12.17
CA PRO B 378 29.44 -24.91 -11.84
C PRO B 378 29.72 -26.12 -12.71
N ILE B 379 28.68 -26.81 -13.18
CA ILE B 379 28.92 -27.95 -14.06
C ILE B 379 29.52 -27.50 -15.38
N LEU B 380 29.10 -26.34 -15.89
CA LEU B 380 29.68 -25.84 -17.11
C LEU B 380 31.10 -25.32 -16.89
N GLU B 381 31.33 -24.66 -15.75
CA GLU B 381 32.67 -24.13 -15.47
C GLU B 381 33.67 -25.25 -15.20
N LYS B 382 33.20 -26.39 -14.72
CA LYS B 382 34.06 -27.52 -14.42
C LYS B 382 34.56 -28.23 -15.68
N MET B 383 33.81 -28.13 -16.77
CA MET B 383 34.13 -28.89 -17.98
C MET B 383 34.84 -28.00 -19.00
N ASP B 384 35.22 -28.61 -20.12
CA ASP B 384 35.90 -27.93 -21.21
C ASP B 384 35.04 -27.96 -22.46
N GLY B 385 35.01 -26.84 -23.17
CA GLY B 385 34.13 -26.67 -24.31
C GLY B 385 32.81 -25.98 -23.99
N THR B 386 32.66 -25.47 -22.77
CA THR B 386 31.41 -24.88 -22.30
C THR B 386 31.45 -23.36 -22.31
N GLU B 387 32.36 -22.76 -23.08
CA GLU B 387 32.56 -21.32 -23.02
C GLU B 387 31.40 -20.56 -23.66
N GLU B 388 30.95 -21.02 -24.83
CA GLU B 388 29.79 -20.38 -25.46
C GLU B 388 28.53 -20.62 -24.65
N LEU B 389 28.35 -21.84 -24.13
CA LEU B 389 27.21 -22.11 -23.26
C LEU B 389 27.25 -21.20 -22.03
N LEU B 390 28.44 -20.98 -21.47
CA LEU B 390 28.55 -20.10 -20.31
C LEU B 390 28.23 -18.65 -20.67
N VAL B 391 28.64 -18.22 -21.86
CA VAL B 391 28.31 -16.86 -22.31
C VAL B 391 26.80 -16.71 -22.43
N LYS B 392 26.14 -17.66 -23.09
CA LYS B 392 24.69 -17.63 -23.16
C LYS B 392 24.05 -17.68 -21.78
N LEU B 393 24.67 -18.41 -20.85
CA LEU B 393 24.10 -18.55 -19.51
C LEU B 393 24.14 -17.23 -18.76
N ASN B 394 25.22 -16.47 -18.89
CA ASN B 394 25.32 -15.20 -18.18
C ASN B 394 24.44 -14.12 -18.81
N ARG B 395 24.11 -14.24 -20.09
CA ARG B 395 23.16 -13.33 -20.72
C ARG B 395 21.70 -13.78 -20.56
N GLU B 396 21.46 -14.87 -19.82
CA GLU B 396 20.12 -15.42 -19.61
C GLU B 396 19.49 -15.83 -20.94
N ASP B 397 20.23 -16.58 -21.74
CA ASP B 397 19.79 -16.96 -23.08
C ASP B 397 20.27 -18.38 -23.40
N LEU B 398 20.22 -19.28 -22.42
CA LEU B 398 20.66 -20.66 -22.58
C LEU B 398 19.48 -21.59 -22.35
N LEU B 399 19.24 -22.48 -23.32
CA LEU B 399 18.21 -23.51 -23.22
C LEU B 399 16.85 -22.92 -22.87
N ARG B 400 16.52 -21.81 -23.53
CA ARG B 400 15.29 -21.09 -23.21
C ARG B 400 14.06 -21.80 -23.75
N LYS B 401 13.00 -21.80 -22.94
CA LYS B 401 11.68 -22.15 -23.41
C LYS B 401 11.06 -20.93 -24.09
N GLN B 402 9.88 -21.13 -24.69
CA GLN B 402 9.20 -20.05 -25.39
C GLN B 402 8.13 -19.37 -24.55
N ARG B 403 7.46 -20.12 -23.68
CA ARG B 403 6.52 -19.54 -22.73
C ARG B 403 7.30 -19.29 -21.43
N THR B 404 7.64 -18.03 -21.18
CA THR B 404 8.54 -17.64 -20.10
C THR B 404 8.00 -16.41 -19.40
N PHE B 405 8.61 -16.11 -18.25
CA PHE B 405 8.19 -15.00 -17.39
C PHE B 405 8.42 -13.63 -18.00
N ASP B 406 9.34 -13.52 -18.95
CA ASP B 406 9.69 -12.21 -19.49
C ASP B 406 8.93 -11.88 -20.77
N ASN B 407 7.95 -12.69 -21.15
CA ASN B 407 7.25 -12.40 -22.40
C ASN B 407 6.28 -11.22 -22.29
N GLY B 408 6.11 -10.64 -21.10
CA GLY B 408 5.21 -9.51 -20.90
C GLY B 408 5.63 -8.24 -21.61
N SER B 409 6.82 -8.21 -22.21
CA SER B 409 7.27 -7.08 -23.01
C SER B 409 6.56 -7.00 -24.36
N ILE B 410 6.01 -8.10 -24.85
CA ILE B 410 5.46 -8.19 -26.21
C ILE B 410 4.19 -7.35 -26.35
N PRO B 411 4.19 -6.32 -27.18
CA PRO B 411 2.96 -5.53 -27.39
C PRO B 411 1.96 -6.28 -28.25
N HIS B 412 0.67 -5.96 -28.05
CA HIS B 412 -0.36 -6.69 -28.77
C HIS B 412 -0.35 -6.36 -30.26
N GLN B 413 0.25 -5.24 -30.65
CA GLN B 413 0.36 -4.93 -32.07
C GLN B 413 1.18 -5.96 -32.82
N ILE B 414 2.09 -6.66 -32.15
CA ILE B 414 2.90 -7.66 -32.83
C ILE B 414 2.09 -8.92 -33.11
N HIS B 415 1.41 -9.44 -32.08
CA HIS B 415 0.50 -10.54 -32.29
C HIS B 415 -0.55 -10.17 -33.34
N LEU B 416 -1.00 -8.92 -33.33
CA LEU B 416 -1.98 -8.47 -34.32
C LEU B 416 -1.40 -8.49 -35.72
N GLY B 417 -0.15 -8.04 -35.88
CA GLY B 417 0.48 -8.12 -37.19
C GLY B 417 0.50 -9.53 -37.72
N GLU B 418 0.85 -10.48 -36.85
CA GLU B 418 0.87 -11.88 -37.28
C GLU B 418 -0.53 -12.38 -37.63
N LEU B 419 -1.53 -12.00 -36.82
CA LEU B 419 -2.91 -12.43 -37.05
C LEU B 419 -3.45 -11.89 -38.35
N HIS B 420 -3.24 -10.60 -38.59
CA HIS B 420 -3.65 -9.98 -39.84
C HIS B 420 -2.95 -10.63 -41.03
N ALA B 421 -1.66 -10.97 -40.90
CA ALA B 421 -0.98 -11.62 -42.01
C ALA B 421 -1.62 -12.97 -42.32
N ILE B 422 -1.90 -13.75 -41.27
CA ILE B 422 -2.52 -15.06 -41.50
C ILE B 422 -3.87 -14.90 -42.18
N LEU B 423 -4.69 -13.96 -41.69
CA LEU B 423 -6.00 -13.74 -42.31
C LEU B 423 -5.87 -13.30 -43.76
N ARG B 424 -4.84 -12.50 -44.09
CA ARG B 424 -4.66 -12.07 -45.47
C ARG B 424 -4.21 -13.24 -46.36
N ARG B 425 -3.41 -14.14 -45.81
CA ARG B 425 -3.01 -15.31 -46.58
C ARG B 425 -4.22 -16.20 -46.86
N GLN B 426 -4.97 -16.56 -45.82
CA GLN B 426 -5.96 -17.60 -45.99
C GLN B 426 -7.34 -17.10 -46.42
N GLU B 427 -7.57 -15.78 -46.43
CA GLU B 427 -8.87 -15.29 -46.89
C GLU B 427 -9.06 -15.48 -48.39
N ASP B 428 -7.97 -15.70 -49.13
CA ASP B 428 -8.07 -15.98 -50.55
C ASP B 428 -8.69 -17.35 -50.82
N PHE B 429 -8.72 -18.23 -49.83
CA PHE B 429 -9.28 -19.57 -49.98
C PHE B 429 -10.58 -19.77 -49.22
N TYR B 430 -10.87 -18.96 -48.21
CA TYR B 430 -12.05 -19.12 -47.38
C TYR B 430 -12.80 -17.80 -47.32
N PRO B 431 -13.95 -17.68 -47.97
CA PRO B 431 -14.61 -16.36 -48.05
C PRO B 431 -15.08 -15.83 -46.70
N PHE B 432 -15.46 -16.70 -45.76
CA PHE B 432 -15.88 -16.23 -44.46
C PHE B 432 -14.73 -15.60 -43.68
N LEU B 433 -13.48 -15.93 -44.02
CA LEU B 433 -12.37 -15.21 -43.41
C LEU B 433 -12.24 -13.80 -44.00
N LYS B 434 -12.55 -13.64 -45.30
CA LYS B 434 -12.55 -12.31 -45.89
C LYS B 434 -13.65 -11.44 -45.28
N ASP B 435 -14.85 -12.00 -45.10
CA ASP B 435 -15.96 -11.23 -44.55
C ASP B 435 -15.82 -10.95 -43.06
N ASN B 436 -15.07 -11.77 -42.32
CA ASN B 436 -14.94 -11.63 -40.88
C ASN B 436 -13.52 -11.25 -40.45
N ARG B 437 -12.67 -10.81 -41.38
CA ARG B 437 -11.31 -10.42 -41.03
C ARG B 437 -11.30 -9.32 -39.97
N GLU B 438 -12.01 -8.23 -40.23
CA GLU B 438 -12.00 -7.12 -39.29
C GLU B 438 -12.65 -7.51 -37.97
N LYS B 439 -13.66 -8.39 -38.00
CA LYS B 439 -14.27 -8.86 -36.75
C LYS B 439 -13.26 -9.57 -35.87
N ILE B 440 -12.46 -10.46 -36.46
CA ILE B 440 -11.46 -11.19 -35.70
C ILE B 440 -10.37 -10.26 -35.18
N GLU B 441 -9.90 -9.35 -36.04
CA GLU B 441 -8.98 -8.32 -35.56
C GLU B 441 -9.58 -7.59 -34.36
N LYS B 442 -10.88 -7.27 -34.42
CA LYS B 442 -11.52 -6.53 -33.33
C LYS B 442 -11.53 -7.35 -32.05
N ILE B 443 -11.84 -8.64 -32.17
CA ILE B 443 -11.76 -9.54 -31.01
C ILE B 443 -10.42 -9.40 -30.32
N LEU B 444 -9.34 -9.40 -31.10
CA LEU B 444 -8.02 -9.30 -30.47
C LEU B 444 -7.78 -7.91 -29.89
N THR B 445 -8.14 -6.85 -30.61
CA THR B 445 -7.73 -5.50 -30.22
C THR B 445 -8.68 -4.81 -29.24
N PHE B 446 -9.88 -5.33 -29.02
CA PHE B 446 -10.85 -4.63 -28.19
C PHE B 446 -10.58 -4.84 -26.70
N ARG B 447 -10.54 -3.73 -25.95
CA ARG B 447 -10.59 -3.73 -24.49
C ARG B 447 -11.81 -2.95 -24.02
N ILE B 448 -12.39 -3.37 -22.91
CA ILE B 448 -13.36 -2.49 -22.26
C ILE B 448 -12.61 -1.33 -21.64
N PRO B 449 -12.99 -0.08 -21.92
CA PRO B 449 -12.23 1.07 -21.39
C PRO B 449 -12.27 1.11 -19.88
N TYR B 450 -11.15 1.51 -19.27
CA TYR B 450 -11.13 1.58 -17.81
C TYR B 450 -12.21 2.50 -17.28
N TYR B 451 -12.63 3.49 -18.07
CA TYR B 451 -13.64 4.46 -17.66
C TYR B 451 -15.06 3.98 -17.92
N VAL B 452 -15.24 2.72 -18.31
CA VAL B 452 -16.56 2.14 -18.51
C VAL B 452 -16.91 1.11 -17.43
N GLY B 453 -15.93 0.33 -16.98
CA GLY B 453 -16.15 -0.62 -15.94
C GLY B 453 -16.96 -1.83 -16.38
N PRO B 454 -17.35 -2.68 -15.42
CA PRO B 454 -18.14 -3.86 -15.74
C PRO B 454 -19.36 -3.54 -16.60
N LEU B 455 -19.63 -4.42 -17.56
CA LEU B 455 -20.74 -4.25 -18.49
C LEU B 455 -22.05 -4.79 -17.92
N ALA B 456 -22.35 -4.35 -16.70
CA ALA B 456 -23.44 -4.93 -15.92
C ALA B 456 -24.80 -4.44 -16.41
N ARG B 457 -25.85 -5.01 -15.82
CA ARG B 457 -27.22 -4.66 -16.16
C ARG B 457 -28.05 -4.58 -14.88
N GLY B 458 -27.54 -3.84 -13.91
CA GLY B 458 -28.26 -3.59 -12.68
C GLY B 458 -28.08 -4.62 -11.58
N ASN B 459 -26.99 -5.38 -11.58
CA ASN B 459 -26.75 -6.37 -10.54
C ASN B 459 -25.31 -6.39 -10.08
N SER B 460 -24.61 -5.27 -10.21
CA SER B 460 -23.21 -5.16 -9.80
C SER B 460 -23.03 -3.87 -9.02
N ARG B 461 -22.67 -4.00 -7.75
CA ARG B 461 -22.39 -2.82 -6.94
C ARG B 461 -21.12 -2.09 -7.38
N PHE B 462 -20.41 -2.61 -8.38
CA PHE B 462 -19.19 -1.99 -8.88
C PHE B 462 -19.40 -1.26 -10.20
N ALA B 463 -20.53 -1.49 -10.86
CA ALA B 463 -20.75 -0.96 -12.20
C ALA B 463 -21.32 0.45 -12.15
N TRP B 464 -21.01 1.22 -13.19
CA TRP B 464 -21.52 2.57 -13.35
C TRP B 464 -21.89 2.88 -14.79
N MET B 465 -21.70 1.93 -15.69
CA MET B 465 -21.86 2.17 -17.11
C MET B 465 -23.34 2.32 -17.47
N THR B 466 -23.62 3.30 -18.31
CA THR B 466 -24.94 3.51 -18.89
C THR B 466 -24.92 3.10 -20.35
N ARG B 467 -26.05 2.55 -20.83
CA ARG B 467 -26.16 2.02 -22.17
C ARG B 467 -26.93 2.99 -23.07
N LYS B 468 -26.47 3.12 -24.33
CA LYS B 468 -27.23 3.87 -25.32
C LYS B 468 -28.48 3.11 -25.78
N SER B 469 -28.41 1.79 -25.78
CA SER B 469 -29.54 0.96 -26.15
C SER B 469 -29.46 -0.34 -25.35
N GLU B 470 -30.52 -1.13 -25.42
CA GLU B 470 -30.68 -2.32 -24.59
C GLU B 470 -30.50 -3.56 -25.45
N GLU B 471 -29.27 -4.06 -25.52
CA GLU B 471 -28.97 -5.32 -26.21
C GLU B 471 -27.60 -5.79 -25.75
N THR B 472 -27.26 -7.02 -26.15
CA THR B 472 -26.01 -7.61 -25.71
C THR B 472 -24.82 -6.83 -26.27
N ILE B 473 -23.86 -6.52 -25.40
CA ILE B 473 -22.66 -5.81 -25.81
C ILE B 473 -21.62 -6.81 -26.29
N THR B 474 -21.14 -6.59 -27.50
CA THR B 474 -20.12 -7.39 -28.16
C THR B 474 -18.95 -6.48 -28.55
N PRO B 475 -17.77 -7.03 -28.83
CA PRO B 475 -16.65 -6.18 -29.27
C PRO B 475 -16.97 -5.35 -30.50
N TRP B 476 -17.90 -5.81 -31.33
CA TRP B 476 -18.17 -5.17 -32.61
C TRP B 476 -19.25 -4.11 -32.55
N ASN B 477 -19.98 -4.00 -31.44
CA ASN B 477 -21.02 -2.99 -31.31
C ASN B 477 -20.85 -2.15 -30.05
N PHE B 478 -19.65 -2.15 -29.45
CA PHE B 478 -19.47 -1.44 -28.19
C PHE B 478 -19.68 0.06 -28.36
N GLU B 479 -19.03 0.66 -29.35
CA GLU B 479 -19.14 2.09 -29.59
C GLU B 479 -20.58 2.55 -29.80
N GLU B 480 -21.47 1.65 -30.22
CA GLU B 480 -22.86 1.99 -30.51
C GLU B 480 -23.83 1.67 -29.38
N VAL B 481 -23.49 0.74 -28.49
CA VAL B 481 -24.39 0.33 -27.42
C VAL B 481 -24.04 1.01 -26.09
N VAL B 482 -22.75 1.19 -25.82
CA VAL B 482 -22.32 1.86 -24.60
C VAL B 482 -22.13 3.34 -24.89
N ASP B 483 -22.73 4.19 -24.06
CA ASP B 483 -22.49 5.62 -24.10
C ASP B 483 -21.16 5.88 -23.44
N LYS B 484 -20.07 5.86 -24.23
CA LYS B 484 -18.75 6.06 -23.65
C LYS B 484 -18.64 7.41 -22.96
N GLY B 485 -19.32 8.44 -23.47
CA GLY B 485 -19.26 9.75 -22.87
C GLY B 485 -19.84 9.82 -21.48
N ALA B 486 -21.11 9.42 -21.36
CA ALA B 486 -21.75 9.44 -20.04
C ALA B 486 -21.06 8.49 -19.08
N SER B 487 -20.56 7.36 -19.57
CA SER B 487 -19.85 6.42 -18.72
C SER B 487 -18.56 7.03 -18.20
N ALA B 488 -17.76 7.62 -19.09
CA ALA B 488 -16.53 8.26 -18.66
C ALA B 488 -16.80 9.41 -17.70
N GLN B 489 -17.95 10.08 -17.86
CA GLN B 489 -18.30 11.17 -16.96
C GLN B 489 -18.67 10.64 -15.58
N SER B 490 -19.48 9.58 -15.52
CA SER B 490 -19.78 8.93 -14.25
C SER B 490 -18.53 8.38 -13.58
N PHE B 491 -17.55 7.93 -14.38
CA PHE B 491 -16.32 7.40 -13.80
C PHE B 491 -15.69 8.40 -12.86
N ILE B 492 -15.72 9.68 -13.21
CA ILE B 492 -15.12 10.70 -12.35
C ILE B 492 -16.13 11.25 -11.35
N GLU B 493 -17.37 11.51 -11.78
CA GLU B 493 -18.34 12.19 -10.91
C GLU B 493 -18.83 11.33 -9.75
N ARG B 494 -18.78 10.00 -9.87
CA ARG B 494 -19.16 9.17 -8.72
C ARG B 494 -18.10 9.14 -7.63
N MET B 495 -16.94 9.78 -7.84
CA MET B 495 -15.83 9.77 -6.90
C MET B 495 -15.42 11.14 -6.41
N THR B 496 -15.68 12.20 -7.17
CA THR B 496 -15.20 13.52 -6.80
C THR B 496 -16.14 14.19 -5.81
N ASN B 497 -15.57 15.10 -5.03
CA ASN B 497 -16.32 15.85 -4.05
C ASN B 497 -17.15 16.95 -4.71
N PHE B 498 -18.29 17.25 -4.10
CA PHE B 498 -19.01 18.47 -4.39
C PHE B 498 -18.44 19.61 -3.53
N ASP B 499 -18.84 20.83 -3.88
CA ASP B 499 -18.49 21.99 -3.07
C ASP B 499 -19.14 21.87 -1.70
N LYS B 500 -18.34 21.90 -0.64
CA LYS B 500 -18.91 21.84 0.70
C LYS B 500 -19.80 23.05 0.98
N ASN B 501 -19.44 24.22 0.43
CA ASN B 501 -20.23 25.42 0.65
C ASN B 501 -21.55 25.37 -0.10
N LEU B 502 -21.52 24.98 -1.37
CA LEU B 502 -22.71 24.79 -2.19
C LEU B 502 -22.83 23.30 -2.52
N PRO B 503 -23.47 22.50 -1.66
CA PRO B 503 -23.36 21.03 -1.80
C PRO B 503 -23.95 20.46 -3.09
N ASN B 504 -24.72 21.22 -3.87
CA ASN B 504 -25.27 20.71 -5.11
C ASN B 504 -24.42 21.05 -6.33
N GLU B 505 -23.29 21.72 -6.15
CA GLU B 505 -22.49 22.26 -7.25
C GLU B 505 -21.19 21.47 -7.37
N LYS B 506 -20.85 21.07 -8.59
CA LYS B 506 -19.62 20.31 -8.81
C LYS B 506 -18.42 21.24 -8.74
N VAL B 507 -17.30 20.73 -8.20
CA VAL B 507 -16.11 21.57 -8.08
C VAL B 507 -15.51 21.81 -9.46
N LEU B 508 -14.71 22.87 -9.56
CA LEU B 508 -14.03 23.17 -10.80
C LEU B 508 -12.82 22.26 -10.97
N PRO B 509 -12.41 22.02 -12.22
CA PRO B 509 -11.11 21.38 -12.46
C PRO B 509 -9.99 22.17 -11.81
N LYS B 510 -8.97 21.44 -11.35
CA LYS B 510 -7.84 22.06 -10.68
C LYS B 510 -7.11 23.04 -11.58
N HIS B 511 -7.05 22.77 -12.89
CA HIS B 511 -6.34 23.63 -13.83
C HIS B 511 -7.26 24.54 -14.63
N SER B 512 -8.49 24.73 -14.18
CA SER B 512 -9.38 25.72 -14.80
C SER B 512 -8.78 27.11 -14.69
N LEU B 513 -8.96 27.92 -15.73
CA LEU B 513 -8.45 29.30 -15.71
C LEU B 513 -9.10 30.10 -14.58
N LEU B 514 -10.43 29.98 -14.44
CA LEU B 514 -11.13 30.69 -13.39
C LEU B 514 -10.56 30.33 -12.01
N TYR B 515 -10.28 29.05 -11.78
CA TYR B 515 -9.78 28.61 -10.48
C TYR B 515 -8.43 29.24 -10.17
N GLU B 516 -7.56 29.35 -11.18
CA GLU B 516 -6.25 29.91 -10.92
C GLU B 516 -6.31 31.42 -10.78
N TYR B 517 -7.19 32.09 -11.52
CA TYR B 517 -7.48 33.49 -11.25
C TYR B 517 -7.88 33.68 -9.80
N PHE B 518 -8.78 32.82 -9.31
CA PHE B 518 -9.23 32.91 -7.93
C PHE B 518 -8.07 32.76 -6.96
N THR B 519 -7.26 31.71 -7.12
CA THR B 519 -6.15 31.50 -6.19
C THR B 519 -5.14 32.66 -6.22
N VAL B 520 -4.86 33.17 -7.42
CA VAL B 520 -3.86 34.24 -7.55
C VAL B 520 -4.37 35.50 -6.88
N TYR B 521 -5.63 35.85 -7.12
CA TYR B 521 -6.18 37.07 -6.52
C TYR B 521 -6.35 36.91 -5.00
N ASN B 522 -6.76 35.72 -4.55
CA ASN B 522 -6.88 35.50 -3.12
C ASN B 522 -5.54 35.67 -2.41
N GLU B 523 -4.44 35.30 -3.07
CA GLU B 523 -3.15 35.49 -2.43
C GLU B 523 -2.66 36.93 -2.58
N LEU B 524 -2.98 37.56 -3.70
CA LEU B 524 -2.47 38.89 -3.99
C LEU B 524 -3.19 39.97 -3.19
N THR B 525 -4.41 39.69 -2.75
CA THR B 525 -5.22 40.67 -2.03
C THR B 525 -4.78 40.88 -0.57
N LYS B 526 -3.93 40.01 -0.02
CA LYS B 526 -3.41 40.20 1.33
C LYS B 526 -1.93 40.60 1.34
N VAL B 527 -1.43 41.10 0.22
CA VAL B 527 -0.08 41.65 0.17
C VAL B 527 -0.09 43.07 0.71
N LYS B 528 0.97 43.44 1.43
CA LYS B 528 1.14 44.80 1.92
C LYS B 528 2.54 45.29 1.58
N TYR B 529 2.71 46.62 1.58
CA TYR B 529 3.99 47.20 1.21
C TYR B 529 4.18 48.56 1.89
N VAL B 530 5.45 48.90 2.12
CA VAL B 530 5.85 50.16 2.71
C VAL B 530 6.99 50.78 1.90
N THR B 531 7.02 52.10 1.87
CA THR B 531 8.18 52.85 1.39
C THR B 531 8.52 53.92 2.44
N GLU B 532 9.30 54.92 2.03
CA GLU B 532 9.73 55.97 2.97
C GLU B 532 8.58 56.89 3.35
N GLY B 533 8.02 57.61 2.37
CA GLY B 533 7.00 58.60 2.64
C GLY B 533 5.70 58.05 3.20
N MET B 534 5.51 56.74 3.18
CA MET B 534 4.27 56.17 3.66
C MET B 534 4.25 56.07 5.18
N ARG B 535 3.12 56.42 5.78
CA ARG B 535 3.02 56.37 7.23
C ARG B 535 2.84 54.94 7.72
N LYS B 536 2.16 54.11 6.93
CA LYS B 536 1.71 52.81 7.37
C LYS B 536 1.64 51.89 6.15
N PRO B 537 1.97 50.61 6.31
CA PRO B 537 1.79 49.66 5.21
C PRO B 537 0.36 49.68 4.67
N ALA B 538 0.25 49.44 3.37
CA ALA B 538 -1.01 49.54 2.64
C ALA B 538 -1.27 48.25 1.86
N PHE B 539 -2.56 47.93 1.70
CA PHE B 539 -2.97 46.90 0.77
C PHE B 539 -2.72 47.35 -0.68
N LEU B 540 -2.95 46.43 -1.61
CA LEU B 540 -2.91 46.73 -3.03
C LEU B 540 -4.31 47.09 -3.51
N SER B 541 -4.43 48.20 -4.23
CA SER B 541 -5.70 48.58 -4.80
C SER B 541 -6.05 47.64 -5.97
N GLY B 542 -7.32 47.66 -6.37
CA GLY B 542 -7.74 46.85 -7.50
C GLY B 542 -6.95 47.14 -8.75
N GLU B 543 -6.63 48.42 -9.00
CA GLU B 543 -5.83 48.79 -10.15
C GLU B 543 -4.43 48.20 -10.06
N GLN B 544 -3.83 48.24 -8.87
CA GLN B 544 -2.50 47.66 -8.68
C GLN B 544 -2.53 46.14 -8.88
N LYS B 545 -3.53 45.46 -8.32
CA LYS B 545 -3.62 44.03 -8.50
C LYS B 545 -3.81 43.66 -9.96
N LYS B 546 -4.69 44.36 -10.68
CA LYS B 546 -4.90 44.04 -12.09
C LYS B 546 -3.62 44.31 -12.89
N ALA B 547 -2.91 45.39 -12.56
CA ALA B 547 -1.67 45.70 -13.27
C ALA B 547 -0.59 44.66 -13.00
N ILE B 548 -0.52 44.14 -11.76
CA ILE B 548 0.46 43.11 -11.45
C ILE B 548 0.09 41.80 -12.14
N VAL B 549 -1.20 41.49 -12.20
CA VAL B 549 -1.64 40.30 -12.91
C VAL B 549 -1.28 40.40 -14.39
N ASP B 550 -1.60 41.54 -15.01
CA ASP B 550 -1.39 41.66 -16.45
C ASP B 550 0.09 41.79 -16.81
N LEU B 551 0.91 42.35 -15.92
CA LEU B 551 2.32 42.61 -16.20
C LEU B 551 3.24 41.47 -15.79
N LEU B 552 2.88 40.73 -14.73
CA LEU B 552 3.75 39.68 -14.20
C LEU B 552 3.13 38.31 -14.34
N PHE B 553 1.95 38.08 -13.75
CA PHE B 553 1.36 36.75 -13.77
C PHE B 553 0.98 36.30 -15.16
N LYS B 554 0.77 37.21 -16.09
CA LYS B 554 0.42 36.83 -17.46
C LYS B 554 1.61 36.87 -18.41
N THR B 555 2.81 37.10 -17.89
CA THR B 555 4.03 36.98 -18.69
C THR B 555 5.08 36.05 -18.09
N ASN B 556 4.86 35.51 -16.89
CA ASN B 556 5.80 34.61 -16.24
C ASN B 556 5.04 33.48 -15.58
N ARG B 557 5.56 32.25 -15.70
CA ARG B 557 4.90 31.13 -15.04
C ARG B 557 4.91 31.29 -13.53
N LYS B 558 6.04 31.70 -12.97
CA LYS B 558 6.15 32.00 -11.55
C LYS B 558 6.54 33.46 -11.38
N VAL B 559 6.04 34.08 -10.31
CA VAL B 559 6.27 35.50 -10.04
C VAL B 559 6.99 35.59 -8.71
N THR B 560 8.26 35.97 -8.74
CA THR B 560 9.04 36.08 -7.52
C THR B 560 8.90 37.46 -6.90
N VAL B 561 9.27 37.56 -5.62
CA VAL B 561 9.17 38.85 -4.94
C VAL B 561 10.14 39.85 -5.56
N LYS B 562 11.30 39.39 -6.03
CA LYS B 562 12.21 40.29 -6.73
C LYS B 562 11.56 40.87 -7.98
N GLN B 563 10.87 40.03 -8.74
CA GLN B 563 10.13 40.54 -9.89
C GLN B 563 9.07 41.55 -9.46
N LEU B 564 8.36 41.29 -8.36
CA LEU B 564 7.37 42.25 -7.90
C LEU B 564 8.03 43.58 -7.56
N LYS B 565 9.20 43.54 -6.92
CA LYS B 565 9.87 44.76 -6.48
C LYS B 565 10.41 45.57 -7.67
N GLU B 566 10.98 44.88 -8.66
CA GLU B 566 11.69 45.56 -9.75
C GLU B 566 10.81 45.81 -10.98
N ASP B 567 10.07 44.80 -11.43
CA ASP B 567 9.28 44.90 -12.65
C ASP B 567 7.98 45.68 -12.45
N TYR B 568 7.51 45.84 -11.21
CA TYR B 568 6.33 46.66 -10.96
C TYR B 568 6.65 47.88 -10.10
N PHE B 569 7.07 47.69 -8.85
CA PHE B 569 7.20 48.83 -7.95
C PHE B 569 8.26 49.83 -8.42
N LYS B 570 9.28 49.35 -9.13
CA LYS B 570 10.27 50.25 -9.72
C LYS B 570 9.85 50.77 -11.09
N LYS B 571 9.40 49.86 -11.96
CA LYS B 571 9.03 50.24 -13.32
C LYS B 571 7.79 51.14 -13.33
N ILE B 572 6.81 50.87 -12.47
CA ILE B 572 5.55 51.60 -12.51
C ILE B 572 5.50 52.70 -11.44
N GLU B 573 5.67 52.30 -10.17
CA GLU B 573 5.53 53.22 -9.04
C GLU B 573 6.78 54.05 -8.78
N CYS B 574 7.91 53.74 -9.42
CA CYS B 574 9.16 54.48 -9.29
C CYS B 574 9.69 54.48 -7.85
N PHE B 575 9.58 53.33 -7.19
CA PHE B 575 10.18 53.12 -5.87
C PHE B 575 11.51 52.40 -6.02
N ASP B 576 12.55 52.93 -5.37
CA ASP B 576 13.83 52.24 -5.30
C ASP B 576 13.94 51.29 -4.11
N SER B 577 13.12 51.51 -3.07
CA SER B 577 13.08 50.64 -1.90
C SER B 577 11.64 50.41 -1.51
N VAL B 578 11.27 49.16 -1.25
CA VAL B 578 9.92 48.83 -0.85
C VAL B 578 9.96 47.54 -0.04
N GLU B 579 9.16 47.49 1.03
CA GLU B 579 9.10 46.33 1.90
C GLU B 579 7.76 45.63 1.71
N ILE B 580 7.82 44.33 1.43
CA ILE B 580 6.67 43.52 1.05
C ILE B 580 6.35 42.54 2.18
N SER B 581 5.07 42.37 2.46
CA SER B 581 4.61 41.36 3.40
C SER B 581 3.43 40.62 2.79
N GLY B 582 3.22 39.39 3.25
CA GLY B 582 2.18 38.52 2.73
C GLY B 582 2.63 37.53 1.68
N VAL B 583 3.91 37.57 1.29
CA VAL B 583 4.48 36.62 0.35
C VAL B 583 5.99 36.63 0.53
N GLU B 584 6.60 35.45 0.49
CA GLU B 584 8.03 35.30 0.68
C GLU B 584 8.63 34.53 -0.50
N ASP B 585 9.79 34.99 -0.96
CA ASP B 585 10.53 34.40 -2.09
C ASP B 585 9.75 34.50 -3.40
N ARG B 586 8.58 33.85 -3.49
CA ARG B 586 7.76 33.90 -4.69
C ARG B 586 6.31 33.59 -4.32
N PHE B 587 5.40 33.94 -5.23
CA PHE B 587 4.00 33.65 -5.04
C PHE B 587 3.73 32.16 -5.22
N ASN B 588 2.89 31.60 -4.36
CA ASN B 588 2.56 30.19 -4.45
C ASN B 588 1.58 29.94 -5.59
N ALA B 589 0.61 30.84 -5.78
CA ALA B 589 -0.33 30.69 -6.87
C ALA B 589 0.31 31.14 -8.18
N SER B 590 -0.25 30.64 -9.29
CA SER B 590 0.26 31.00 -10.60
C SER B 590 -0.78 30.66 -11.66
N LEU B 591 -0.59 31.25 -12.84
CA LEU B 591 -1.49 31.03 -13.96
C LEU B 591 -0.84 30.09 -14.97
N GLY B 592 -0.73 28.82 -14.53
CA GLY B 592 -0.11 27.81 -15.36
C GLY B 592 -0.90 27.49 -16.62
N THR B 593 -2.22 27.31 -16.47
CA THR B 593 -3.03 27.00 -17.63
C THR B 593 -3.02 28.14 -18.63
N TYR B 594 -3.02 29.38 -18.14
CA TYR B 594 -2.95 30.51 -19.06
C TYR B 594 -1.74 30.40 -19.95
N HIS B 595 -0.58 30.06 -19.38
CA HIS B 595 0.64 29.94 -20.17
C HIS B 595 0.63 28.70 -21.06
N ASP B 596 0.06 27.59 -20.59
CA ASP B 596 -0.08 26.42 -21.45
C ASP B 596 -0.88 26.77 -22.70
N LEU B 597 -2.06 27.36 -22.50
CA LEU B 597 -2.93 27.67 -23.64
C LEU B 597 -2.34 28.79 -24.48
N LEU B 598 -1.56 29.69 -23.88
CA LEU B 598 -0.90 30.71 -24.67
C LEU B 598 0.15 30.09 -25.59
N LYS B 599 0.88 29.10 -25.10
CA LYS B 599 1.83 28.42 -25.96
C LYS B 599 1.13 27.64 -27.07
N ILE B 600 -0.02 27.03 -26.75
CA ILE B 600 -0.67 26.19 -27.75
C ILE B 600 -1.41 27.02 -28.81
N ILE B 601 -2.13 28.07 -28.41
CA ILE B 601 -3.03 28.75 -29.34
C ILE B 601 -2.39 30.03 -29.87
N LYS B 602 -1.47 30.62 -29.11
CA LYS B 602 -0.73 31.82 -29.52
C LYS B 602 -1.66 32.96 -29.91
N ASP B 603 -2.59 33.28 -29.00
CA ASP B 603 -3.53 34.39 -29.25
C ASP B 603 -3.89 34.98 -27.89
N LYS B 604 -3.08 35.93 -27.43
CA LYS B 604 -3.26 36.48 -26.09
C LYS B 604 -4.58 37.22 -25.98
N ASP B 605 -4.98 37.94 -27.03
CA ASP B 605 -6.26 38.65 -27.01
C ASP B 605 -7.43 37.69 -26.90
N PHE B 606 -7.29 36.48 -27.43
CA PHE B 606 -8.34 35.49 -27.24
C PHE B 606 -8.44 35.06 -25.78
N LEU B 607 -7.29 34.90 -25.12
CA LEU B 607 -7.30 34.48 -23.72
C LEU B 607 -7.81 35.58 -22.80
N ASP B 608 -7.52 36.84 -23.10
CA ASP B 608 -7.90 37.93 -22.21
C ASP B 608 -9.35 38.38 -22.41
N ASN B 609 -9.95 38.08 -23.55
CA ASN B 609 -11.33 38.51 -23.81
C ASN B 609 -12.30 37.71 -22.97
N GLU B 610 -13.05 38.41 -22.11
CA GLU B 610 -13.98 37.74 -21.21
C GLU B 610 -15.03 36.95 -21.97
N GLU B 611 -15.32 37.35 -23.20
CA GLU B 611 -16.37 36.68 -23.98
C GLU B 611 -16.06 35.21 -24.23
N ASN B 612 -14.78 34.83 -24.21
CA ASN B 612 -14.39 33.45 -24.44
C ASN B 612 -14.24 32.65 -23.15
N GLU B 613 -14.48 33.27 -21.98
CA GLU B 613 -14.35 32.61 -20.69
C GLU B 613 -15.01 31.23 -20.70
N ASP B 614 -16.33 31.20 -20.89
CA ASP B 614 -17.09 29.96 -21.00
C ASP B 614 -16.36 28.93 -21.85
N ILE B 615 -16.01 29.32 -23.09
CA ILE B 615 -15.39 28.39 -24.02
C ILE B 615 -14.16 27.76 -23.38
N LEU B 616 -13.27 28.60 -22.84
CA LEU B 616 -12.05 28.06 -22.24
C LEU B 616 -12.39 27.14 -21.08
N GLU B 617 -13.36 27.54 -20.25
CA GLU B 617 -13.73 26.69 -19.12
C GLU B 617 -14.18 25.32 -19.60
N ASP B 618 -14.83 25.26 -20.77
CA ASP B 618 -15.28 23.96 -21.28
C ASP B 618 -14.10 23.15 -21.77
N ILE B 619 -13.18 23.80 -22.49
CA ILE B 619 -12.04 23.08 -23.05
C ILE B 619 -11.25 22.40 -21.94
N VAL B 620 -10.82 23.19 -20.94
CA VAL B 620 -10.07 22.59 -19.84
C VAL B 620 -10.88 21.47 -19.22
N LEU B 621 -12.20 21.68 -19.06
CA LEU B 621 -13.06 20.65 -18.51
C LEU B 621 -12.87 19.34 -19.27
N THR B 622 -13.00 19.42 -20.59
CA THR B 622 -12.78 18.24 -21.43
C THR B 622 -11.41 17.63 -21.15
N LEU B 623 -10.36 18.46 -21.23
CA LEU B 623 -9.01 17.96 -21.04
C LEU B 623 -8.81 17.42 -19.63
N THR B 624 -9.67 17.81 -18.69
CA THR B 624 -9.61 17.22 -17.36
C THR B 624 -10.50 16.00 -17.25
N LEU B 625 -11.70 16.05 -17.84
CA LEU B 625 -12.67 15.00 -17.59
C LEU B 625 -12.34 13.72 -18.34
N PHE B 626 -11.75 13.83 -19.53
CA PHE B 626 -11.46 12.70 -20.39
C PHE B 626 -9.97 12.55 -20.59
N GLU B 627 -9.54 11.30 -20.79
CA GLU B 627 -8.15 10.97 -21.06
C GLU B 627 -7.96 10.31 -22.42
N ASP B 628 -9.03 9.80 -23.03
CA ASP B 628 -8.96 9.16 -24.35
C ASP B 628 -8.92 10.22 -25.44
N ARG B 629 -7.87 10.19 -26.26
CA ARG B 629 -7.63 11.29 -27.20
C ARG B 629 -8.72 11.36 -28.28
N GLU B 630 -9.37 10.24 -28.60
CA GLU B 630 -10.46 10.27 -29.56
C GLU B 630 -11.69 10.95 -28.99
N MET B 631 -12.01 10.68 -27.72
CA MET B 631 -13.13 11.35 -27.09
C MET B 631 -12.84 12.82 -26.86
N ILE B 632 -11.59 13.14 -26.51
CA ILE B 632 -11.18 14.53 -26.39
C ILE B 632 -11.39 15.26 -27.70
N GLU B 633 -10.98 14.63 -28.80
CA GLU B 633 -11.17 15.22 -30.12
C GLU B 633 -12.64 15.42 -30.43
N GLU B 634 -13.45 14.40 -30.16
CA GLU B 634 -14.89 14.50 -30.43
C GLU B 634 -15.52 15.66 -29.66
N ARG B 635 -15.14 15.82 -28.38
CA ARG B 635 -15.74 16.89 -27.59
C ARG B 635 -15.27 18.25 -28.06
N LEU B 636 -13.97 18.40 -28.35
CA LEU B 636 -13.43 19.68 -28.81
C LEU B 636 -13.84 20.01 -30.23
N LYS B 637 -14.45 19.08 -30.96
CA LYS B 637 -14.86 19.32 -32.34
C LYS B 637 -15.73 20.56 -32.49
N THR B 638 -16.55 20.88 -31.49
CA THR B 638 -17.45 22.03 -31.60
C THR B 638 -16.70 23.35 -31.64
N TYR B 639 -15.42 23.37 -31.28
CA TYR B 639 -14.61 24.57 -31.32
C TYR B 639 -13.59 24.56 -32.45
N ALA B 640 -13.74 23.63 -33.41
CA ALA B 640 -12.74 23.51 -34.47
C ALA B 640 -12.69 24.75 -35.36
N HIS B 641 -13.81 25.47 -35.49
CA HIS B 641 -13.83 26.66 -36.33
C HIS B 641 -13.01 27.80 -35.74
N LEU B 642 -12.66 27.73 -34.44
CA LEU B 642 -11.94 28.82 -33.80
C LEU B 642 -10.43 28.70 -33.94
N PHE B 643 -9.91 27.50 -34.10
CA PHE B 643 -8.47 27.27 -34.09
C PHE B 643 -8.04 26.55 -35.35
N ASP B 644 -6.74 26.63 -35.62
CA ASP B 644 -6.16 25.90 -36.73
C ASP B 644 -6.07 24.42 -36.40
N ASP B 645 -5.97 23.60 -37.45
CA ASP B 645 -5.87 22.16 -37.25
C ASP B 645 -4.61 21.80 -36.47
N LYS B 646 -3.53 22.56 -36.67
CA LYS B 646 -2.32 22.36 -35.89
C LYS B 646 -2.55 22.70 -34.42
N VAL B 647 -3.20 23.83 -34.15
CA VAL B 647 -3.55 24.16 -32.78
C VAL B 647 -4.53 23.15 -32.21
N MET B 648 -5.45 22.64 -33.02
CA MET B 648 -6.37 21.61 -32.52
C MET B 648 -5.62 20.34 -32.15
N LYS B 649 -4.59 20.00 -32.92
CA LYS B 649 -3.79 18.81 -32.60
C LYS B 649 -3.03 19.00 -31.29
N GLN B 650 -2.34 20.15 -31.16
CA GLN B 650 -1.63 20.43 -29.92
C GLN B 650 -2.58 20.50 -28.73
N LEU B 651 -3.80 20.99 -28.95
CA LEU B 651 -4.79 21.08 -27.89
C LEU B 651 -5.25 19.70 -27.44
N LYS B 652 -5.62 18.83 -28.39
CA LYS B 652 -6.05 17.50 -28.02
C LYS B 652 -4.92 16.67 -27.42
N ARG B 653 -3.65 17.06 -27.65
CA ARG B 653 -2.54 16.35 -27.01
C ARG B 653 -2.37 16.73 -25.55
N ARG B 654 -2.83 17.91 -25.13
CA ARG B 654 -2.61 18.40 -23.77
C ARG B 654 -3.72 17.89 -22.85
N ARG B 655 -3.33 17.37 -21.68
CA ARG B 655 -4.29 16.82 -20.74
C ARG B 655 -3.94 17.20 -19.32
N TYR B 656 -4.97 17.33 -18.48
CA TYR B 656 -4.85 17.75 -17.11
C TYR B 656 -5.50 16.74 -16.18
N THR B 657 -5.07 16.77 -14.91
CA THR B 657 -5.60 15.89 -13.88
C THR B 657 -5.90 16.71 -12.62
N GLY B 658 -6.92 16.29 -11.89
CA GLY B 658 -7.16 16.89 -10.60
C GLY B 658 -8.33 17.85 -10.61
N TRP B 659 -8.94 18.01 -9.43
CA TRP B 659 -10.12 18.84 -9.27
C TRP B 659 -9.93 19.78 -8.08
N GLY B 660 -10.56 20.95 -8.17
CA GLY B 660 -10.48 21.92 -7.11
C GLY B 660 -11.35 21.59 -5.93
N ARG B 661 -11.36 22.50 -4.96
CA ARG B 661 -12.20 22.40 -3.77
C ARG B 661 -13.45 23.25 -3.86
N LEU B 662 -13.52 24.20 -4.80
CA LEU B 662 -14.62 25.14 -4.90
C LEU B 662 -15.28 25.07 -6.27
N SER B 663 -16.57 25.37 -6.30
CA SER B 663 -17.35 25.33 -7.52
C SER B 663 -17.32 26.68 -8.21
N ARG B 664 -17.74 26.69 -9.48
CA ARG B 664 -17.76 27.93 -10.23
C ARG B 664 -18.84 28.88 -9.71
N LYS B 665 -19.97 28.33 -9.26
CA LYS B 665 -21.02 29.19 -8.72
C LYS B 665 -20.55 29.92 -7.47
N LEU B 666 -19.69 29.29 -6.68
CA LEU B 666 -19.15 29.97 -5.51
C LEU B 666 -18.14 31.05 -5.89
N ILE B 667 -17.25 30.75 -6.84
CA ILE B 667 -16.16 31.68 -7.15
C ILE B 667 -16.68 32.88 -7.92
N ASN B 668 -17.67 32.67 -8.79
CA ASN B 668 -18.03 33.72 -9.74
C ASN B 668 -19.49 33.59 -10.17
N GLY B 669 -20.34 33.10 -9.28
CA GLY B 669 -21.75 32.93 -9.59
C GLY B 669 -22.65 33.75 -8.69
N ILE B 670 -22.78 33.31 -7.43
CA ILE B 670 -23.59 34.07 -6.49
C ILE B 670 -23.01 35.46 -6.30
N ARG B 671 -23.89 36.44 -6.09
CA ARG B 671 -23.49 37.84 -5.94
C ARG B 671 -24.08 38.41 -4.66
N ASP B 672 -23.31 39.28 -4.01
CA ASP B 672 -23.80 39.99 -2.84
C ASP B 672 -24.96 40.89 -3.24
N LYS B 673 -26.04 40.84 -2.45
CA LYS B 673 -27.29 41.47 -2.85
C LYS B 673 -27.11 42.96 -3.12
N GLN B 674 -26.48 43.68 -2.19
CA GLN B 674 -26.39 45.13 -2.35
C GLN B 674 -25.30 45.53 -3.34
N SER B 675 -24.12 44.91 -3.26
CA SER B 675 -23.03 45.31 -4.14
C SER B 675 -23.14 44.73 -5.53
N GLY B 676 -23.84 43.60 -5.69
CA GLY B 676 -23.96 42.97 -6.98
C GLY B 676 -22.68 42.32 -7.50
N LYS B 677 -21.76 41.97 -6.62
CA LYS B 677 -20.45 41.46 -7.00
C LYS B 677 -20.28 40.01 -6.55
N THR B 678 -19.53 39.24 -7.35
CA THR B 678 -19.22 37.86 -6.99
C THR B 678 -18.02 37.82 -6.04
N ILE B 679 -17.65 36.61 -5.62
CA ILE B 679 -16.49 36.46 -4.75
C ILE B 679 -15.23 36.95 -5.47
N LEU B 680 -15.06 36.52 -6.72
CA LEU B 680 -13.88 36.92 -7.49
C LEU B 680 -13.86 38.42 -7.74
N ASP B 681 -15.03 39.06 -7.81
CA ASP B 681 -15.10 40.51 -7.96
C ASP B 681 -14.53 41.22 -6.73
N PHE B 682 -14.92 40.77 -5.54
CA PHE B 682 -14.34 41.32 -4.32
C PHE B 682 -12.86 41.03 -4.24
N LEU B 683 -12.44 39.85 -4.71
CA LEU B 683 -11.01 39.53 -4.70
C LEU B 683 -10.23 40.49 -5.59
N LYS B 684 -10.77 40.81 -6.76
CA LYS B 684 -10.14 41.79 -7.63
C LYS B 684 -10.15 43.19 -7.04
N SER B 685 -11.22 43.56 -6.32
CA SER B 685 -11.33 44.91 -5.78
C SER B 685 -12.35 44.91 -4.64
N ASP B 686 -11.93 45.42 -3.49
CA ASP B 686 -12.78 45.54 -2.30
C ASP B 686 -12.31 46.76 -1.51
N GLY B 687 -12.42 47.94 -2.13
CA GLY B 687 -12.06 49.20 -1.50
C GLY B 687 -10.67 49.20 -0.89
N PHE B 688 -10.62 49.46 0.43
CA PHE B 688 -9.37 49.39 1.18
C PHE B 688 -9.42 48.34 2.27
N ALA B 689 -10.41 47.45 2.24
CA ALA B 689 -10.49 46.34 3.19
C ALA B 689 -9.75 45.11 2.69
N ASN B 690 -9.82 44.84 1.38
CA ASN B 690 -9.18 43.68 0.75
C ASN B 690 -9.52 42.39 1.49
N ARG B 691 -10.81 42.12 1.55
CA ARG B 691 -11.27 40.89 2.20
C ARG B 691 -11.00 39.69 1.29
N ASN B 692 -10.48 38.61 1.89
CA ASN B 692 -10.23 37.39 1.15
C ASN B 692 -11.42 36.44 1.29
N PHE B 693 -11.22 35.18 0.88
CA PHE B 693 -12.33 34.24 0.75
C PHE B 693 -13.04 34.00 2.09
N MET B 694 -12.28 33.67 3.13
CA MET B 694 -12.89 33.40 4.43
C MET B 694 -13.62 34.62 4.99
N GLN B 695 -12.97 35.79 4.88
CA GLN B 695 -13.59 37.03 5.35
C GLN B 695 -14.87 37.33 4.59
N LEU B 696 -14.87 37.11 3.27
CA LEU B 696 -16.08 37.34 2.49
C LEU B 696 -17.21 36.44 2.94
N ILE B 697 -16.96 35.12 3.00
CA ILE B 697 -18.04 34.19 3.32
C ILE B 697 -18.40 34.17 4.79
N HIS B 698 -17.64 34.86 5.65
CA HIS B 698 -17.98 34.97 7.07
C HIS B 698 -18.39 36.37 7.48
N ASP B 699 -18.59 37.28 6.52
CA ASP B 699 -18.92 38.66 6.83
C ASP B 699 -20.44 38.80 6.95
N ASP B 700 -20.91 39.28 8.11
CA ASP B 700 -22.34 39.43 8.34
C ASP B 700 -22.95 40.59 7.57
N SER B 701 -22.14 41.50 7.02
CA SER B 701 -22.62 42.61 6.21
C SER B 701 -22.72 42.26 4.73
N LEU B 702 -22.60 40.97 4.39
CA LEU B 702 -22.74 40.48 3.03
C LEU B 702 -23.66 39.28 3.03
N THR B 703 -24.25 39.02 1.87
CA THR B 703 -25.20 37.93 1.72
C THR B 703 -24.55 36.60 1.35
N PHE B 704 -23.22 36.55 1.22
CA PHE B 704 -22.55 35.29 0.91
C PHE B 704 -22.79 34.27 2.02
N LYS B 705 -22.55 34.68 3.27
CA LYS B 705 -22.70 33.77 4.41
C LYS B 705 -24.11 33.21 4.48
N GLU B 706 -25.11 34.08 4.33
CA GLU B 706 -26.50 33.64 4.45
C GLU B 706 -26.87 32.67 3.32
N ASP B 707 -26.38 32.92 2.11
CA ASP B 707 -26.69 32.03 0.99
C ASP B 707 -25.97 30.68 1.12
N ILE B 708 -24.78 30.68 1.70
CA ILE B 708 -24.10 29.41 1.99
C ILE B 708 -24.90 28.63 3.02
N GLN B 709 -25.35 29.30 4.08
CA GLN B 709 -26.17 28.63 5.09
C GLN B 709 -27.45 28.07 4.48
N LYS B 710 -28.08 28.83 3.58
CA LYS B 710 -29.34 28.40 2.99
C LYS B 710 -29.12 27.23 2.04
N ALA B 711 -28.01 27.22 1.31
CA ALA B 711 -27.72 26.14 0.38
C ALA B 711 -27.38 24.83 1.07
N GLN B 712 -27.14 24.84 2.37
CA GLN B 712 -26.74 23.63 3.08
C GLN B 712 -27.89 22.64 3.15
N VAL B 713 -27.54 21.34 3.08
CA VAL B 713 -28.44 20.24 3.34
C VAL B 713 -27.67 19.21 4.17
N SER B 714 -28.41 18.26 4.75
CA SER B 714 -27.79 17.22 5.56
C SER B 714 -27.92 15.82 4.98
N GLY B 715 -29.00 15.54 4.24
CA GLY B 715 -29.19 14.20 3.71
C GLY B 715 -29.50 13.19 4.80
N GLN B 716 -29.31 11.91 4.46
CA GLN B 716 -29.57 10.81 5.39
C GLN B 716 -28.35 10.55 6.26
N GLY B 717 -28.58 10.39 7.56
CA GLY B 717 -27.48 10.12 8.48
C GLY B 717 -27.06 8.67 8.42
N ASP B 718 -25.74 8.45 8.52
CA ASP B 718 -25.20 7.12 8.52
C ASP B 718 -25.47 6.43 9.86
N SER B 719 -25.49 5.11 9.82
CA SER B 719 -25.47 4.35 11.06
C SER B 719 -24.08 4.46 11.70
N LEU B 720 -23.94 3.91 12.89
CA LEU B 720 -22.64 3.88 13.54
C LEU B 720 -21.62 3.14 12.68
N HIS B 721 -21.97 1.94 12.21
CA HIS B 721 -21.04 1.16 11.39
C HIS B 721 -20.74 1.87 10.07
N GLU B 722 -21.78 2.38 9.39
CA GLU B 722 -21.55 3.15 8.18
C GLU B 722 -20.65 4.35 8.45
N HIS B 723 -20.89 5.07 9.55
CA HIS B 723 -20.08 6.25 9.84
C HIS B 723 -18.62 5.87 10.07
N ILE B 724 -18.38 4.73 10.74
CA ILE B 724 -17.01 4.30 11.01
C ILE B 724 -16.34 3.83 9.72
N ALA B 725 -17.07 3.10 8.88
CA ALA B 725 -16.50 2.63 7.62
C ALA B 725 -16.07 3.79 6.73
N ASN B 726 -16.79 4.91 6.78
CA ASN B 726 -16.46 6.06 5.93
C ASN B 726 -15.37 6.94 6.51
N LEU B 727 -14.81 6.61 7.68
CA LEU B 727 -13.69 7.38 8.18
C LEU B 727 -12.44 7.12 7.35
N ALA B 728 -11.49 8.03 7.45
CA ALA B 728 -10.19 7.87 6.82
C ALA B 728 -9.25 7.21 7.82
N GLY B 729 -8.97 5.93 7.61
CA GLY B 729 -8.09 5.19 8.49
C GLY B 729 -7.96 3.78 7.99
N SER B 730 -7.10 3.03 8.67
CA SER B 730 -6.91 1.64 8.28
C SER B 730 -8.13 0.81 8.70
N PRO B 731 -8.56 -0.16 7.90
CA PRO B 731 -9.68 -1.01 8.33
C PRO B 731 -9.44 -1.70 9.66
N ALA B 732 -8.18 -1.97 10.02
CA ALA B 732 -7.90 -2.56 11.32
C ALA B 732 -8.26 -1.62 12.45
N ILE B 733 -7.78 -0.38 12.39
CA ILE B 733 -8.09 0.56 13.45
C ILE B 733 -9.58 0.88 13.46
N LYS B 734 -10.23 0.85 12.28
CA LYS B 734 -11.67 1.06 12.26
C LYS B 734 -12.41 -0.06 12.97
N LYS B 735 -11.97 -1.31 12.76
CA LYS B 735 -12.53 -2.43 13.52
C LYS B 735 -12.37 -2.18 15.02
N GLY B 736 -11.18 -1.73 15.43
CA GLY B 736 -10.95 -1.44 16.84
C GLY B 736 -11.88 -0.36 17.38
N ILE B 737 -12.13 0.68 16.58
CA ILE B 737 -13.00 1.76 17.01
C ILE B 737 -14.43 1.26 17.22
N LEU B 738 -14.93 0.46 16.27
CA LEU B 738 -16.27 -0.08 16.43
C LEU B 738 -16.37 -0.94 17.68
N GLN B 739 -15.36 -1.78 17.93
CA GLN B 739 -15.37 -2.58 19.14
C GLN B 739 -15.37 -1.70 20.38
N THR B 740 -14.61 -0.60 20.34
CA THR B 740 -14.55 0.31 21.47
C THR B 740 -15.92 0.90 21.80
N VAL B 741 -16.65 1.32 20.77
CA VAL B 741 -17.98 1.85 21.01
C VAL B 741 -18.89 0.79 21.60
N LYS B 742 -18.81 -0.45 21.10
CA LYS B 742 -19.66 -1.50 21.67
C LYS B 742 -19.30 -1.78 23.12
N VAL B 743 -18.00 -1.72 23.44
CA VAL B 743 -17.55 -1.92 24.82
C VAL B 743 -18.06 -0.81 25.71
N VAL B 744 -18.02 0.43 25.25
CA VAL B 744 -18.51 1.52 26.09
C VAL B 744 -20.00 1.37 26.33
N ASP B 745 -20.75 0.93 25.30
CA ASP B 745 -22.18 0.73 25.49
C ASP B 745 -22.46 -0.31 26.56
N GLU B 746 -21.78 -1.46 26.47
CA GLU B 746 -21.97 -2.49 27.50
C GLU B 746 -21.56 -1.97 28.88
N LEU B 747 -20.44 -1.23 28.96
CA LEU B 747 -19.99 -0.77 30.27
C LEU B 747 -20.99 0.18 30.90
N VAL B 748 -21.64 1.03 30.09
CA VAL B 748 -22.69 1.88 30.63
C VAL B 748 -23.85 1.01 31.12
N LYS B 749 -24.24 0.01 30.33
CA LYS B 749 -25.30 -0.90 30.77
C LYS B 749 -24.94 -1.60 32.09
N VAL B 750 -23.65 -1.81 32.35
CA VAL B 750 -23.26 -2.51 33.58
C VAL B 750 -23.44 -1.62 34.79
N MET B 751 -23.16 -0.33 34.66
CA MET B 751 -23.29 0.63 35.75
C MET B 751 -24.71 1.17 35.90
N GLY B 752 -25.72 0.38 35.53
CA GLY B 752 -27.09 0.83 35.73
C GLY B 752 -27.52 1.99 34.86
N ARG B 753 -27.03 2.04 33.61
CA ARG B 753 -27.35 3.11 32.67
C ARG B 753 -26.92 4.48 33.18
N HIS B 754 -26.00 4.53 34.14
CA HIS B 754 -25.45 5.79 34.62
C HIS B 754 -24.24 6.16 33.76
N LYS B 755 -24.30 7.33 33.15
CA LYS B 755 -23.21 7.75 32.28
C LYS B 755 -21.99 8.16 33.12
N PRO B 756 -20.79 7.80 32.69
CA PRO B 756 -19.59 8.15 33.46
C PRO B 756 -19.32 9.65 33.44
N GLU B 757 -18.41 10.06 34.32
CA GLU B 757 -17.98 11.45 34.36
C GLU B 757 -16.99 11.74 33.23
N ASN B 758 -15.97 10.91 33.09
CA ASN B 758 -14.97 11.06 32.05
C ASN B 758 -14.76 9.75 31.34
N ILE B 759 -14.39 9.86 30.06
CA ILE B 759 -13.88 8.74 29.30
C ILE B 759 -12.53 9.17 28.74
N VAL B 760 -11.49 8.39 29.00
CA VAL B 760 -10.14 8.71 28.59
C VAL B 760 -9.71 7.70 27.54
N ILE B 761 -9.39 8.18 26.34
CA ILE B 761 -9.03 7.32 25.22
C ILE B 761 -7.59 7.56 24.82
N GLU B 762 -6.88 6.48 24.52
CA GLU B 762 -5.53 6.52 23.96
C GLU B 762 -5.47 5.57 22.78
N MET B 763 -4.97 6.06 21.65
CA MET B 763 -4.85 5.27 20.43
C MET B 763 -3.39 4.96 20.15
N ALA B 764 -3.12 3.71 19.75
CA ALA B 764 -1.77 3.25 19.51
C ALA B 764 -1.24 3.76 18.17
N ARG B 765 0.09 3.88 18.08
CA ARG B 765 0.73 4.23 16.82
C ARG B 765 0.54 3.13 15.79
N GLU B 766 0.60 3.51 14.51
CA GLU B 766 0.63 2.53 13.42
C GLU B 766 1.97 2.57 12.69
N LYS B 775 8.02 -7.33 -0.20
CA LYS B 775 6.76 -6.57 -0.20
C LYS B 775 7.01 -5.09 0.08
N ASN B 776 7.39 -4.75 1.32
CA ASN B 776 7.90 -3.41 1.60
C ASN B 776 9.35 -3.27 1.15
N SER B 777 10.12 -4.35 1.24
CA SER B 777 11.46 -4.38 0.69
C SER B 777 11.44 -4.15 -0.83
N ARG B 778 10.35 -4.53 -1.49
CA ARG B 778 10.23 -4.25 -2.92
C ARG B 778 10.09 -2.75 -3.16
N GLU B 779 9.32 -2.05 -2.33
CA GLU B 779 9.25 -0.60 -2.44
C GLU B 779 10.60 0.05 -2.15
N ARG B 780 11.34 -0.50 -1.18
CA ARG B 780 12.67 0.03 -0.89
C ARG B 780 13.61 -0.14 -2.09
N MET B 781 13.63 -1.34 -2.67
CA MET B 781 14.45 -1.58 -3.86
C MET B 781 14.03 -0.67 -5.01
N LYS B 782 12.72 -0.46 -5.17
CA LYS B 782 12.26 0.41 -6.25
C LYS B 782 12.73 1.84 -6.05
N ARG B 783 12.60 2.35 -4.82
CA ARG B 783 13.06 3.70 -4.52
C ARG B 783 14.56 3.83 -4.79
N ILE B 784 15.35 2.84 -4.38
CA ILE B 784 16.80 2.94 -4.56
C ILE B 784 17.17 2.87 -6.04
N GLU B 785 16.55 1.93 -6.78
CA GLU B 785 16.81 1.81 -8.21
C GLU B 785 16.48 3.11 -8.95
N GLU B 786 15.28 3.65 -8.70
CA GLU B 786 14.86 4.87 -9.38
C GLU B 786 15.78 6.04 -9.02
N GLY B 787 16.09 6.20 -7.73
CA GLY B 787 16.94 7.30 -7.32
C GLY B 787 18.35 7.22 -7.85
N ILE B 788 18.90 6.00 -7.96
CA ILE B 788 20.27 5.86 -8.42
C ILE B 788 20.35 6.01 -9.94
N LYS B 789 19.36 5.48 -10.67
CA LYS B 789 19.34 5.65 -12.12
C LYS B 789 19.03 7.10 -12.51
N GLU B 790 18.27 7.81 -11.67
CA GLU B 790 18.09 9.25 -11.84
C GLU B 790 19.33 10.03 -11.45
N LEU B 791 20.10 9.51 -10.48
CA LEU B 791 21.32 10.14 -10.02
C LEU B 791 22.50 9.89 -10.95
N GLY B 792 22.40 8.90 -11.83
CA GLY B 792 23.50 8.55 -12.71
C GLY B 792 24.63 7.80 -12.05
N SER B 793 24.38 7.19 -10.89
CA SER B 793 25.41 6.49 -10.13
C SER B 793 25.49 5.03 -10.54
N GLN B 794 26.68 4.45 -10.35
CA GLN B 794 26.93 3.04 -10.60
C GLN B 794 27.08 2.25 -9.31
N ILE B 795 26.40 2.68 -8.24
CA ILE B 795 26.56 2.03 -6.95
C ILE B 795 25.98 0.61 -6.97
N LEU B 796 24.90 0.40 -7.72
CA LEU B 796 24.35 -0.95 -7.84
C LEU B 796 25.19 -1.82 -8.75
N LYS B 797 26.00 -1.23 -9.62
CA LYS B 797 26.95 -2.00 -10.41
C LYS B 797 28.06 -2.57 -9.52
N GLU B 798 28.64 -1.73 -8.67
CA GLU B 798 29.75 -2.15 -7.82
C GLU B 798 29.29 -2.85 -6.55
N HIS B 799 28.04 -2.67 -6.13
CA HIS B 799 27.54 -3.26 -4.89
C HIS B 799 26.11 -3.76 -5.09
N PRO B 800 25.94 -4.98 -5.61
CA PRO B 800 24.60 -5.52 -5.80
C PRO B 800 23.94 -5.85 -4.46
N VAL B 801 22.62 -5.67 -4.41
CA VAL B 801 21.87 -5.87 -3.19
C VAL B 801 20.51 -6.46 -3.54
N GLU B 802 19.99 -7.29 -2.63
CA GLU B 802 18.64 -7.82 -2.76
C GLU B 802 17.69 -7.08 -1.82
N ASN B 803 16.39 -7.19 -2.14
CA ASN B 803 15.40 -6.41 -1.41
C ASN B 803 15.39 -6.73 0.08
N THR B 804 15.50 -8.01 0.45
CA THR B 804 15.47 -8.39 1.85
C THR B 804 16.58 -7.71 2.64
N GLN B 805 17.77 -7.61 2.03
CA GLN B 805 18.91 -6.96 2.68
C GLN B 805 18.61 -5.52 3.06
N LEU B 806 17.70 -4.87 2.33
CA LEU B 806 17.37 -3.47 2.61
C LEU B 806 16.54 -3.31 3.87
N GLN B 807 16.14 -4.41 4.53
CA GLN B 807 15.50 -4.28 5.83
C GLN B 807 16.49 -3.91 6.93
N ASN B 808 17.79 -3.88 6.63
CA ASN B 808 18.78 -3.31 7.52
C ASN B 808 18.77 -1.79 7.39
N GLU B 809 18.64 -1.11 8.52
CA GLU B 809 18.50 0.35 8.51
C GLU B 809 19.74 1.02 7.93
N LYS B 810 20.93 0.57 8.35
CA LYS B 810 22.16 1.25 7.95
C LYS B 810 22.46 1.04 6.47
N LEU B 811 22.21 -0.15 5.94
CA LEU B 811 22.47 -0.38 4.52
C LEU B 811 21.46 0.35 3.64
N TYR B 812 20.19 0.39 4.08
CA TYR B 812 19.18 1.16 3.38
C TYR B 812 19.57 2.64 3.34
N LEU B 813 20.01 3.19 4.48
CA LEU B 813 20.48 4.57 4.50
C LEU B 813 21.69 4.75 3.59
N TYR B 814 22.63 3.80 3.62
CA TYR B 814 23.82 3.87 2.78
C TYR B 814 23.45 3.99 1.31
N TYR B 815 22.54 3.14 0.85
CA TYR B 815 22.14 3.21 -0.55
C TYR B 815 21.32 4.46 -0.86
N LEU B 816 20.51 4.93 0.10
CA LEU B 816 19.75 6.16 -0.14
C LEU B 816 20.66 7.38 -0.22
N GLN B 817 21.83 7.32 0.42
CA GLN B 817 22.79 8.42 0.41
C GLN B 817 23.88 8.24 -0.63
N ASN B 818 23.66 7.37 -1.61
CA ASN B 818 24.64 7.07 -2.67
C ASN B 818 25.98 6.65 -2.08
N GLY B 819 25.97 5.96 -0.95
CA GLY B 819 27.19 5.48 -0.33
C GLY B 819 28.12 6.57 0.15
N ARG B 820 27.58 7.69 0.61
CA ARG B 820 28.38 8.82 1.06
C ARG B 820 27.94 9.26 2.45
N ASP B 821 28.88 9.83 3.19
CA ASP B 821 28.52 10.51 4.43
C ASP B 821 27.61 11.70 4.11
N MET B 822 26.60 11.90 4.96
CA MET B 822 25.60 12.96 4.76
C MET B 822 26.01 14.28 5.40
N TYR B 823 26.88 14.25 6.41
CA TYR B 823 27.37 15.47 7.04
C TYR B 823 28.77 15.86 6.57
N VAL B 824 29.48 14.93 5.93
CA VAL B 824 30.79 15.20 5.35
C VAL B 824 30.80 14.70 3.91
N ASP B 825 31.53 15.41 3.05
CA ASP B 825 31.57 15.08 1.62
C ASP B 825 32.66 14.03 1.40
N GLN B 826 32.32 12.79 1.75
CA GLN B 826 33.25 11.68 1.65
C GLN B 826 32.47 10.41 1.38
N GLU B 827 33.17 9.39 0.89
CA GLU B 827 32.56 8.10 0.65
C GLU B 827 32.48 7.30 1.95
N LEU B 828 31.48 6.45 2.03
CA LEU B 828 31.33 5.51 3.13
C LEU B 828 31.63 4.11 2.64
N ASP B 829 32.07 3.26 3.56
CA ASP B 829 32.41 1.88 3.28
C ASP B 829 31.28 0.98 3.75
N ILE B 830 30.90 0.02 2.92
CA ILE B 830 29.83 -0.91 3.29
C ILE B 830 30.25 -1.76 4.48
N ASN B 831 31.44 -2.36 4.40
CA ASN B 831 31.88 -3.34 5.39
C ASN B 831 32.18 -2.67 6.73
N ARG B 832 32.01 -1.35 6.78
CA ARG B 832 32.25 -0.55 7.97
C ARG B 832 30.97 0.01 8.56
N LEU B 833 29.80 -0.47 8.10
CA LEU B 833 28.55 0.12 8.56
C LEU B 833 28.38 -0.02 10.08
N SER B 834 28.92 -1.10 10.67
CA SER B 834 28.81 -1.29 12.11
C SER B 834 29.57 -0.22 12.90
N ASP B 835 30.52 0.46 12.28
CA ASP B 835 31.28 1.51 12.95
C ASP B 835 30.68 2.90 12.78
N TYR B 836 29.73 3.07 11.86
CA TYR B 836 29.15 4.38 11.60
C TYR B 836 28.00 4.65 12.56
N ASP B 837 27.39 5.82 12.41
CA ASP B 837 26.31 6.27 13.28
C ASP B 837 25.07 6.58 12.49
N VAL B 838 23.91 6.40 13.13
CA VAL B 838 22.63 6.82 12.60
C VAL B 838 22.13 7.93 13.52
N ASP B 839 22.08 9.16 12.99
CA ASP B 839 21.76 10.34 13.76
C ASP B 839 20.40 10.89 13.37
N ALA B 840 19.67 11.41 14.35
CA ALA B 840 18.40 12.08 14.10
C ALA B 840 18.67 13.52 13.65
N ILE B 841 18.02 13.92 12.55
CA ILE B 841 18.18 15.26 11.99
C ILE B 841 17.79 16.29 13.04
N VAL B 842 16.50 16.33 13.39
CA VAL B 842 16.08 17.04 14.58
C VAL B 842 16.18 16.03 15.72
N PRO B 843 16.83 16.38 16.83
CA PRO B 843 17.11 15.38 17.86
C PRO B 843 15.85 14.78 18.45
N GLN B 844 15.94 13.50 18.83
CA GLN B 844 14.80 12.75 19.33
C GLN B 844 14.34 13.20 20.71
N SER B 845 15.10 14.07 21.37
CA SER B 845 14.65 14.67 22.62
C SER B 845 13.54 15.68 22.38
N PHE B 846 13.39 16.19 21.16
CA PHE B 846 12.31 17.10 20.79
C PHE B 846 11.24 16.41 19.95
N LEU B 847 11.64 15.72 18.89
CA LEU B 847 10.72 15.01 18.00
C LEU B 847 11.03 13.53 18.09
N LYS B 848 10.08 12.74 18.62
CA LYS B 848 10.23 11.29 18.71
C LYS B 848 9.90 10.66 17.35
N ASP B 849 10.76 10.94 16.37
CA ASP B 849 10.63 10.41 15.02
C ASP B 849 11.82 9.49 14.77
N ASP B 850 11.55 8.20 14.62
CA ASP B 850 12.57 7.19 14.39
C ASP B 850 12.54 6.66 12.96
N SER B 851 11.91 7.38 12.04
CA SER B 851 11.77 6.94 10.67
C SER B 851 12.93 7.44 9.81
N ILE B 852 13.12 6.78 8.66
CA ILE B 852 14.13 7.20 7.69
C ILE B 852 13.96 8.68 7.32
N ASP B 853 12.75 9.23 7.47
CA ASP B 853 12.50 10.64 7.18
C ASP B 853 13.21 11.57 8.15
N ASN B 854 13.60 11.10 9.33
CA ASN B 854 14.29 11.93 10.33
C ASN B 854 15.63 11.33 10.75
N LYS B 855 16.14 10.37 9.98
CA LYS B 855 17.38 9.71 10.31
C LYS B 855 18.37 9.83 9.16
N VAL B 856 19.66 9.75 9.51
CA VAL B 856 20.75 10.05 8.58
C VAL B 856 21.94 9.17 8.94
N LEU B 857 22.54 8.52 7.95
CA LEU B 857 23.74 7.73 8.16
C LEU B 857 24.98 8.59 7.99
N THR B 858 25.85 8.62 9.00
CA THR B 858 27.05 9.44 8.96
C THR B 858 28.21 8.66 9.57
N ARG B 859 29.43 9.15 9.32
CA ARG B 859 30.63 8.51 9.88
C ARG B 859 30.66 8.65 11.39
N SER B 860 30.31 9.82 11.91
CA SER B 860 30.26 10.06 13.35
C SER B 860 29.28 11.18 13.62
N ASP B 861 28.39 10.98 14.60
CA ASP B 861 27.39 11.99 14.92
C ASP B 861 28.01 13.28 15.42
N LYS B 862 29.23 13.22 15.96
CA LYS B 862 29.93 14.43 16.39
C LYS B 862 30.00 15.45 15.26
N ASN B 863 30.16 14.99 14.02
CA ASN B 863 30.29 15.89 12.89
C ASN B 863 29.00 16.65 12.57
N ARG B 864 27.88 16.34 13.24
CA ARG B 864 26.66 17.10 13.01
C ARG B 864 26.79 18.53 13.52
N GLY B 865 27.66 18.75 14.51
CA GLY B 865 27.77 20.03 15.17
C GLY B 865 27.42 19.91 16.64
N LYS B 866 26.46 20.72 17.09
CA LYS B 866 25.94 20.63 18.45
C LYS B 866 24.70 19.73 18.47
N SER B 867 24.61 18.88 19.49
CA SER B 867 23.59 17.84 19.56
C SER B 867 22.26 18.33 20.11
N ASP B 868 22.14 19.61 20.46
CA ASP B 868 20.94 20.16 21.07
C ASP B 868 20.02 20.85 20.05
N ASN B 869 20.29 20.70 18.76
CA ASN B 869 19.56 21.46 17.74
C ASN B 869 19.69 20.76 16.39
N VAL B 870 19.24 21.44 15.34
CA VAL B 870 19.33 20.99 13.96
C VAL B 870 20.79 21.06 13.55
N PRO B 871 21.26 20.24 12.56
CA PRO B 871 22.65 20.38 12.07
C PRO B 871 23.09 21.82 11.88
N SER B 872 24.35 22.09 12.22
CA SER B 872 24.85 23.46 12.25
C SER B 872 24.91 24.06 10.85
N GLU B 873 25.15 25.37 10.80
CA GLU B 873 25.15 26.08 9.52
C GLU B 873 26.31 25.65 8.63
N GLU B 874 27.45 25.30 9.22
CA GLU B 874 28.61 24.88 8.44
C GLU B 874 28.30 23.62 7.65
N VAL B 875 27.66 22.64 8.28
CA VAL B 875 27.29 21.41 7.59
C VAL B 875 26.33 21.71 6.44
N VAL B 876 25.42 22.67 6.66
CA VAL B 876 24.45 23.03 5.62
C VAL B 876 25.16 23.64 4.41
N LYS B 877 26.06 24.61 4.67
CA LYS B 877 26.84 25.20 3.59
C LYS B 877 27.63 24.14 2.84
N LYS B 878 28.17 23.15 3.56
CA LYS B 878 28.94 22.10 2.93
C LYS B 878 28.07 21.22 2.02
N MET B 879 26.90 20.81 2.51
CA MET B 879 26.20 19.68 1.93
C MET B 879 24.86 20.03 1.26
N LYS B 880 24.52 21.31 1.09
CA LYS B 880 23.21 21.65 0.55
C LYS B 880 23.03 21.18 -0.88
N ASN B 881 24.07 21.30 -1.71
CA ASN B 881 23.98 20.90 -3.11
C ASN B 881 23.83 19.39 -3.25
N TYR B 882 24.63 18.64 -2.49
CA TYR B 882 24.51 17.18 -2.48
C TYR B 882 23.13 16.75 -1.97
N TRP B 883 22.60 17.46 -0.97
CA TRP B 883 21.27 17.17 -0.46
C TRP B 883 20.20 17.44 -1.51
N ARG B 884 20.35 18.53 -2.27
CA ARG B 884 19.39 18.84 -3.33
C ARG B 884 19.41 17.76 -4.41
N GLN B 885 20.61 17.25 -4.72
CA GLN B 885 20.70 16.12 -5.65
C GLN B 885 19.96 14.89 -5.11
N LEU B 886 20.15 14.59 -3.83
CA LEU B 886 19.41 13.48 -3.23
C LEU B 886 17.91 13.73 -3.25
N LEU B 887 17.49 14.99 -3.11
CA LEU B 887 16.06 15.30 -3.10
C LEU B 887 15.46 15.14 -4.49
N ASN B 888 16.16 15.57 -5.54
CA ASN B 888 15.63 15.45 -6.89
C ASN B 888 15.54 13.99 -7.33
N ALA B 889 16.42 13.13 -6.81
CA ALA B 889 16.34 11.70 -7.08
C ALA B 889 15.33 11.00 -6.20
N LYS B 890 14.58 11.74 -5.37
CA LYS B 890 13.61 11.18 -4.43
C LYS B 890 14.25 10.15 -3.49
N LEU B 891 15.53 10.35 -3.19
CA LEU B 891 16.22 9.53 -2.20
C LEU B 891 16.08 10.10 -0.79
N ILE B 892 15.82 11.40 -0.66
CA ILE B 892 15.34 12.01 0.57
C ILE B 892 14.12 12.85 0.22
N THR B 893 13.27 13.07 1.22
CA THR B 893 12.02 13.76 1.00
C THR B 893 12.19 15.26 1.16
N GLN B 894 11.13 16.00 0.81
CA GLN B 894 11.15 17.45 1.02
C GLN B 894 11.25 17.79 2.50
N ARG B 895 10.56 17.02 3.35
CA ARG B 895 10.61 17.28 4.79
C ARG B 895 12.00 16.99 5.36
N LYS B 896 12.60 15.89 4.92
CA LYS B 896 13.97 15.56 5.33
C LYS B 896 14.94 16.65 4.90
N PHE B 897 14.82 17.13 3.66
CA PHE B 897 15.68 18.19 3.17
C PHE B 897 15.48 19.49 3.94
N ASP B 898 14.22 19.83 4.25
CA ASP B 898 13.95 21.08 4.95
C ASP B 898 14.48 21.04 6.38
N ASN B 899 14.28 19.93 7.09
CA ASN B 899 14.83 19.82 8.43
C ASN B 899 16.36 19.77 8.41
N LEU B 900 16.95 19.16 7.38
CA LEU B 900 18.41 19.16 7.25
C LEU B 900 18.96 20.56 7.02
N THR B 901 18.17 21.46 6.42
CA THR B 901 18.65 22.77 6.04
C THR B 901 18.06 23.89 6.91
N LYS B 902 17.47 23.55 8.05
CA LYS B 902 16.76 24.56 8.82
C LYS B 902 17.72 25.55 9.49
N ALA B 903 19.00 25.21 9.63
CA ALA B 903 19.93 26.11 10.32
C ALA B 903 20.12 27.41 9.54
N GLU B 904 20.10 27.36 8.21
CA GLU B 904 20.20 28.58 7.43
C GLU B 904 18.91 29.41 7.50
N ARG B 905 17.84 28.89 8.10
CA ARG B 905 16.62 29.62 8.33
C ARG B 905 16.43 29.98 9.80
N GLY B 906 17.52 30.00 10.57
CA GLY B 906 17.47 30.26 12.00
C GLY B 906 17.58 29.02 12.86
N GLY B 907 17.42 27.83 12.29
CA GLY B 907 17.47 26.62 13.08
C GLY B 907 16.20 26.43 13.89
N LEU B 908 16.33 25.72 15.00
CA LEU B 908 15.21 25.49 15.90
C LEU B 908 15.05 26.68 16.83
N SER B 909 13.92 27.37 16.74
CA SER B 909 13.60 28.43 17.68
C SER B 909 13.00 27.82 18.95
N GLU B 910 12.87 28.66 19.98
CA GLU B 910 12.29 28.19 21.23
C GLU B 910 10.82 27.83 21.06
N LEU B 911 10.12 28.58 20.20
CA LEU B 911 8.73 28.23 19.88
C LEU B 911 8.64 26.83 19.29
N ASP B 912 9.62 26.46 18.44
CA ASP B 912 9.62 25.12 17.86
C ASP B 912 9.80 24.05 18.93
N LYS B 913 10.69 24.28 19.89
CA LYS B 913 10.90 23.31 20.96
C LYS B 913 9.65 23.17 21.83
N ALA B 914 9.03 24.30 22.16
CA ALA B 914 7.77 24.26 22.91
C ALA B 914 6.71 23.48 22.14
N GLY B 915 6.61 23.72 20.83
CA GLY B 915 5.65 22.99 20.03
C GLY B 915 5.92 21.50 20.00
N PHE B 916 7.20 21.12 19.90
CA PHE B 916 7.54 19.69 19.88
C PHE B 916 7.15 19.02 21.19
N ILE B 917 7.48 19.67 22.31
CA ILE B 917 7.13 19.08 23.61
C ILE B 917 5.62 19.02 23.80
N LYS B 918 4.89 20.00 23.26
CA LYS B 918 3.44 19.94 23.35
C LYS B 918 2.87 18.81 22.51
N ARG B 919 3.33 18.69 21.26
CA ARG B 919 2.89 17.59 20.40
C ARG B 919 3.20 16.24 21.02
N GLN B 920 4.24 16.17 21.85
CA GLN B 920 4.51 14.91 22.55
C GLN B 920 3.42 14.54 23.55
N LEU B 921 2.53 15.46 23.91
CA LEU B 921 1.53 15.20 24.95
C LEU B 921 0.09 15.40 24.51
N VAL B 922 -0.17 16.28 23.54
CA VAL B 922 -1.52 16.59 23.09
C VAL B 922 -1.77 15.84 21.79
N GLU B 923 -2.78 14.97 21.80
CA GLU B 923 -3.11 14.20 20.60
C GLU B 923 -3.79 15.12 19.57
N THR B 924 -3.28 15.07 18.34
CA THR B 924 -3.82 15.88 17.26
C THR B 924 -4.17 15.08 16.01
N ARG B 925 -4.00 13.75 16.02
CA ARG B 925 -4.41 12.94 14.88
C ARG B 925 -5.91 13.03 14.69
N GLN B 926 -6.34 13.07 13.43
CA GLN B 926 -7.74 13.27 13.11
C GLN B 926 -8.58 12.05 13.48
N ILE B 927 -8.03 10.85 13.35
CA ILE B 927 -8.82 9.65 13.65
C ILE B 927 -9.20 9.62 15.13
N THR B 928 -8.30 10.05 16.01
CA THR B 928 -8.64 10.10 17.43
C THR B 928 -9.70 11.16 17.69
N LYS B 929 -9.64 12.28 16.97
CA LYS B 929 -10.69 13.28 17.08
C LYS B 929 -12.04 12.68 16.67
N HIS B 930 -12.07 11.91 15.58
CA HIS B 930 -13.31 11.29 15.15
C HIS B 930 -13.85 10.32 16.21
N VAL B 931 -12.96 9.53 16.81
CA VAL B 931 -13.40 8.61 17.87
C VAL B 931 -13.98 9.39 19.05
N ALA B 932 -13.28 10.45 19.46
CA ALA B 932 -13.74 11.29 20.55
C ALA B 932 -15.10 11.91 20.23
N GLN B 933 -15.25 12.40 18.99
CA GLN B 933 -16.52 12.97 18.56
C GLN B 933 -17.63 11.93 18.61
N ILE B 934 -17.35 10.70 18.18
CA ILE B 934 -18.38 9.66 18.19
C ILE B 934 -18.84 9.39 19.62
N LEU B 935 -17.89 9.15 20.53
CA LEU B 935 -18.26 8.89 21.92
C LEU B 935 -18.97 10.09 22.54
N ASP B 936 -18.51 11.31 22.23
CA ASP B 936 -19.12 12.50 22.80
C ASP B 936 -20.55 12.66 22.33
N SER B 937 -20.80 12.44 21.04
CA SER B 937 -22.16 12.58 20.53
C SER B 937 -23.06 11.46 21.02
N ARG B 938 -22.48 10.30 21.36
CA ARG B 938 -23.33 9.24 21.90
C ARG B 938 -23.61 9.42 23.39
N MET B 939 -22.76 10.15 24.11
CA MET B 939 -22.98 10.35 25.54
C MET B 939 -23.83 11.60 25.81
N ASN B 940 -23.38 12.76 25.36
CA ASN B 940 -24.04 14.02 25.64
C ASN B 940 -25.07 14.31 24.54
N THR B 941 -26.34 14.39 24.92
CA THR B 941 -27.42 14.55 23.96
C THR B 941 -28.40 15.66 24.31
N LYS B 942 -28.29 16.29 25.47
CA LYS B 942 -29.26 17.30 25.89
C LYS B 942 -28.66 18.69 25.77
N TYR B 943 -29.54 19.68 25.58
CA TYR B 943 -29.14 21.07 25.40
C TYR B 943 -29.68 21.92 26.54
N ASP B 944 -28.97 23.01 26.85
CA ASP B 944 -29.33 23.86 27.97
C ASP B 944 -30.28 24.98 27.50
N GLU B 945 -30.44 26.00 28.34
CA GLU B 945 -31.39 27.08 28.04
C GLU B 945 -30.94 27.92 26.85
N ASN B 946 -29.63 27.98 26.60
CA ASN B 946 -29.10 28.66 25.42
C ASN B 946 -28.98 27.73 24.22
N ASP B 947 -29.58 26.54 24.28
CA ASP B 947 -29.55 25.57 23.19
C ASP B 947 -28.13 25.13 22.86
N LYS B 948 -27.24 25.19 23.85
CA LYS B 948 -25.88 24.69 23.70
C LYS B 948 -25.76 23.34 24.39
N LEU B 949 -24.88 22.49 23.84
CA LEU B 949 -24.77 21.11 24.31
C LEU B 949 -24.39 21.07 25.79
N ILE B 950 -24.99 20.12 26.51
CA ILE B 950 -24.69 19.90 27.91
C ILE B 950 -23.70 18.75 28.00
N ARG B 951 -22.45 19.06 28.35
CA ARG B 951 -21.37 18.06 28.33
C ARG B 951 -21.32 17.41 29.70
N GLU B 952 -22.13 16.36 29.87
CA GLU B 952 -22.10 15.58 31.11
C GLU B 952 -20.85 14.70 31.16
N VAL B 953 -20.47 14.13 30.02
CA VAL B 953 -19.33 13.23 29.91
C VAL B 953 -18.22 13.97 29.19
N LYS B 954 -17.06 14.04 29.82
CA LYS B 954 -15.90 14.67 29.21
C LYS B 954 -15.07 13.60 28.52
N VAL B 955 -14.82 13.77 27.22
CA VAL B 955 -14.02 12.83 26.46
C VAL B 955 -12.62 13.39 26.34
N ILE B 956 -11.67 12.75 27.03
CA ILE B 956 -10.27 13.14 27.05
C ILE B 956 -9.48 12.23 26.13
N THR B 957 -8.52 12.79 25.41
CA THR B 957 -7.60 12.01 24.58
C THR B 957 -6.18 12.22 25.05
N LEU B 958 -5.44 11.13 25.21
CA LEU B 958 -4.04 11.20 25.62
C LEU B 958 -3.16 10.49 24.60
N LYS B 959 -1.88 10.87 24.58
CA LYS B 959 -0.89 10.12 23.84
C LYS B 959 -0.23 9.09 24.74
N SER B 960 0.29 8.02 24.13
CA SER B 960 0.86 6.92 24.90
C SER B 960 2.04 7.36 25.76
N LYS B 961 2.68 8.48 25.42
CA LYS B 961 3.89 8.87 26.14
C LYS B 961 3.60 9.26 27.58
N LEU B 962 2.42 9.80 27.88
CA LEU B 962 2.10 10.21 29.24
C LEU B 962 2.10 9.02 30.18
N VAL B 963 1.32 7.98 29.85
CA VAL B 963 1.27 6.80 30.70
C VAL B 963 2.57 6.01 30.60
N SER B 964 3.25 6.04 29.45
CA SER B 964 4.55 5.39 29.34
C SER B 964 5.54 6.00 30.33
N ASP B 965 5.64 7.33 30.36
CA ASP B 965 6.53 8.00 31.29
C ASP B 965 6.07 7.79 32.74
N PHE B 966 4.76 7.73 32.95
CA PHE B 966 4.23 7.42 34.28
C PHE B 966 4.74 6.05 34.76
N ARG B 967 4.57 5.03 33.93
CA ARG B 967 5.05 3.69 34.28
C ARG B 967 6.54 3.71 34.55
N LYS B 968 7.32 4.35 33.67
CA LYS B 968 8.76 4.32 33.84
C LYS B 968 9.23 5.12 35.06
N ASP B 969 8.48 6.15 35.45
CA ASP B 969 8.86 7.01 36.57
C ASP B 969 8.41 6.48 37.92
N PHE B 970 7.34 5.69 37.98
CA PHE B 970 6.86 5.17 39.25
C PHE B 970 6.94 3.66 39.33
N GLN B 971 7.70 3.04 38.43
CA GLN B 971 7.97 1.60 38.47
C GLN B 971 6.70 0.78 38.38
N PHE B 972 5.85 1.14 37.42
CA PHE B 972 4.72 0.29 37.04
C PHE B 972 4.99 -0.30 35.67
N TYR B 973 6.05 -1.08 35.55
CA TYR B 973 6.57 -1.48 34.25
C TYR B 973 5.65 -2.48 33.55
N LYS B 974 5.70 -2.47 32.22
CA LYS B 974 4.98 -3.46 31.43
C LYS B 974 5.96 -4.38 30.74
N VAL B 975 5.53 -5.64 30.58
CA VAL B 975 6.24 -6.64 29.80
C VAL B 975 5.19 -7.31 28.92
N ARG B 976 5.21 -6.97 27.62
CA ARG B 976 4.15 -7.42 26.70
C ARG B 976 4.10 -8.93 26.57
N GLU B 977 5.25 -9.61 26.68
CA GLU B 977 5.28 -11.03 26.37
C GLU B 977 4.73 -11.90 27.49
N ILE B 978 4.50 -11.35 28.68
CA ILE B 978 4.09 -12.19 29.80
C ILE B 978 2.66 -12.65 29.64
N ASN B 979 1.75 -11.72 29.36
CA ASN B 979 0.35 -12.05 29.14
C ASN B 979 -0.32 -10.88 28.45
N ASN B 980 -1.64 -10.91 28.39
CA ASN B 980 -2.40 -9.88 27.71
C ASN B 980 -2.94 -8.82 28.65
N TYR B 981 -2.56 -8.86 29.93
CA TYR B 981 -3.10 -7.94 30.91
C TYR B 981 -2.62 -6.50 30.67
N HIS B 982 -1.49 -6.32 29.98
CA HIS B 982 -0.95 -4.98 29.85
C HIS B 982 -1.87 -4.04 29.08
N HIS B 983 -2.73 -4.57 28.20
CA HIS B 983 -3.70 -3.71 27.54
C HIS B 983 -4.70 -3.13 28.54
N ALA B 984 -5.23 -4.00 29.40
CA ALA B 984 -6.15 -3.55 30.45
C ALA B 984 -5.47 -2.58 31.39
N HIS B 985 -4.22 -2.87 31.78
CA HIS B 985 -3.51 -1.98 32.68
C HIS B 985 -3.25 -0.63 32.03
N ASP B 986 -2.93 -0.61 30.74
CA ASP B 986 -2.82 0.65 30.03
C ASP B 986 -4.13 1.43 30.13
N ALA B 987 -5.27 0.78 29.91
CA ALA B 987 -6.54 1.51 30.00
C ALA B 987 -6.76 2.07 31.41
N TYR B 988 -6.46 1.28 32.44
CA TYR B 988 -6.64 1.74 33.81
C TYR B 988 -5.78 2.97 34.08
N LEU B 989 -4.49 2.88 33.78
CA LEU B 989 -3.58 4.01 33.96
C LEU B 989 -4.01 5.21 33.13
N ASN B 990 -4.58 4.98 31.95
CA ASN B 990 -5.10 6.09 31.16
C ASN B 990 -6.20 6.81 31.90
N ALA B 991 -7.16 6.06 32.44
CA ALA B 991 -8.26 6.67 33.18
C ALA B 991 -7.72 7.46 34.38
N VAL B 992 -6.82 6.85 35.13
CA VAL B 992 -6.30 7.50 36.34
C VAL B 992 -5.57 8.79 35.98
N VAL B 993 -4.62 8.69 35.04
CA VAL B 993 -3.79 9.85 34.73
C VAL B 993 -4.63 10.95 34.09
N GLY B 994 -5.57 10.59 33.21
CA GLY B 994 -6.38 11.61 32.55
C GLY B 994 -7.29 12.34 33.52
N THR B 995 -8.01 11.59 34.37
CA THR B 995 -8.87 12.27 35.33
C THR B 995 -8.06 13.11 36.31
N ALA B 996 -6.93 12.60 36.80
CA ALA B 996 -6.13 13.40 37.73
C ALA B 996 -5.58 14.64 37.06
N LEU B 997 -5.17 14.53 35.79
CA LEU B 997 -4.58 15.67 35.11
C LEU B 997 -5.61 16.76 34.89
N ILE B 998 -6.82 16.41 34.44
CA ILE B 998 -7.80 17.46 34.25
C ILE B 998 -8.35 17.98 35.58
N LYS B 999 -8.30 17.18 36.65
CA LYS B 999 -8.70 17.71 37.95
C LYS B 999 -7.70 18.73 38.47
N LYS B 1000 -6.40 18.44 38.30
CA LYS B 1000 -5.40 19.36 38.84
C LYS B 1000 -5.37 20.67 38.08
N TYR B 1001 -5.40 20.61 36.75
CA TYR B 1001 -5.33 21.80 35.89
C TYR B 1001 -6.58 21.87 35.02
N PRO B 1002 -7.67 22.46 35.52
CA PRO B 1002 -8.91 22.49 34.73
C PRO B 1002 -8.79 23.26 33.43
N LYS B 1003 -7.94 24.29 33.39
CA LYS B 1003 -7.78 25.08 32.19
C LYS B 1003 -7.27 24.25 31.00
N LEU B 1004 -6.70 23.08 31.26
CA LEU B 1004 -6.24 22.21 30.18
C LEU B 1004 -7.38 21.52 29.45
N GLU B 1005 -8.64 21.72 29.86
CA GLU B 1005 -9.74 21.01 29.22
C GLU B 1005 -9.77 21.27 27.72
N SER B 1006 -9.61 22.52 27.32
CA SER B 1006 -9.60 22.86 25.89
C SER B 1006 -8.57 22.03 25.14
N GLU B 1007 -7.43 21.74 25.77
CA GLU B 1007 -6.40 20.96 25.11
C GLU B 1007 -6.72 19.47 25.11
N PHE B 1008 -7.44 18.96 26.11
CA PHE B 1008 -7.57 17.52 26.26
C PHE B 1008 -9.01 17.01 26.20
N VAL B 1009 -10.01 17.89 26.22
CA VAL B 1009 -11.41 17.48 26.25
C VAL B 1009 -12.07 17.86 24.93
N TYR B 1010 -12.82 16.93 24.35
CA TYR B 1010 -13.50 17.20 23.09
C TYR B 1010 -14.62 18.22 23.30
N GLY B 1011 -14.78 19.11 22.33
CA GLY B 1011 -15.79 20.15 22.40
C GLY B 1011 -15.20 21.54 22.24
N ASP B 1012 -16.02 22.51 21.85
CA ASP B 1012 -15.55 23.88 21.71
C ASP B 1012 -15.97 24.73 22.90
N LYS B 1031 7.56 34.05 26.07
CA LYS B 1031 6.38 33.20 26.23
C LYS B 1031 6.65 31.77 25.77
N ALA B 1032 7.52 31.61 24.78
CA ALA B 1032 7.88 30.28 24.30
C ALA B 1032 8.58 29.48 25.39
N THR B 1033 9.50 30.12 26.13
CA THR B 1033 10.15 29.45 27.25
C THR B 1033 9.13 29.08 28.32
N ALA B 1034 8.13 29.94 28.54
CA ALA B 1034 7.11 29.66 29.53
C ALA B 1034 6.34 28.38 29.21
N LYS B 1035 5.86 28.25 27.96
CA LYS B 1035 5.13 27.06 27.59
C LYS B 1035 6.03 25.84 27.49
N TYR B 1036 7.29 26.01 27.08
CA TYR B 1036 8.23 24.90 27.09
C TYR B 1036 8.40 24.34 28.50
N PHE B 1037 8.75 25.21 29.46
CA PHE B 1037 8.85 24.81 30.86
C PHE B 1037 7.56 24.18 31.35
N PHE B 1038 6.42 24.81 31.03
CA PHE B 1038 5.13 24.37 31.58
C PHE B 1038 4.77 22.96 31.07
N TYR B 1039 4.90 22.72 29.77
CA TYR B 1039 4.56 21.42 29.22
C TYR B 1039 5.63 20.37 29.50
N SER B 1040 6.86 20.79 29.82
CA SER B 1040 7.86 19.82 30.26
C SER B 1040 7.61 19.38 31.70
N ASN B 1041 7.08 20.27 32.54
CA ASN B 1041 6.83 19.97 33.94
C ASN B 1041 5.33 19.88 34.25
N ILE B 1042 4.55 19.43 33.26
CA ILE B 1042 3.10 19.31 33.45
C ILE B 1042 2.77 18.12 34.36
N MET B 1043 3.63 17.10 34.36
CA MET B 1043 3.38 15.87 35.10
C MET B 1043 4.10 15.85 36.44
N ASN B 1044 4.72 16.96 36.85
CA ASN B 1044 5.53 16.97 38.05
C ASN B 1044 4.69 16.89 39.33
N PHE B 1045 3.40 17.21 39.26
CA PHE B 1045 2.59 17.19 40.48
C PHE B 1045 2.42 15.77 41.03
N PHE B 1046 2.67 14.75 40.21
CA PHE B 1046 2.65 13.39 40.73
C PHE B 1046 3.87 13.10 41.60
N LYS B 1047 4.99 13.76 41.33
CA LYS B 1047 6.25 13.46 41.98
C LYS B 1047 6.32 14.11 43.37
N THR B 1048 7.14 13.51 44.22
CA THR B 1048 7.40 14.07 45.55
C THR B 1048 8.58 15.03 45.56
N GLU B 1049 9.67 14.66 44.88
CA GLU B 1049 10.79 15.55 44.63
C GLU B 1049 11.05 15.60 43.13
N ILE B 1050 11.36 16.80 42.63
CA ILE B 1050 11.66 16.99 41.21
C ILE B 1050 13.03 17.63 41.10
N THR B 1051 13.84 17.12 40.18
CA THR B 1051 15.18 17.64 39.90
C THR B 1051 15.15 18.27 38.51
N LEU B 1052 15.24 19.60 38.46
CA LEU B 1052 15.17 20.31 37.19
C LEU B 1052 16.25 21.38 37.06
N GLU B 1056 18.08 23.17 40.47
CA GLU B 1056 18.42 22.13 41.44
C GLU B 1056 17.22 21.23 41.75
N ILE B 1057 17.07 20.90 43.03
CA ILE B 1057 16.04 19.95 43.49
C ILE B 1057 14.94 20.73 44.19
N ARG B 1058 13.70 20.51 43.76
CA ARG B 1058 12.52 21.10 44.38
C ARG B 1058 11.61 20.00 44.90
N LYS B 1059 10.88 20.29 45.98
CA LYS B 1059 10.02 19.32 46.64
C LYS B 1059 8.58 19.84 46.70
N ARG B 1060 7.63 18.90 46.59
CA ARG B 1060 6.21 19.18 46.54
C ARG B 1060 5.48 18.53 47.70
N PRO B 1061 4.28 18.97 48.03
CA PRO B 1061 3.57 18.41 49.19
C PRO B 1061 3.14 16.97 48.97
N LEU B 1062 2.84 16.30 50.08
CA LEU B 1062 2.36 14.92 50.02
C LEU B 1062 0.97 14.84 49.38
N ILE B 1063 0.15 15.87 49.58
CA ILE B 1063 -1.21 15.91 49.05
C ILE B 1063 -1.31 17.03 48.04
N GLU B 1064 -1.65 16.68 46.81
CA GLU B 1064 -1.85 17.63 45.73
C GLU B 1064 -3.35 17.87 45.53
N THR B 1065 -3.73 19.14 45.50
CA THR B 1065 -5.12 19.55 45.40
C THR B 1065 -5.28 20.52 44.23
N ASN B 1066 -6.53 20.85 43.94
CA ASN B 1066 -6.81 21.89 42.96
C ASN B 1066 -6.67 23.26 43.60
N GLY B 1067 -6.06 24.19 42.87
CA GLY B 1067 -5.76 25.50 43.45
C GLY B 1067 -7.00 26.32 43.75
N GLU B 1068 -8.04 26.19 42.94
CA GLU B 1068 -9.25 27.00 43.07
C GLU B 1068 -10.33 26.30 43.88
N THR B 1069 -10.72 25.10 43.46
CA THR B 1069 -11.78 24.36 44.16
C THR B 1069 -11.34 23.86 45.52
N GLY B 1070 -10.04 23.67 45.75
CA GLY B 1070 -9.60 23.05 46.98
C GLY B 1070 -9.83 21.56 47.05
N GLU B 1071 -10.36 20.96 45.99
CA GLU B 1071 -10.57 19.52 45.96
C GLU B 1071 -9.24 18.79 45.81
N ILE B 1072 -9.12 17.67 46.50
CA ILE B 1072 -7.91 16.84 46.44
C ILE B 1072 -7.90 16.08 45.13
N VAL B 1073 -6.77 16.10 44.43
CA VAL B 1073 -6.62 15.34 43.20
C VAL B 1073 -5.67 14.16 43.35
N TRP B 1074 -4.70 14.22 44.26
CA TRP B 1074 -3.77 13.11 44.39
C TRP B 1074 -3.22 13.05 45.81
N ASP B 1075 -3.21 11.87 46.39
CA ASP B 1075 -2.58 11.61 47.68
C ASP B 1075 -1.42 10.64 47.44
N LYS B 1076 -0.20 11.15 47.50
CA LYS B 1076 0.97 10.33 47.20
C LYS B 1076 1.21 9.23 48.22
N GLY B 1077 0.59 9.29 49.39
CA GLY B 1077 0.73 8.24 50.37
C GLY B 1077 -0.27 7.11 50.23
N ARG B 1078 -1.37 7.34 49.52
CA ARG B 1078 -2.42 6.35 49.42
C ARG B 1078 -2.74 5.91 48.00
N ASP B 1079 -2.69 6.82 47.03
CA ASP B 1079 -3.19 6.51 45.70
C ASP B 1079 -2.24 5.62 44.91
N PHE B 1080 -0.92 5.80 45.09
CA PHE B 1080 0.05 4.90 44.45
C PHE B 1080 -0.15 3.46 44.90
N ALA B 1081 -0.45 3.27 46.19
CA ALA B 1081 -0.82 1.94 46.66
C ALA B 1081 -2.05 1.42 45.95
N THR B 1082 -3.05 2.29 45.73
CA THR B 1082 -4.24 1.87 45.01
C THR B 1082 -3.88 1.36 43.62
N VAL B 1083 -3.06 2.12 42.90
CA VAL B 1083 -2.66 1.72 41.57
C VAL B 1083 -1.91 0.39 41.62
N ARG B 1084 -1.04 0.21 42.61
CA ARG B 1084 -0.28 -1.04 42.73
C ARG B 1084 -1.21 -2.23 42.97
N LYS B 1085 -2.21 -2.04 43.82
CA LYS B 1085 -3.17 -3.12 44.06
C LYS B 1085 -3.95 -3.44 42.79
N VAL B 1086 -4.36 -2.41 42.04
CA VAL B 1086 -5.10 -2.65 40.80
C VAL B 1086 -4.25 -3.45 39.82
N LEU B 1087 -2.98 -3.07 39.66
CA LEU B 1087 -2.12 -3.80 38.73
C LEU B 1087 -1.77 -5.20 39.23
N SER B 1088 -1.87 -5.46 40.53
CA SER B 1088 -1.57 -6.78 41.07
C SER B 1088 -2.76 -7.75 41.04
N MET B 1089 -3.95 -7.29 40.68
CA MET B 1089 -5.11 -8.18 40.68
C MET B 1089 -4.94 -9.28 39.63
N PRO B 1090 -5.16 -10.55 39.98
CA PRO B 1090 -4.99 -11.64 39.01
C PRO B 1090 -6.17 -11.78 38.07
N GLN B 1091 -7.37 -11.43 38.56
CA GLN B 1091 -8.59 -11.62 37.77
C GLN B 1091 -8.78 -10.43 36.85
N VAL B 1092 -8.48 -10.62 35.56
CA VAL B 1092 -8.69 -9.59 34.55
C VAL B 1092 -9.40 -10.22 33.36
N ASN B 1093 -10.52 -9.60 32.95
CA ASN B 1093 -11.32 -10.15 31.86
C ASN B 1093 -10.66 -10.00 30.50
N ILE B 1094 -9.92 -11.02 30.07
CA ILE B 1094 -9.39 -11.06 28.72
C ILE B 1094 -10.33 -11.92 27.88
N VAL B 1095 -10.87 -11.34 26.81
CA VAL B 1095 -11.83 -12.01 25.95
C VAL B 1095 -11.33 -11.95 24.52
N LYS B 1096 -11.18 -13.12 23.89
CA LYS B 1096 -10.79 -13.21 22.49
C LYS B 1096 -12.04 -13.31 21.64
N LYS B 1097 -12.24 -12.33 20.75
CA LYS B 1097 -13.46 -12.26 19.97
C LYS B 1097 -13.62 -13.50 19.11
N THR B 1098 -14.73 -14.22 19.30
CA THR B 1098 -15.01 -15.39 18.47
C THR B 1098 -15.52 -14.93 17.11
N GLU B 1099 -14.94 -15.49 16.05
CA GLU B 1099 -15.24 -15.05 14.69
C GLU B 1099 -15.45 -16.26 13.79
N VAL B 1100 -16.52 -16.21 12.99
CA VAL B 1100 -16.66 -17.11 11.86
C VAL B 1100 -15.58 -16.80 10.83
N GLN B 1101 -14.93 -17.85 10.31
CA GLN B 1101 -13.88 -17.67 9.32
C GLN B 1101 -14.48 -17.49 7.93
N THR B 1102 -13.88 -16.58 7.16
CA THR B 1102 -14.32 -16.24 5.82
C THR B 1102 -13.11 -16.18 4.89
N GLY B 1103 -13.39 -15.98 3.60
CA GLY B 1103 -12.34 -15.82 2.61
C GLY B 1103 -12.29 -16.96 1.61
N GLY B 1104 -11.07 -17.35 1.23
CA GLY B 1104 -10.92 -18.42 0.26
C GLY B 1104 -11.35 -19.77 0.80
N PHE B 1105 -11.74 -20.66 -0.11
CA PHE B 1105 -12.23 -21.98 0.29
C PHE B 1105 -11.12 -22.84 0.88
N SER B 1106 -9.92 -22.77 0.30
CA SER B 1106 -8.84 -23.65 0.72
C SER B 1106 -7.55 -23.07 0.18
N LYS B 1107 -6.46 -23.83 0.33
CA LYS B 1107 -5.24 -23.50 -0.39
C LYS B 1107 -5.51 -23.48 -1.89
N GLU B 1108 -4.96 -22.46 -2.56
CA GLU B 1108 -5.16 -22.31 -4.00
C GLU B 1108 -4.40 -23.33 -4.82
N SER B 1109 -3.46 -24.05 -4.21
CA SER B 1109 -2.59 -24.92 -5.02
C SER B 1109 -3.39 -26.05 -5.64
N ILE B 1110 -3.18 -26.25 -6.94
CA ILE B 1110 -3.81 -27.35 -7.67
C ILE B 1110 -2.88 -28.56 -7.56
N LEU B 1111 -3.22 -29.47 -6.65
CA LEU B 1111 -2.36 -30.60 -6.36
C LEU B 1111 -2.57 -31.74 -7.36
N PRO B 1112 -1.56 -32.57 -7.57
CA PRO B 1112 -1.71 -33.70 -8.49
C PRO B 1112 -2.59 -34.79 -7.91
N LYS B 1113 -3.11 -35.62 -8.80
CA LYS B 1113 -4.02 -36.68 -8.40
C LYS B 1113 -3.38 -37.58 -7.36
N ARG B 1114 -4.21 -38.14 -6.49
CA ARG B 1114 -3.78 -38.89 -5.32
C ARG B 1114 -4.99 -39.62 -4.77
N ASN B 1115 -4.77 -40.83 -4.25
CA ASN B 1115 -5.85 -41.58 -3.62
C ASN B 1115 -6.03 -41.06 -2.20
N SER B 1116 -6.87 -40.04 -2.07
CA SER B 1116 -7.12 -39.43 -0.77
C SER B 1116 -8.45 -38.70 -0.82
N ASP B 1117 -9.28 -38.92 0.20
CA ASP B 1117 -10.55 -38.20 0.31
C ASP B 1117 -10.36 -36.76 0.73
N LYS B 1118 -9.14 -36.36 1.11
CA LYS B 1118 -8.88 -34.95 1.38
C LYS B 1118 -8.92 -34.10 0.11
N LEU B 1119 -8.73 -34.69 -1.06
CA LEU B 1119 -8.77 -33.90 -2.29
C LEU B 1119 -10.19 -33.47 -2.62
N ILE B 1120 -10.32 -32.26 -3.16
CA ILE B 1120 -11.60 -31.66 -3.51
C ILE B 1120 -11.61 -31.35 -5.01
N ALA B 1121 -12.75 -31.61 -5.65
CA ALA B 1121 -12.88 -31.48 -7.09
C ALA B 1121 -12.86 -30.01 -7.51
N ARG B 1122 -12.07 -29.70 -8.54
CA ARG B 1122 -12.03 -28.34 -9.07
C ARG B 1122 -13.21 -28.06 -10.00
N LYS B 1123 -13.86 -29.10 -10.50
CA LYS B 1123 -15.12 -28.99 -11.22
C LYS B 1123 -16.00 -30.15 -10.81
N LYS B 1124 -17.31 -29.98 -11.02
CA LYS B 1124 -18.29 -30.92 -10.51
C LYS B 1124 -18.00 -32.36 -10.93
N ASP B 1125 -17.52 -32.56 -12.16
CA ASP B 1125 -17.32 -33.91 -12.67
C ASP B 1125 -15.86 -34.35 -12.71
N TRP B 1126 -14.95 -33.54 -12.16
CA TRP B 1126 -13.52 -33.85 -12.20
C TRP B 1126 -13.16 -34.58 -10.92
N ASP B 1127 -13.36 -35.89 -10.93
CA ASP B 1127 -12.99 -36.75 -9.82
C ASP B 1127 -11.51 -36.54 -9.47
N PRO B 1128 -11.21 -36.07 -8.26
CA PRO B 1128 -9.81 -35.78 -7.91
C PRO B 1128 -8.87 -36.97 -8.05
N LYS B 1129 -9.36 -38.19 -7.89
CA LYS B 1129 -8.49 -39.35 -7.99
C LYS B 1129 -7.94 -39.53 -9.40
N LYS B 1130 -8.59 -38.92 -10.40
CA LYS B 1130 -8.10 -38.91 -11.77
C LYS B 1130 -7.51 -37.58 -12.20
N TYR B 1131 -7.95 -36.44 -11.65
CA TYR B 1131 -7.55 -35.13 -12.13
C TYR B 1131 -6.88 -34.24 -11.10
N GLY B 1132 -6.67 -34.72 -9.88
CA GLY B 1132 -6.16 -33.82 -8.85
C GLY B 1132 -7.20 -32.81 -8.40
N GLY B 1133 -6.73 -31.85 -7.61
CA GLY B 1133 -7.59 -30.81 -7.09
C GLY B 1133 -6.99 -30.19 -5.84
N PHE B 1134 -7.86 -29.63 -5.01
CA PHE B 1134 -7.47 -28.90 -3.82
C PHE B 1134 -7.52 -29.77 -2.58
N ASP B 1135 -6.84 -29.30 -1.53
CA ASP B 1135 -7.03 -29.83 -0.18
C ASP B 1135 -6.90 -28.66 0.79
N SER B 1136 -6.88 -28.97 2.08
CA SER B 1136 -6.71 -27.99 3.14
C SER B 1136 -7.79 -26.90 3.10
N PRO B 1137 -9.07 -27.24 3.25
CA PRO B 1137 -10.09 -26.20 3.32
C PRO B 1137 -10.10 -25.53 4.69
N THR B 1138 -10.69 -24.35 4.72
CA THR B 1138 -10.84 -23.58 5.94
C THR B 1138 -12.24 -23.78 6.51
N VAL B 1139 -12.29 -24.12 7.80
CA VAL B 1139 -13.56 -24.27 8.51
C VAL B 1139 -14.10 -22.88 8.84
N ALA B 1140 -15.31 -22.59 8.36
CA ALA B 1140 -15.96 -21.33 8.73
C ALA B 1140 -16.36 -21.33 10.20
N TYR B 1141 -16.90 -22.44 10.68
CA TYR B 1141 -17.27 -22.66 12.08
C TYR B 1141 -17.64 -24.11 12.27
N SER B 1142 -17.32 -24.65 13.44
CA SER B 1142 -17.67 -26.03 13.73
C SER B 1142 -19.11 -26.10 14.23
N VAL B 1143 -19.62 -27.32 14.30
CA VAL B 1143 -21.00 -27.57 14.71
C VAL B 1143 -21.01 -28.81 15.58
N LEU B 1144 -21.53 -28.68 16.79
CA LEU B 1144 -21.70 -29.83 17.67
C LEU B 1144 -22.92 -30.62 17.21
N VAL B 1145 -22.69 -31.88 16.81
CA VAL B 1145 -23.74 -32.75 16.31
C VAL B 1145 -23.95 -33.88 17.31
N VAL B 1146 -25.20 -34.09 17.70
CA VAL B 1146 -25.59 -35.21 18.56
C VAL B 1146 -26.57 -36.04 17.76
N ALA B 1147 -26.12 -37.17 17.24
CA ALA B 1147 -26.96 -38.01 16.40
C ALA B 1147 -26.39 -39.43 16.45
N LYS B 1148 -26.83 -40.26 15.51
CA LYS B 1148 -26.38 -41.63 15.37
C LYS B 1148 -25.78 -41.83 13.99
N VAL B 1149 -24.76 -42.69 13.92
CA VAL B 1149 -24.08 -42.99 12.67
C VAL B 1149 -24.08 -44.50 12.45
N GLU B 1150 -24.15 -44.91 11.18
CA GLU B 1150 -24.11 -46.32 10.84
C GLU B 1150 -22.72 -46.88 11.07
N LYS B 1151 -22.64 -48.10 11.61
CA LYS B 1151 -21.39 -48.68 12.04
C LYS B 1151 -21.21 -50.06 11.41
N GLY B 1152 -20.09 -50.25 10.73
CA GLY B 1152 -19.76 -51.54 10.15
C GLY B 1152 -20.58 -51.87 8.91
N LYS B 1153 -20.39 -53.12 8.46
CA LYS B 1153 -21.15 -53.64 7.32
C LYS B 1153 -22.63 -53.82 7.65
N SER B 1154 -22.96 -53.97 8.93
CA SER B 1154 -24.36 -54.12 9.34
C SER B 1154 -25.13 -52.80 9.26
N LYS B 1155 -24.43 -51.67 9.30
CA LYS B 1155 -25.05 -50.34 9.36
C LYS B 1155 -25.88 -50.17 10.62
N LYS B 1156 -25.39 -50.70 11.75
CA LYS B 1156 -26.07 -50.55 13.02
C LYS B 1156 -25.90 -49.13 13.55
N LEU B 1157 -27.01 -48.52 13.96
CA LEU B 1157 -26.97 -47.15 14.45
C LEU B 1157 -26.28 -47.08 15.79
N LYS B 1158 -25.36 -46.12 15.93
CA LYS B 1158 -24.56 -45.95 17.14
C LYS B 1158 -24.56 -44.48 17.50
N SER B 1159 -24.96 -44.16 18.72
CA SER B 1159 -25.03 -42.77 19.14
C SER B 1159 -23.62 -42.19 19.26
N VAL B 1160 -23.50 -40.92 18.88
CA VAL B 1160 -22.21 -40.23 18.91
C VAL B 1160 -22.44 -38.79 19.33
N LYS B 1161 -21.32 -38.11 19.58
CA LYS B 1161 -21.30 -36.68 19.84
C LYS B 1161 -19.95 -36.20 19.34
N GLU B 1162 -19.93 -35.38 18.30
CA GLU B 1162 -18.65 -34.97 17.74
C GLU B 1162 -18.77 -33.59 17.12
N LEU B 1163 -17.60 -33.01 16.83
CA LEU B 1163 -17.52 -31.73 16.14
C LEU B 1163 -17.35 -31.98 14.64
N LEU B 1164 -18.20 -31.32 13.86
CA LEU B 1164 -18.10 -31.33 12.41
C LEU B 1164 -17.71 -29.92 11.97
N GLY B 1165 -16.63 -29.82 11.21
CA GLY B 1165 -16.25 -28.55 10.64
C GLY B 1165 -16.99 -28.27 9.36
N ILE B 1166 -17.85 -27.26 9.38
CA ILE B 1166 -18.49 -26.76 8.16
C ILE B 1166 -17.48 -25.87 7.44
N THR B 1167 -17.06 -26.28 6.24
CA THR B 1167 -16.10 -25.46 5.52
C THR B 1167 -16.79 -24.23 4.92
N ILE B 1168 -15.97 -23.22 4.59
CA ILE B 1168 -16.49 -22.02 3.95
C ILE B 1168 -17.30 -22.38 2.70
N MET B 1169 -16.85 -23.39 1.96
CA MET B 1169 -17.58 -23.81 0.77
C MET B 1169 -18.88 -24.52 1.11
N GLU B 1170 -18.92 -25.23 2.24
CA GLU B 1170 -20.12 -25.95 2.63
C GLU B 1170 -21.12 -25.10 3.41
N ARG B 1171 -20.75 -23.88 3.80
CA ARG B 1171 -21.56 -23.13 4.76
C ARG B 1171 -22.94 -22.80 4.23
N SER B 1172 -23.05 -22.35 2.97
CA SER B 1172 -24.36 -21.95 2.46
C SER B 1172 -25.29 -23.15 2.32
N SER B 1173 -24.74 -24.28 1.90
CA SER B 1173 -25.54 -25.48 1.77
C SER B 1173 -26.00 -25.99 3.13
N PHE B 1174 -25.13 -25.90 4.13
CA PHE B 1174 -25.50 -26.32 5.47
C PHE B 1174 -26.56 -25.40 6.07
N GLU B 1175 -26.43 -24.09 5.86
CA GLU B 1175 -27.36 -23.16 6.49
C GLU B 1175 -28.71 -23.16 5.80
N LYS B 1176 -28.75 -23.44 4.49
CA LYS B 1176 -30.04 -23.51 3.80
C LYS B 1176 -30.94 -24.59 4.39
N ASN B 1177 -30.35 -25.72 4.79
CA ASN B 1177 -31.11 -26.80 5.40
C ASN B 1177 -30.18 -27.73 6.19
N PRO B 1178 -30.00 -27.47 7.49
CA PRO B 1178 -28.98 -28.21 8.24
C PRO B 1178 -29.20 -29.72 8.28
N ILE B 1179 -30.45 -30.16 8.49
CA ILE B 1179 -30.72 -31.58 8.67
C ILE B 1179 -30.35 -32.37 7.42
N ASP B 1180 -30.73 -31.86 6.24
CA ASP B 1180 -30.38 -32.56 5.00
C ASP B 1180 -28.88 -32.60 4.80
N PHE B 1181 -28.19 -31.49 5.09
CA PHE B 1181 -26.74 -31.46 4.98
C PHE B 1181 -26.10 -32.52 5.87
N LEU B 1182 -26.54 -32.59 7.13
CA LEU B 1182 -25.94 -33.52 8.07
C LEU B 1182 -26.25 -34.97 7.69
N GLU B 1183 -27.48 -35.25 7.23
CA GLU B 1183 -27.81 -36.60 6.81
C GLU B 1183 -27.04 -37.01 5.57
N ALA B 1184 -26.72 -36.06 4.69
CA ALA B 1184 -25.85 -36.39 3.55
C ALA B 1184 -24.44 -36.72 4.02
N LYS B 1185 -24.03 -36.19 5.17
CA LYS B 1185 -22.71 -36.50 5.71
C LYS B 1185 -22.66 -37.83 6.44
N GLY B 1186 -23.81 -38.50 6.62
CA GLY B 1186 -23.87 -39.79 7.26
C GLY B 1186 -24.57 -39.81 8.62
N TYR B 1187 -24.94 -38.67 9.20
CA TYR B 1187 -25.59 -38.67 10.51
C TYR B 1187 -27.08 -38.96 10.37
N LYS B 1188 -27.64 -39.62 11.38
CA LYS B 1188 -29.05 -39.98 11.42
C LYS B 1188 -29.67 -39.57 12.75
N GLU B 1189 -30.92 -39.11 12.71
CA GLU B 1189 -31.68 -38.70 13.89
C GLU B 1189 -30.94 -37.61 14.66
N VAL B 1190 -30.68 -36.51 13.96
CA VAL B 1190 -29.94 -35.39 14.54
C VAL B 1190 -30.86 -34.64 15.50
N LYS B 1191 -30.43 -34.50 16.75
CA LYS B 1191 -31.14 -33.63 17.68
C LYS B 1191 -31.01 -32.18 17.22
N LYS B 1192 -32.00 -31.69 16.46
CA LYS B 1192 -31.86 -30.38 15.81
C LYS B 1192 -31.65 -29.26 16.82
N ASP B 1193 -32.23 -29.37 18.02
CA ASP B 1193 -32.11 -28.30 19.00
C ASP B 1193 -30.80 -28.36 19.80
N LEU B 1194 -30.01 -29.42 19.64
CA LEU B 1194 -28.71 -29.52 20.28
C LEU B 1194 -27.56 -29.19 19.34
N ILE B 1195 -27.86 -28.60 18.17
CA ILE B 1195 -26.82 -28.19 17.24
C ILE B 1195 -26.26 -26.85 17.73
N ILE B 1196 -25.01 -26.84 18.16
CA ILE B 1196 -24.37 -25.65 18.69
C ILE B 1196 -23.35 -25.15 17.67
N LYS B 1197 -23.52 -23.91 17.23
CA LYS B 1197 -22.59 -23.26 16.30
C LYS B 1197 -21.38 -22.75 17.07
N LEU B 1198 -20.20 -23.24 16.72
CA LEU B 1198 -18.96 -22.93 17.45
C LEU B 1198 -17.96 -22.25 16.52
N PRO B 1199 -17.87 -20.92 16.54
CA PRO B 1199 -16.86 -20.24 15.72
C PRO B 1199 -15.47 -20.49 16.26
N LYS B 1200 -14.48 -20.05 15.48
CA LYS B 1200 -13.11 -20.11 15.95
C LYS B 1200 -12.96 -19.28 17.22
N TYR B 1201 -12.11 -19.77 18.13
CA TYR B 1201 -11.82 -19.20 19.45
C TYR B 1201 -12.92 -19.43 20.49
N SER B 1202 -13.87 -20.32 20.22
CA SER B 1202 -14.86 -20.67 21.24
C SER B 1202 -14.19 -21.26 22.47
N LEU B 1203 -14.62 -20.81 23.64
CA LEU B 1203 -13.93 -21.10 24.91
C LEU B 1203 -14.55 -22.29 25.63
N PHE B 1204 -13.71 -23.23 26.04
CA PHE B 1204 -14.11 -24.38 26.84
C PHE B 1204 -13.29 -24.43 28.12
N GLU B 1205 -13.95 -24.58 29.26
CA GLU B 1205 -13.29 -24.80 30.53
C GLU B 1205 -13.36 -26.28 30.88
N LEU B 1206 -12.22 -26.84 31.26
CA LEU B 1206 -12.13 -28.22 31.69
C LEU B 1206 -11.86 -28.29 33.20
N GLU B 1207 -10.93 -29.14 33.59
CA GLU B 1207 -10.66 -29.35 35.01
C GLU B 1207 -9.54 -28.44 35.48
N ASN B 1208 -9.57 -28.12 36.77
CA ASN B 1208 -8.54 -27.32 37.44
C ASN B 1208 -8.36 -25.95 36.78
N GLY B 1209 -9.45 -25.36 36.28
CA GLY B 1209 -9.35 -24.08 35.60
C GLY B 1209 -8.69 -24.12 34.23
N ARG B 1210 -8.40 -25.31 33.72
CA ARG B 1210 -7.78 -25.44 32.41
C ARG B 1210 -8.75 -25.02 31.32
N LYS B 1211 -8.31 -24.14 30.43
CA LYS B 1211 -9.17 -23.65 29.35
C LYS B 1211 -8.53 -23.90 28.00
N ARG B 1212 -9.38 -24.17 27.02
CA ARG B 1212 -8.99 -24.37 25.63
C ARG B 1212 -9.88 -23.51 24.74
N MET B 1213 -9.33 -23.05 23.62
CA MET B 1213 -10.10 -22.35 22.62
C MET B 1213 -10.15 -23.19 21.35
N LEU B 1214 -11.21 -23.04 20.58
CA LEU B 1214 -11.40 -23.83 19.36
C LEU B 1214 -10.57 -23.20 18.24
N ALA B 1215 -9.52 -23.89 17.81
CA ALA B 1215 -8.76 -23.42 16.66
C ALA B 1215 -9.41 -23.85 15.34
N SER B 1216 -10.08 -24.99 15.35
CA SER B 1216 -10.68 -25.62 14.17
C SER B 1216 -11.62 -26.70 14.69
N ALA B 1217 -12.06 -27.58 13.79
CA ALA B 1217 -12.84 -28.73 14.23
C ALA B 1217 -11.96 -29.87 14.77
N GLY B 1218 -10.65 -29.79 14.60
CA GLY B 1218 -9.78 -30.84 15.09
C GLY B 1218 -8.52 -30.37 15.80
N GLU B 1219 -8.46 -29.09 16.17
CA GLU B 1219 -7.31 -28.56 16.89
C GLU B 1219 -7.78 -27.54 17.92
N LEU B 1220 -6.96 -27.35 18.96
CA LEU B 1220 -7.26 -26.44 20.05
C LEU B 1220 -6.09 -25.50 20.31
N GLN B 1221 -6.39 -24.33 20.86
CA GLN B 1221 -5.43 -23.34 21.31
C GLN B 1221 -5.45 -23.23 22.83
N LYS B 1222 -4.34 -22.74 23.38
CA LYS B 1222 -4.27 -22.41 24.81
C LYS B 1222 -5.31 -21.36 25.16
N GLY B 1223 -6.02 -21.57 26.28
CA GLY B 1223 -7.08 -20.67 26.67
C GLY B 1223 -6.95 -20.02 28.05
N ASN B 1224 -5.78 -20.10 28.67
CA ASN B 1224 -5.55 -19.52 29.98
C ASN B 1224 -4.52 -18.41 29.89
N GLU B 1225 -4.63 -17.45 30.82
CA GLU B 1225 -3.61 -16.42 31.01
C GLU B 1225 -2.79 -16.76 32.25
N LEU B 1226 -1.50 -16.43 32.21
CA LEU B 1226 -0.60 -16.62 33.36
C LEU B 1226 -0.48 -15.28 34.08
N ALA B 1227 -1.18 -15.16 35.20
CA ALA B 1227 -1.20 -13.91 35.98
C ALA B 1227 0.03 -13.87 36.88
N LEU B 1228 1.16 -13.50 36.28
CA LEU B 1228 2.40 -13.45 37.04
C LEU B 1228 2.36 -12.28 38.01
N PRO B 1229 2.71 -12.49 39.29
CA PRO B 1229 2.68 -11.38 40.26
C PRO B 1229 3.53 -10.20 39.83
N SER B 1230 3.19 -9.03 40.39
CA SER B 1230 3.78 -7.78 39.93
C SER B 1230 5.26 -7.70 40.26
N LYS B 1231 5.68 -8.23 41.41
CA LYS B 1231 7.10 -8.15 41.77
C LYS B 1231 7.97 -8.85 40.73
N TYR B 1232 7.53 -10.02 40.24
CA TYR B 1232 8.29 -10.72 39.22
C TYR B 1232 8.28 -9.94 37.91
N VAL B 1233 7.17 -9.28 37.58
CA VAL B 1233 7.12 -8.49 36.35
C VAL B 1233 8.12 -7.35 36.41
N ASN B 1234 8.17 -6.62 37.53
CA ASN B 1234 9.10 -5.51 37.64
C ASN B 1234 10.54 -6.01 37.70
N PHE B 1235 10.77 -7.15 38.36
CA PHE B 1235 12.12 -7.73 38.37
C PHE B 1235 12.55 -8.09 36.96
N LEU B 1236 11.67 -8.70 36.17
CA LEU B 1236 12.03 -9.07 34.80
C LEU B 1236 12.28 -7.83 33.95
N TYR B 1237 11.49 -6.78 34.15
CA TYR B 1237 11.71 -5.55 33.41
C TYR B 1237 13.08 -4.96 33.71
N LEU B 1238 13.41 -4.84 34.99
CA LEU B 1238 14.68 -4.19 35.35
C LEU B 1238 15.87 -5.07 34.97
N ALA B 1239 15.77 -6.38 35.21
CA ALA B 1239 16.91 -7.26 35.00
C ALA B 1239 17.20 -7.47 33.52
N SER B 1240 16.16 -7.48 32.68
CA SER B 1240 16.37 -7.65 31.26
C SER B 1240 16.80 -6.37 30.55
N HIS B 1241 16.84 -5.24 31.26
CA HIS B 1241 17.11 -3.94 30.64
C HIS B 1241 16.15 -3.69 29.49
N TYR B 1242 14.86 -3.62 29.83
CA TYR B 1242 13.81 -3.55 28.82
C TYR B 1242 13.88 -2.24 28.04
N GLU B 1243 14.16 -1.14 28.73
CA GLU B 1243 14.18 0.18 28.07
C GLU B 1243 15.47 0.96 28.40
N LEU B 1245 16.20 4.63 28.38
CA LEU B 1245 16.40 5.82 29.22
C LEU B 1245 16.45 5.43 30.69
N LYS B 1246 17.68 5.14 31.14
CA LYS B 1246 17.88 4.62 32.49
C LYS B 1246 17.55 5.67 33.56
N GLY B 1247 18.03 6.90 33.40
CA GLY B 1247 17.80 7.89 34.44
C GLY B 1247 19.07 8.28 35.18
N SER B 1248 18.93 8.64 36.47
CA SER B 1248 20.09 8.99 37.27
C SER B 1248 21.00 7.77 37.49
N PRO B 1249 22.32 7.95 37.51
CA PRO B 1249 23.20 6.81 37.80
C PRO B 1249 23.01 6.24 39.19
N GLU B 1250 22.62 7.06 40.17
CA GLU B 1250 22.31 6.55 41.50
C GLU B 1250 21.04 5.69 41.47
N ASP B 1251 20.03 6.12 40.71
CA ASP B 1251 18.84 5.29 40.57
C ASP B 1251 19.13 4.03 39.77
N ASN B 1252 20.02 4.12 38.77
CA ASN B 1252 20.46 2.91 38.08
C ASN B 1252 21.17 1.96 39.03
N GLU B 1253 21.99 2.50 39.93
CA GLU B 1253 22.65 1.66 40.92
C GLU B 1253 21.64 1.01 41.85
N GLN B 1254 20.63 1.76 42.28
CA GLN B 1254 19.61 1.18 43.16
C GLN B 1254 18.83 0.08 42.45
N LYS B 1255 18.49 0.29 41.18
CA LYS B 1255 17.79 -0.75 40.43
C LYS B 1255 18.67 -1.98 40.23
N GLN B 1256 19.96 -1.78 39.95
CA GLN B 1256 20.87 -2.92 39.81
C GLN B 1256 21.01 -3.67 41.12
N LEU B 1257 21.07 -2.93 42.24
CA LEU B 1257 21.18 -3.56 43.55
C LEU B 1257 19.92 -4.35 43.89
N PHE B 1258 18.75 -3.82 43.50
CA PHE B 1258 17.52 -4.59 43.69
C PHE B 1258 17.51 -5.85 42.85
N VAL B 1259 18.00 -5.76 41.61
CA VAL B 1259 18.09 -6.95 40.76
C VAL B 1259 18.97 -8.00 41.42
N GLU B 1260 20.14 -7.60 41.91
CA GLU B 1260 21.07 -8.55 42.48
C GLU B 1260 20.65 -9.05 43.87
N GLN B 1261 19.84 -8.28 44.60
CA GLN B 1261 19.35 -8.73 45.89
C GLN B 1261 18.18 -9.69 45.75
N HIS B 1262 17.53 -9.74 44.58
CA HIS B 1262 16.40 -10.63 44.37
C HIS B 1262 16.72 -11.61 43.24
N LYS B 1263 17.90 -12.23 43.29
CA LYS B 1263 18.27 -13.22 42.29
C LYS B 1263 17.36 -14.44 42.37
N HIS B 1264 17.02 -14.86 43.59
CA HIS B 1264 16.16 -16.03 43.79
C HIS B 1264 14.86 -15.92 42.98
N TYR B 1265 14.39 -14.69 42.74
CA TYR B 1265 13.20 -14.47 41.92
C TYR B 1265 13.25 -15.31 40.65
N LEU B 1266 14.40 -15.35 39.98
CA LEU B 1266 14.59 -16.18 38.79
C LEU B 1266 14.01 -17.57 38.99
N ASP B 1267 14.53 -18.32 39.96
CA ASP B 1267 14.00 -19.65 40.23
C ASP B 1267 12.50 -19.60 40.45
N GLU B 1268 12.05 -18.69 41.32
CA GLU B 1268 10.63 -18.57 41.59
C GLU B 1268 9.84 -18.42 40.30
N ILE B 1269 10.32 -17.53 39.41
CA ILE B 1269 9.63 -17.32 38.14
C ILE B 1269 9.46 -18.64 37.41
N ILE B 1270 10.57 -19.40 37.28
CA ILE B 1270 10.50 -20.72 36.65
C ILE B 1270 9.43 -21.56 37.33
N GLU B 1271 9.48 -21.62 38.66
CA GLU B 1271 8.48 -22.37 39.42
C GLU B 1271 7.08 -21.93 39.02
N GLN B 1272 6.84 -20.62 39.02
CA GLN B 1272 5.53 -20.10 38.65
C GLN B 1272 5.13 -20.59 37.26
N ILE B 1273 6.07 -20.59 36.32
CA ILE B 1273 5.80 -21.12 34.99
C ILE B 1273 5.46 -22.60 35.09
N SER B 1274 6.31 -23.36 35.80
CA SER B 1274 6.16 -24.81 35.83
C SER B 1274 4.80 -25.20 36.39
N GLU B 1275 4.44 -24.65 37.56
CA GLU B 1275 3.14 -24.93 38.15
C GLU B 1275 2.01 -24.58 37.20
N PHE B 1276 2.18 -23.51 36.42
CA PHE B 1276 1.16 -23.18 35.43
C PHE B 1276 1.09 -24.26 34.36
N SER B 1277 2.25 -24.63 33.81
CA SER B 1277 2.28 -25.57 32.70
C SER B 1277 1.63 -26.89 33.08
N LYS B 1278 2.14 -27.51 34.14
CA LYS B 1278 1.59 -28.77 34.63
C LYS B 1278 0.10 -28.67 34.92
N ARG B 1279 -0.40 -27.48 35.23
CA ARG B 1279 -1.82 -27.34 35.51
C ARG B 1279 -2.64 -27.12 34.23
N VAL B 1280 -2.06 -26.47 33.22
CA VAL B 1280 -2.87 -25.90 32.15
C VAL B 1280 -2.30 -26.23 30.78
N ILE B 1281 -0.98 -26.16 30.63
CA ILE B 1281 -0.38 -26.31 29.31
C ILE B 1281 -0.31 -27.78 28.91
N LEU B 1282 0.15 -28.65 29.80
CA LEU B 1282 0.21 -30.09 29.57
C LEU B 1282 1.11 -30.44 28.37
N ALA B 1283 2.33 -29.90 28.39
CA ALA B 1283 3.35 -30.22 27.39
C ALA B 1283 4.56 -30.76 28.14
N ASP B 1284 4.53 -32.06 28.44
CA ASP B 1284 5.53 -32.65 29.33
C ASP B 1284 6.92 -32.58 28.70
N ALA B 1285 7.04 -33.00 27.45
CA ALA B 1285 8.34 -32.99 26.78
C ALA B 1285 8.92 -31.58 26.70
N ASN B 1286 8.10 -30.63 26.24
CA ASN B 1286 8.57 -29.26 26.12
C ASN B 1286 8.96 -28.67 27.48
N LEU B 1287 8.13 -28.91 28.51
CA LEU B 1287 8.43 -28.38 29.84
C LEU B 1287 9.72 -28.96 30.40
N ASP B 1288 9.94 -30.26 30.21
CA ASP B 1288 11.18 -30.88 30.67
C ASP B 1288 12.39 -30.32 29.91
N LYS B 1289 12.25 -30.14 28.60
CA LYS B 1289 13.35 -29.54 27.83
C LYS B 1289 13.64 -28.12 28.33
N VAL B 1290 12.59 -27.36 28.66
CA VAL B 1290 12.78 -25.99 29.14
C VAL B 1290 13.46 -25.99 30.50
N LEU B 1291 13.07 -26.90 31.39
CA LEU B 1291 13.71 -26.97 32.70
C LEU B 1291 15.19 -27.33 32.56
N SER B 1292 15.50 -28.28 31.68
CA SER B 1292 16.90 -28.63 31.47
C SER B 1292 17.68 -27.48 30.86
N ALA B 1293 17.06 -26.73 29.93
CA ALA B 1293 17.74 -25.61 29.31
C ALA B 1293 17.98 -24.49 30.32
N TYR B 1294 17.05 -24.28 31.24
CA TYR B 1294 17.27 -23.29 32.30
C TYR B 1294 18.38 -23.74 33.24
N ASN B 1295 18.40 -25.01 33.63
CA ASN B 1295 19.47 -25.50 34.48
C ASN B 1295 20.81 -25.58 33.77
N LYS B 1296 20.81 -25.45 32.43
CA LYS B 1296 22.06 -25.48 31.68
C LYS B 1296 22.78 -24.13 31.69
N HIS B 1297 22.03 -23.03 31.71
CA HIS B 1297 22.59 -21.69 31.59
C HIS B 1297 22.51 -20.92 32.92
N ARG B 1298 22.58 -21.62 34.05
CA ARG B 1298 22.51 -20.95 35.34
C ARG B 1298 23.73 -20.09 35.61
N ASP B 1299 24.83 -20.29 34.89
CA ASP B 1299 26.02 -19.47 35.04
C ASP B 1299 26.05 -18.29 34.08
N LYS B 1300 25.07 -18.16 33.20
CA LYS B 1300 25.00 -17.03 32.31
C LYS B 1300 24.73 -15.75 33.10
N PRO B 1301 25.05 -14.58 32.54
CA PRO B 1301 24.71 -13.33 33.21
C PRO B 1301 23.21 -13.19 33.43
N ILE B 1302 22.85 -12.44 34.48
CA ILE B 1302 21.45 -12.31 34.87
C ILE B 1302 20.63 -11.66 33.75
N ARG B 1303 21.19 -10.65 33.09
CA ARG B 1303 20.48 -9.97 32.01
C ARG B 1303 20.03 -10.95 30.93
N GLU B 1304 20.94 -11.82 30.47
CA GLU B 1304 20.61 -12.73 29.40
C GLU B 1304 19.63 -13.81 29.85
N GLN B 1305 19.78 -14.31 31.08
CA GLN B 1305 18.83 -15.26 31.62
C GLN B 1305 17.43 -14.65 31.68
N ALA B 1306 17.32 -13.38 32.07
CA ALA B 1306 16.02 -12.73 32.10
C ALA B 1306 15.47 -12.51 30.70
N GLU B 1307 16.33 -12.10 29.77
CA GLU B 1307 15.90 -11.91 28.39
C GLU B 1307 15.34 -13.20 27.81
N ASN B 1308 15.92 -14.34 28.18
CA ASN B 1308 15.44 -15.62 27.65
C ASN B 1308 14.25 -16.15 28.44
N ILE B 1309 14.15 -15.84 29.73
CA ILE B 1309 12.92 -16.12 30.47
C ILE B 1309 11.75 -15.41 29.80
N ILE B 1310 11.96 -14.20 29.29
CA ILE B 1310 10.92 -13.52 28.54
C ILE B 1310 10.41 -14.41 27.40
N HIS B 1311 11.35 -15.01 26.65
CA HIS B 1311 10.97 -15.94 25.58
C HIS B 1311 10.23 -17.15 26.14
N LEU B 1312 10.54 -17.57 27.36
CA LEU B 1312 9.88 -18.74 27.94
C LEU B 1312 8.37 -18.60 28.03
N PHE B 1313 7.85 -17.37 28.02
CA PHE B 1313 6.41 -17.23 28.16
C PHE B 1313 5.64 -17.59 26.89
N THR B 1314 6.34 -17.80 25.77
CA THR B 1314 5.66 -18.30 24.59
C THR B 1314 4.99 -19.65 24.87
N LEU B 1315 5.56 -20.43 25.78
CA LEU B 1315 4.96 -21.70 26.15
C LEU B 1315 3.61 -21.51 26.83
N THR B 1316 3.45 -20.45 27.61
CA THR B 1316 2.23 -20.24 28.39
C THR B 1316 1.30 -19.19 27.80
N ASN B 1317 1.71 -18.48 26.75
CA ASN B 1317 0.88 -17.44 26.19
C ASN B 1317 -0.47 -17.99 25.73
N LEU B 1318 -1.50 -17.16 25.84
CA LEU B 1318 -2.81 -17.50 25.33
C LEU B 1318 -2.75 -17.62 23.80
N GLY B 1319 -3.51 -18.56 23.25
CA GLY B 1319 -3.68 -18.67 21.82
C GLY B 1319 -2.95 -19.86 21.21
N ALA B 1320 -2.70 -19.73 19.90
CA ALA B 1320 -2.09 -20.82 19.13
C ALA B 1320 -0.68 -21.11 19.64
N PRO B 1321 -0.32 -22.37 19.83
CA PRO B 1321 1.05 -22.68 20.28
C PRO B 1321 2.07 -22.27 19.23
N ALA B 1322 3.22 -21.79 19.71
CA ALA B 1322 4.28 -21.33 18.82
C ALA B 1322 5.62 -21.84 19.32
N ALA B 1323 6.58 -21.95 18.40
CA ALA B 1323 7.91 -22.33 18.81
C ALA B 1323 8.65 -21.13 19.41
N PHE B 1324 9.65 -21.42 20.24
CA PHE B 1324 10.47 -20.35 20.81
C PHE B 1324 11.89 -20.87 21.03
N LYS B 1325 12.76 -19.99 21.53
CA LYS B 1325 14.15 -20.35 21.77
C LYS B 1325 14.59 -19.86 23.14
N TYR B 1326 15.12 -20.79 23.95
CA TYR B 1326 15.81 -20.44 25.19
C TYR B 1326 17.30 -20.53 24.89
N PHE B 1327 17.94 -19.36 24.79
CA PHE B 1327 19.30 -19.24 24.27
C PHE B 1327 19.39 -19.89 22.90
N ASP B 1328 20.19 -20.95 22.77
CA ASP B 1328 20.35 -21.64 21.50
C ASP B 1328 19.44 -22.86 21.37
N THR B 1329 18.71 -23.21 22.43
CA THR B 1329 17.84 -24.38 22.40
C THR B 1329 16.48 -24.02 21.83
N THR B 1330 16.05 -24.73 20.81
CA THR B 1330 14.78 -24.47 20.15
C THR B 1330 13.70 -25.42 20.68
N ILE B 1331 12.59 -24.85 21.14
CA ILE B 1331 11.45 -25.60 21.62
C ILE B 1331 10.35 -25.48 20.57
N ASP B 1332 10.03 -26.61 19.93
CA ASP B 1332 8.95 -26.64 18.96
C ASP B 1332 7.61 -26.60 19.66
N ARG B 1333 6.61 -26.06 18.96
CA ARG B 1333 5.28 -25.94 19.54
C ARG B 1333 4.70 -27.30 19.84
N LYS B 1334 4.06 -27.42 20.99
CA LYS B 1334 3.23 -28.58 21.31
C LYS B 1334 1.81 -28.28 20.89
N ARG B 1335 1.30 -29.06 19.94
CA ARG B 1335 -0.04 -28.83 19.39
C ARG B 1335 -1.06 -29.72 20.08
N TYR B 1336 -2.32 -29.26 20.06
CA TYR B 1336 -3.44 -29.96 20.64
C TYR B 1336 -4.30 -30.47 19.49
N THR B 1337 -3.94 -31.65 18.99
CA THR B 1337 -4.44 -32.15 17.72
C THR B 1337 -5.75 -32.91 17.86
N SER B 1338 -6.43 -32.80 19.00
CA SER B 1338 -7.71 -33.47 19.18
C SER B 1338 -8.67 -32.55 19.91
N THR B 1339 -9.93 -32.53 19.46
CA THR B 1339 -10.97 -31.74 20.13
C THR B 1339 -11.95 -32.61 20.89
N LYS B 1340 -11.63 -33.89 21.10
CA LYS B 1340 -12.59 -34.80 21.73
C LYS B 1340 -12.93 -34.39 23.15
N GLU B 1341 -12.00 -33.78 23.88
CA GLU B 1341 -12.24 -33.55 25.31
C GLU B 1341 -13.28 -32.45 25.53
N VAL B 1342 -13.24 -31.38 24.74
CA VAL B 1342 -14.17 -30.28 24.93
C VAL B 1342 -15.62 -30.71 24.75
N LEU B 1343 -15.87 -31.89 24.19
CA LEU B 1343 -17.23 -32.40 24.04
C LEU B 1343 -17.87 -32.78 25.36
N ASP B 1344 -17.09 -32.86 26.44
CA ASP B 1344 -17.64 -33.11 27.77
C ASP B 1344 -17.24 -32.02 28.75
N ALA B 1345 -16.70 -30.91 28.27
CA ALA B 1345 -16.25 -29.82 29.12
C ALA B 1345 -17.38 -28.79 29.23
N THR B 1346 -17.07 -27.58 29.67
CA THR B 1346 -18.05 -26.52 29.84
C THR B 1346 -17.80 -25.44 28.79
N LEU B 1347 -18.73 -25.30 27.85
CA LEU B 1347 -18.65 -24.21 26.89
C LEU B 1347 -19.00 -22.90 27.59
N ILE B 1348 -18.29 -21.82 27.25
CA ILE B 1348 -18.50 -20.52 27.86
C ILE B 1348 -18.76 -19.50 26.75
N HIS B 1349 -19.94 -18.89 26.76
CA HIS B 1349 -20.27 -17.78 25.90
C HIS B 1349 -20.08 -16.48 26.67
N GLN B 1350 -19.19 -15.61 26.18
CA GLN B 1350 -18.86 -14.34 26.82
C GLN B 1350 -19.40 -13.17 25.99
N SER B 1351 -19.96 -12.17 26.68
CA SER B 1351 -20.28 -10.90 26.05
C SER B 1351 -18.98 -10.16 25.72
N ILE B 1352 -19.11 -8.98 25.10
CA ILE B 1352 -17.93 -8.28 24.57
C ILE B 1352 -16.95 -7.93 25.68
N THR B 1353 -17.44 -7.70 26.91
CA THR B 1353 -16.54 -7.47 28.03
C THR B 1353 -16.24 -8.75 28.81
N GLY B 1354 -16.96 -9.83 28.54
CA GLY B 1354 -16.79 -11.05 29.31
C GLY B 1354 -17.40 -11.02 30.70
N LEU B 1355 -18.05 -9.93 31.10
CA LEU B 1355 -18.67 -9.92 32.42
C LEU B 1355 -19.93 -10.79 32.43
N TYR B 1356 -20.73 -10.71 31.38
CA TYR B 1356 -21.90 -11.56 31.24
C TYR B 1356 -21.49 -12.87 30.56
N GLU B 1357 -21.73 -13.99 31.24
CA GLU B 1357 -21.35 -15.31 30.76
C GLU B 1357 -22.59 -16.20 30.66
N THR B 1358 -22.52 -17.18 29.75
CA THR B 1358 -23.47 -18.28 29.70
C THR B 1358 -22.66 -19.56 29.61
N ARG B 1359 -22.79 -20.42 30.60
CA ARG B 1359 -21.98 -21.64 30.69
C ARG B 1359 -22.87 -22.84 30.42
N ILE B 1360 -22.42 -23.70 29.50
CA ILE B 1360 -23.16 -24.91 29.12
C ILE B 1360 -22.29 -26.13 29.38
N ASP B 1361 -22.71 -26.98 30.32
CA ASP B 1361 -22.04 -28.25 30.58
C ASP B 1361 -22.39 -29.21 29.45
N LEU B 1362 -21.43 -29.47 28.56
CA LEU B 1362 -21.69 -30.35 27.43
C LEU B 1362 -21.81 -31.81 27.85
N SER B 1363 -21.34 -32.17 29.05
CA SER B 1363 -21.39 -33.57 29.45
C SER B 1363 -22.81 -34.06 29.69
N GLN B 1364 -23.78 -33.15 29.77
CA GLN B 1364 -25.17 -33.50 29.96
C GLN B 1364 -25.91 -33.74 28.65
N LEU B 1365 -25.22 -33.69 27.52
CA LEU B 1365 -25.82 -33.83 26.20
C LEU B 1365 -25.47 -35.21 25.62
N GLY B 1366 -26.50 -36.01 25.36
CA GLY B 1366 -26.34 -37.35 24.82
C GLY B 1366 -27.60 -38.21 24.89
MG MG E . -15.47 -19.90 -14.10
MG MG F . 0.41 -21.89 -19.88
K K G . -3.36 25.37 6.28
K K H . -14.58 -11.69 7.92
K K I . -17.76 -12.98 22.34
K K J . 3.02 -37.43 -23.02
K K K . -2.68 4.17 -4.75
C1 EDO L . -6.89 22.41 9.37
O1 EDO L . -7.58 21.72 8.31
C2 EDO L . -5.67 23.13 8.78
O2 EDO L . -5.27 24.16 9.68
C1 EDO M . -22.31 -15.45 -20.68
O1 EDO M . -23.74 -15.60 -20.63
C2 EDO M . -21.93 -14.00 -20.38
O2 EDO M . -20.52 -13.87 -20.15
K K N . -8.36 -14.83 7.86
K K O . -7.63 13.49 -17.43
K K P . 9.82 -26.40 -14.58
K K Q . -10.27 25.19 -38.31
K K R . 35.28 7.69 -27.45
K K S . -13.29 -42.80 -25.89
K K T . 6.27 31.24 -1.02
C1 EDO U . -9.13 -22.12 -4.13
O1 EDO U . -9.03 -21.26 -2.98
C2 EDO U . -9.70 -23.48 -3.73
O2 EDO U . -11.04 -23.63 -4.20
C1 EDO V . -18.31 -8.55 -1.44
O1 EDO V . -17.23 -7.62 -1.57
C2 EDO V . -19.65 -7.96 -1.89
O2 EDO V . -19.85 -8.05 -3.32
K K W . -3.14 -1.77 -9.51
C1 EDO X . 4.21 -17.97 -8.03
O1 EDO X . 3.21 -18.61 -7.22
C2 EDO X . 4.72 -18.90 -9.13
O2 EDO X . 4.77 -18.24 -10.41
#